data_7E4H
#
_entry.id   7E4H
#
_cell.length_a   1.00
_cell.length_b   1.00
_cell.length_c   1.00
_cell.angle_alpha   90.00
_cell.angle_beta   90.00
_cell.angle_gamma   90.00
#
_symmetry.space_group_name_H-M   'P 1'
#
loop_
_entity.id
_entity.type
_entity.pdbx_description
1 polymer 'Sorting assembly machinery 50 kDa subunit'
2 polymer 'Sorting assembly machinery 35 kDa subunit'
3 polymer 'Sorting assembly machinery 37 kDa subunit'
4 polymer 'Mitochondrial import receptor subunit TOM40'
#
loop_
_entity_poly.entity_id
_entity_poly.type
_entity_poly.pdbx_seq_one_letter_code
_entity_poly.pdbx_strand_id
1 'polypeptide(L)'
;MATSSSGVDNEISLDSPMPIFNESSTLKPIRVAGVVTTGTDHIDPSVLQAYLDDTIMKSITLGQLVKNADVLNKRLCQHH
IALNAKQSFHFQGNTYISDEKETHDVVPLMEVVSQLDILPPKTFTAKTGTNFGNDNDAEAYLQFEKLIDKKYLKLPTRVN
LEILRGTKIHSSFLFNSYSSLSPQSILNLKVFSQFYNWNTNKGLDIGQRGARLSLRYEPLFLHKLLHNPHSNESPTLFHE
WFLETCWRSTKICSQGTSAPYMYSGTMLSQAGDQLRTILGHTFVLDKRDHIMCPTKGSMLKWSNELSPGKHLKTQLELNS
VKSWMNDDFITFSTTIKTGYLKNLSSQQSLPVHICDKFQSGGPSDIRGFQTFGLGPRDLYDAVGGDAFVSYGLSVFSRLP
WKKVEKSNFRLHWFFNGGKLVNHDNTSLGNCIGQLSKEHSTSTGIGLVLRHPMARFELNFTLPITAHENDLIRKGFQFGL
GLAFL
;
A
2 'polypeptide(L)'
;MVSSFSVPMPVKRIFDTFPLQTYAAQTDKDEAVALEIQRRSYTFTERGGGSSELTVEGTYKLGVYNVFLEANTGAALATD
PWCLFVQLALCQKNGLVLPTHSQEQTPSHTCNHEMLVLSRLSNPDEALPILVEGYKKRIIRSTVAISEIMRSRILDDAEQ
LMYYTLLDTVLYDCWITQIIFCASDAQFMELYSCQKLSGSIVTPLDVENSLLQKLSAKSLKISLTKRNKFQFRHREIVKS
MQGVYHNHHNSVNQEQVLNVLFENSKQVLLGLKDMLKSDGQPTYLHLKIASYILCITNVKEPIKLKTFVENECKELVQFA
QDTLKNFVQ
;
B
3 'polypeptide(L)'
;MVKGSVHLWGKDGKASLISVDSIALVWFIKLCTSEEAKSMVAGLQIVFSNNTDLSSDGKLPVLILDNGTKVSGYVNIVQF
LHKNICTSKYEKGTDYEEDLAIVRKKDRLLEYSLLNYVDVEISRLTDYQLFLNTKNYNEYTKKLFSKLLYFPMWYNTPLQ
LRSQARENCEEIIGSLTLEDDEEFVESKAMESASQLAQSKTFKIAHKNKIKGKQELQQVKYNLQFDNRLQSCVSNWLAAR
KKLDDSVILSSDLLFLANLYVQLGLPDGNRIRSKLEQTFGSELLNSMSNKIDDFVHRPSNNLEQRDPQFREQGNVVMSLY
NLACKYILEDYKDHDGDYKDHDIDYKDDDDK
;
C
4 'polypeptide(L)'
;MASWSHPQFEKGGGARGGSGGGSWSHPQFEKGSDYKDDDDKMSAPTPLAEASQIPTIPALSPLTAKQSKGNFFSSNPISS
FVVDTYKQLHSHRQSLELVNPGTVENLNKEVSRDVFLSQYFFTGLRADLNKAFSMNPAFQTSHTFSIGSQALPKYAFSAL
FANDNLFAQGNIDNDLSVSGRLNYGWDKKNISKVNLQISDGQPTMCQLEQDYQASDFSVNVKTLNPSFSEKGEFTGVAVA
SFLQSVTPQLALGLETLYSRTDGSAPGDAGVSYLTRYVSKKQDWIFSGQLQANGALIASLWRKVAQNVEAGIETTLQAGM
VPITDPLMGTPIGIQPTVEGSTTIGAKYEYRQSVYRGTLDSNGKVACFLERKVLPTLSVLFCGEIDHFKNDTKIGCGLQF
ETAGNQELLMLQQGLDADGNPLQALPQL
;
D
#
# COMPACT_ATOMS: atom_id res chain seq x y z
N THR A 26 -29.04 -33.97 -46.71
CA THR A 26 -28.99 -33.69 -48.14
C THR A 26 -27.57 -33.82 -48.69
N LEU A 27 -27.45 -34.30 -49.92
CA LEU A 27 -26.16 -34.49 -50.59
C LEU A 27 -26.29 -33.93 -52.00
N LYS A 28 -26.92 -32.76 -52.12
CA LYS A 28 -27.12 -32.10 -53.39
C LYS A 28 -25.86 -31.34 -53.77
N PRO A 29 -25.27 -31.60 -54.94
CA PRO A 29 -24.07 -30.85 -55.34
C PRO A 29 -24.41 -29.39 -55.60
N ILE A 30 -23.87 -28.51 -54.75
CA ILE A 30 -24.18 -27.09 -54.76
C ILE A 30 -22.89 -26.30 -54.94
N ARG A 31 -22.91 -25.35 -55.87
CA ARG A 31 -21.78 -24.46 -56.08
C ARG A 31 -22.13 -23.04 -55.63
N VAL A 32 -21.14 -22.36 -55.07
CA VAL A 32 -21.29 -21.02 -54.54
C VAL A 32 -20.49 -20.08 -55.43
N ALA A 33 -21.16 -19.05 -55.98
CA ALA A 33 -20.54 -18.09 -56.90
C ALA A 33 -21.00 -16.69 -56.48
N GLY A 34 -20.25 -16.06 -55.59
CA GLY A 34 -20.51 -14.71 -55.17
C GLY A 34 -21.21 -14.65 -53.83
N VAL A 35 -20.79 -13.69 -53.01
CA VAL A 35 -21.38 -13.44 -51.70
C VAL A 35 -21.66 -11.95 -51.58
N VAL A 36 -22.86 -11.61 -51.12
CA VAL A 36 -23.28 -10.22 -50.96
C VAL A 36 -23.30 -9.92 -49.46
N THR A 37 -22.51 -8.93 -49.05
CA THR A 37 -22.37 -8.57 -47.65
C THR A 37 -23.14 -7.29 -47.34
N THR A 38 -23.49 -7.12 -46.07
CA THR A 38 -24.24 -5.96 -45.59
C THR A 38 -23.48 -5.29 -44.47
N GLY A 39 -23.22 -4.00 -44.63
CA GLY A 39 -22.58 -3.21 -43.59
C GLY A 39 -21.09 -3.42 -43.43
N THR A 40 -20.43 -4.04 -44.41
CA THR A 40 -18.99 -4.28 -44.32
C THR A 40 -18.21 -3.12 -44.95
N ASP A 41 -18.51 -1.91 -44.47
CA ASP A 41 -17.80 -0.73 -44.94
C ASP A 41 -16.56 -0.47 -44.10
N HIS A 42 -16.61 -0.78 -42.81
CA HIS A 42 -15.49 -0.49 -41.93
C HIS A 42 -14.34 -1.47 -42.13
N ILE A 43 -14.62 -2.65 -42.69
CA ILE A 43 -13.59 -3.64 -42.98
C ILE A 43 -13.25 -3.60 -44.46
N ASP A 44 -11.99 -3.83 -44.77
CA ASP A 44 -11.53 -3.75 -46.15
C ASP A 44 -12.08 -4.94 -46.94
N PRO A 45 -12.54 -4.71 -48.17
CA PRO A 45 -12.97 -5.85 -49.00
C PRO A 45 -11.85 -6.84 -49.28
N SER A 46 -10.61 -6.37 -49.41
CA SER A 46 -9.50 -7.28 -49.67
C SER A 46 -9.23 -8.21 -48.50
N VAL A 47 -9.67 -7.85 -47.30
CA VAL A 47 -9.50 -8.73 -46.14
C VAL A 47 -10.78 -9.50 -45.81
N LEU A 48 -11.95 -9.02 -46.24
CA LEU A 48 -13.16 -9.83 -46.07
C LEU A 48 -13.22 -10.94 -47.10
N GLN A 49 -12.73 -10.70 -48.32
CA GLN A 49 -12.69 -11.74 -49.32
C GLN A 49 -11.80 -12.90 -48.90
N ALA A 50 -10.78 -12.63 -48.09
CA ALA A 50 -9.95 -13.72 -47.57
C ALA A 50 -10.78 -14.65 -46.68
N TYR A 51 -11.56 -14.10 -45.75
CA TYR A 51 -12.43 -14.92 -44.93
C TYR A 51 -13.42 -15.69 -45.77
N LEU A 52 -14.08 -15.02 -46.73
CA LEU A 52 -15.07 -15.70 -47.54
C LEU A 52 -14.45 -16.83 -48.35
N ASP A 53 -13.29 -16.58 -48.97
CA ASP A 53 -12.63 -17.59 -49.77
C ASP A 53 -12.19 -18.78 -48.93
N ASP A 54 -11.66 -18.51 -47.74
CA ASP A 54 -11.17 -19.60 -46.90
C ASP A 54 -12.31 -20.40 -46.26
N THR A 55 -13.51 -19.81 -46.11
CA THR A 55 -14.53 -20.54 -45.38
C THR A 55 -15.73 -20.93 -46.24
N ILE A 56 -16.40 -19.97 -46.88
CA ILE A 56 -17.77 -20.17 -47.34
C ILE A 56 -17.89 -20.65 -48.78
N MET A 57 -16.93 -20.35 -49.65
CA MET A 57 -17.09 -20.63 -51.08
C MET A 57 -16.41 -21.92 -51.51
N LYS A 58 -15.98 -22.75 -50.57
CA LYS A 58 -15.48 -24.09 -50.89
C LYS A 58 -16.53 -25.17 -50.67
N SER A 59 -17.75 -24.81 -50.28
CA SER A 59 -18.79 -25.80 -50.07
C SER A 59 -19.23 -26.41 -51.39
N ILE A 60 -19.51 -27.71 -51.36
CA ILE A 60 -20.00 -28.44 -52.52
C ILE A 60 -21.35 -29.08 -52.27
N THR A 61 -21.98 -28.80 -51.14
CA THR A 61 -23.30 -29.32 -50.83
C THR A 61 -23.97 -28.37 -49.84
N LEU A 62 -25.12 -28.77 -49.30
CA LEU A 62 -25.88 -27.95 -48.38
C LEU A 62 -25.42 -28.09 -46.93
N GLY A 63 -25.16 -29.31 -46.47
CA GLY A 63 -24.65 -29.50 -45.12
C GLY A 63 -23.30 -28.85 -44.92
N GLN A 64 -22.40 -29.01 -45.90
CA GLN A 64 -21.11 -28.36 -45.82
C GLN A 64 -21.25 -26.84 -45.86
N LEU A 65 -22.21 -26.34 -46.63
CA LEU A 65 -22.46 -24.91 -46.66
C LEU A 65 -22.91 -24.40 -45.30
N VAL A 66 -23.80 -25.14 -44.64
CA VAL A 66 -24.25 -24.75 -43.30
C VAL A 66 -23.09 -24.78 -42.31
N LYS A 67 -22.26 -25.82 -42.38
CA LYS A 67 -21.11 -25.92 -41.49
C LYS A 67 -20.14 -24.77 -41.72
N ASN A 68 -19.89 -24.42 -42.99
CA ASN A 68 -19.00 -23.32 -43.30
C ASN A 68 -19.58 -21.98 -42.85
N ALA A 69 -20.90 -21.81 -42.96
CA ALA A 69 -21.54 -20.60 -42.44
C ALA A 69 -21.35 -20.50 -40.94
N ASP A 70 -21.51 -21.62 -40.22
CA ASP A 70 -21.27 -21.61 -38.78
C ASP A 70 -19.83 -21.27 -38.46
N VAL A 71 -18.88 -21.84 -39.20
CA VAL A 71 -17.46 -21.56 -38.96
C VAL A 71 -17.16 -20.09 -39.21
N LEU A 72 -17.69 -19.54 -40.30
CA LEU A 72 -17.49 -18.13 -40.60
C LEU A 72 -18.08 -17.23 -39.52
N ASN A 73 -19.29 -17.53 -39.05
CA ASN A 73 -19.88 -16.73 -37.99
C ASN A 73 -19.04 -16.79 -36.72
N LYS A 74 -18.57 -17.99 -36.36
CA LYS A 74 -17.73 -18.13 -35.18
C LYS A 74 -16.43 -17.34 -35.32
N ARG A 75 -15.81 -17.42 -36.50
CA ARG A 75 -14.55 -16.70 -36.72
C ARG A 75 -14.76 -15.19 -36.65
N LEU A 76 -15.82 -14.69 -37.28
CA LEU A 76 -16.05 -13.25 -37.25
C LEU A 76 -16.46 -12.73 -35.89
N CYS A 77 -17.10 -13.56 -35.04
CA CYS A 77 -17.34 -13.15 -33.67
C CYS A 77 -16.11 -13.34 -32.77
N GLN A 78 -15.15 -14.17 -33.19
CA GLN A 78 -13.93 -14.35 -32.41
C GLN A 78 -12.87 -13.31 -32.74
N HIS A 79 -12.87 -12.76 -33.96
CA HIS A 79 -11.92 -11.74 -34.36
C HIS A 79 -12.43 -10.33 -34.13
N HIS A 80 -13.55 -10.18 -33.45
CA HIS A 80 -14.13 -8.87 -33.12
C HIS A 80 -14.34 -8.01 -34.36
N ILE A 81 -14.91 -8.62 -35.41
CA ILE A 81 -15.30 -7.89 -36.61
C ILE A 81 -16.79 -7.65 -36.67
N ALA A 82 -17.60 -8.58 -36.15
CA ALA A 82 -19.05 -8.39 -36.11
C ALA A 82 -19.58 -9.05 -34.85
N LEU A 83 -20.59 -8.43 -34.25
CA LEU A 83 -21.19 -8.98 -33.04
C LEU A 83 -21.83 -10.33 -33.31
N ASN A 84 -22.54 -10.46 -34.42
CA ASN A 84 -23.12 -11.73 -34.84
C ASN A 84 -23.38 -11.68 -36.34
N ALA A 85 -23.53 -12.85 -36.94
CA ALA A 85 -23.71 -12.97 -38.37
C ALA A 85 -24.93 -13.81 -38.69
N LYS A 86 -25.72 -13.33 -39.66
CA LYS A 86 -26.87 -14.06 -40.18
C LYS A 86 -26.73 -14.16 -41.69
N GLN A 87 -26.91 -15.38 -42.22
CA GLN A 87 -26.69 -15.64 -43.63
C GLN A 87 -27.92 -16.32 -44.23
N SER A 88 -28.38 -15.79 -45.36
CA SER A 88 -29.46 -16.39 -46.13
C SER A 88 -28.88 -17.09 -47.35
N PHE A 89 -29.36 -18.32 -47.60
CA PHE A 89 -28.78 -19.21 -48.60
C PHE A 89 -29.76 -19.56 -49.71
N HIS A 90 -31.07 -19.43 -49.47
CA HIS A 90 -32.06 -20.03 -50.36
C HIS A 90 -32.04 -19.41 -51.76
N PHE A 91 -31.63 -18.15 -51.87
CA PHE A 91 -31.66 -17.47 -53.17
C PHE A 91 -30.69 -18.15 -54.14
N GLN A 92 -31.26 -18.78 -55.17
CA GLN A 92 -30.46 -19.44 -56.19
C GLN A 92 -29.87 -18.41 -57.16
N LEU A 109 -26.01 -26.68 -58.85
CA LEU A 109 -26.86 -25.51 -58.97
C LEU A 109 -26.05 -24.23 -58.74
N MET A 110 -26.72 -23.08 -58.84
CA MET A 110 -26.04 -21.81 -58.62
C MET A 110 -26.83 -21.02 -57.59
N GLU A 111 -26.13 -20.41 -56.64
CA GLU A 111 -26.80 -19.61 -55.62
C GLU A 111 -25.82 -18.59 -55.05
N VAL A 112 -26.39 -17.55 -54.46
CA VAL A 112 -25.64 -16.48 -53.83
C VAL A 112 -26.08 -16.37 -52.38
N VAL A 113 -25.12 -16.30 -51.46
CA VAL A 113 -25.38 -16.24 -50.03
C VAL A 113 -25.26 -14.79 -49.58
N SER A 114 -26.25 -14.32 -48.83
CA SER A 114 -26.26 -12.98 -48.28
C SER A 114 -25.88 -13.02 -46.81
N GLN A 115 -24.97 -12.14 -46.40
CA GLN A 115 -24.42 -12.17 -45.05
C GLN A 115 -24.58 -10.81 -44.40
N LEU A 116 -24.97 -10.80 -43.12
CA LEU A 116 -25.28 -9.58 -42.40
C LEU A 116 -24.28 -9.39 -41.26
N ASP A 117 -23.77 -8.16 -41.12
CA ASP A 117 -22.83 -7.79 -40.06
C ASP A 117 -23.34 -6.54 -39.36
N ILE A 118 -23.33 -6.58 -38.02
CA ILE A 118 -23.67 -5.41 -37.21
C ILE A 118 -22.38 -4.79 -36.67
N LEU A 119 -22.18 -3.52 -36.96
CA LEU A 119 -20.90 -2.87 -36.67
C LEU A 119 -20.70 -2.74 -35.17
N PRO A 120 -19.57 -3.18 -34.63
CA PRO A 120 -19.26 -2.93 -33.21
C PRO A 120 -18.96 -1.45 -33.00
N PRO A 121 -19.05 -0.96 -31.76
CA PRO A 121 -18.82 0.46 -31.49
C PRO A 121 -17.35 0.83 -31.69
N LYS A 122 -17.07 1.59 -32.75
CA LYS A 122 -15.70 1.94 -33.08
C LYS A 122 -15.12 2.99 -32.14
N THR A 123 -15.96 3.76 -31.45
CA THR A 123 -15.47 4.80 -30.56
C THR A 123 -15.00 4.16 -29.26
N PHE A 124 -14.65 4.99 -28.28
CA PHE A 124 -14.19 4.49 -27.00
C PHE A 124 -15.26 3.62 -26.35
N THR A 125 -14.86 2.44 -25.89
CA THR A 125 -15.77 1.51 -25.23
C THR A 125 -15.25 1.26 -23.83
N ALA A 126 -15.96 1.79 -22.83
CA ALA A 126 -15.59 1.60 -21.45
C ALA A 126 -16.44 0.47 -20.87
N LYS A 127 -15.78 -0.48 -20.20
CA LYS A 127 -16.44 -1.63 -19.63
C LYS A 127 -15.84 -1.92 -18.26
N THR A 128 -16.63 -2.53 -17.40
CA THR A 128 -16.15 -3.01 -16.11
C THR A 128 -16.55 -4.47 -15.99
N GLY A 129 -15.85 -5.20 -15.15
CA GLY A 129 -16.18 -6.60 -14.95
C GLY A 129 -15.33 -7.24 -13.88
N THR A 130 -15.55 -8.54 -13.70
CA THR A 130 -14.83 -9.34 -12.72
C THR A 130 -14.35 -10.62 -13.38
N ASN A 131 -13.34 -11.21 -12.75
CA ASN A 131 -12.74 -12.46 -13.19
C ASN A 131 -12.39 -13.29 -11.96
N PHE A 132 -12.32 -14.60 -12.17
CA PHE A 132 -12.15 -15.54 -11.07
C PHE A 132 -10.78 -16.21 -11.17
N GLY A 133 -9.88 -15.87 -10.26
CA GLY A 133 -8.60 -16.54 -10.21
C GLY A 133 -8.73 -17.91 -9.56
N ASN A 134 -7.77 -18.78 -9.86
CA ASN A 134 -7.85 -20.16 -9.38
C ASN A 134 -7.69 -20.25 -7.86
N ASP A 135 -6.82 -19.45 -7.27
CA ASP A 135 -6.49 -19.55 -5.85
C ASP A 135 -7.39 -18.68 -4.98
N ASN A 136 -8.70 -18.82 -5.17
CA ASN A 136 -9.72 -18.17 -4.34
C ASN A 136 -9.58 -16.65 -4.31
N ASP A 137 -9.14 -16.04 -5.40
CA ASP A 137 -9.05 -14.59 -5.51
C ASP A 137 -9.90 -14.10 -6.67
N ALA A 138 -10.78 -13.14 -6.41
CA ALA A 138 -11.62 -12.56 -7.43
C ALA A 138 -11.11 -11.16 -7.77
N GLU A 139 -10.92 -10.91 -9.05
CA GLU A 139 -10.31 -9.67 -9.51
C GLU A 139 -11.36 -8.81 -10.22
N ALA A 140 -11.22 -7.49 -10.09
CA ALA A 140 -12.13 -6.55 -10.73
C ALA A 140 -11.33 -5.66 -11.66
N TYR A 141 -11.88 -5.42 -12.85
CA TYR A 141 -11.12 -4.75 -13.89
C TYR A 141 -11.99 -3.72 -14.60
N LEU A 142 -11.34 -2.65 -15.02
CA LEU A 142 -11.86 -1.68 -15.97
C LEU A 142 -11.12 -1.83 -17.28
N GLN A 143 -11.81 -1.55 -18.39
CA GLN A 143 -11.26 -1.83 -19.71
C GLN A 143 -11.74 -0.75 -20.68
N PHE A 144 -10.80 -0.05 -21.31
CA PHE A 144 -11.10 0.93 -22.34
C PHE A 144 -10.62 0.37 -23.66
N GLU A 145 -11.55 0.08 -24.56
CA GLU A 145 -11.26 -0.53 -25.85
C GLU A 145 -11.48 0.47 -26.98
N LYS A 146 -10.66 0.37 -28.03
CA LYS A 146 -10.75 1.28 -29.16
C LYS A 146 -10.39 0.51 -30.42
N LEU A 147 -11.29 0.52 -31.40
CA LEU A 147 -10.98 -0.01 -32.72
C LEU A 147 -10.33 1.08 -33.55
N ILE A 148 -9.40 0.68 -34.41
CA ILE A 148 -8.66 1.61 -35.26
C ILE A 148 -9.27 1.58 -36.66
N ASP A 149 -9.50 2.77 -37.22
CA ASP A 149 -10.13 2.86 -38.53
C ASP A 149 -9.25 2.20 -39.59
N LYS A 150 -9.91 1.62 -40.60
CA LYS A 150 -9.18 0.89 -41.64
C LYS A 150 -8.32 1.79 -42.50
N LYS A 151 -8.54 3.10 -42.47
CA LYS A 151 -7.73 3.99 -43.27
C LYS A 151 -6.30 4.12 -42.76
N TYR A 152 -6.05 3.75 -41.51
CA TYR A 152 -4.70 3.72 -40.96
C TYR A 152 -4.04 2.35 -41.14
N LEU A 153 -4.69 1.30 -40.68
CA LEU A 153 -4.21 -0.07 -40.85
C LEU A 153 -5.34 -0.89 -41.48
N LYS A 154 -5.04 -1.57 -42.58
CA LYS A 154 -6.03 -2.39 -43.26
C LYS A 154 -6.28 -3.70 -42.55
N LEU A 155 -5.43 -4.08 -41.61
CA LEU A 155 -5.62 -5.27 -40.80
C LEU A 155 -6.42 -4.91 -39.57
N PRO A 156 -7.50 -5.63 -39.27
CA PRO A 156 -8.32 -5.30 -38.10
C PRO A 156 -7.48 -5.26 -36.83
N THR A 157 -7.33 -4.06 -36.28
CA THR A 157 -6.50 -3.81 -35.11
C THR A 157 -7.34 -3.24 -33.99
N ARG A 158 -7.00 -3.64 -32.76
CA ARG A 158 -7.79 -3.33 -31.59
C ARG A 158 -6.88 -3.02 -30.42
N VAL A 159 -7.04 -1.86 -29.80
CA VAL A 159 -6.16 -1.43 -28.72
C VAL A 159 -7.00 -1.23 -27.47
N ASN A 160 -6.63 -1.91 -26.39
CA ASN A 160 -7.37 -1.71 -25.15
C ASN A 160 -6.40 -1.55 -23.99
N LEU A 161 -6.85 -0.79 -22.99
CA LEU A 161 -6.08 -0.52 -21.78
C LEU A 161 -6.91 -1.01 -20.60
N GLU A 162 -6.31 -1.81 -19.73
CA GLU A 162 -7.04 -2.48 -18.67
C GLU A 162 -6.37 -2.23 -17.32
N ILE A 163 -7.22 -2.05 -16.31
CA ILE A 163 -6.79 -1.79 -14.94
C ILE A 163 -7.39 -2.86 -14.04
N LEU A 164 -6.54 -3.56 -13.29
CA LEU A 164 -6.94 -4.65 -12.42
C LEU A 164 -6.76 -4.26 -10.97
N ARG A 165 -7.58 -4.86 -10.10
CA ARG A 165 -7.39 -4.76 -8.66
C ARG A 165 -8.12 -5.90 -7.96
N GLY A 166 -7.70 -6.17 -6.73
CA GLY A 166 -8.27 -7.29 -6.01
C GLY A 166 -7.58 -7.49 -4.67
N THR A 167 -7.86 -8.65 -4.08
CA THR A 167 -7.34 -8.96 -2.74
C THR A 167 -5.83 -9.05 -2.75
N LYS A 168 -5.27 -9.88 -3.63
CA LYS A 168 -3.82 -10.04 -3.70
C LYS A 168 -3.16 -9.03 -4.63
N ILE A 169 -3.86 -8.58 -5.66
CA ILE A 169 -3.29 -7.64 -6.61
C ILE A 169 -3.18 -6.26 -6.00
N HIS A 170 -1.95 -5.83 -5.70
CA HIS A 170 -1.74 -4.44 -5.31
C HIS A 170 -2.14 -3.50 -6.44
N SER A 171 -1.66 -3.76 -7.65
CA SER A 171 -2.05 -2.95 -8.80
C SER A 171 -1.67 -3.69 -10.07
N SER A 172 -2.33 -3.32 -11.17
CA SER A 172 -2.04 -3.95 -12.45
C SER A 172 -2.53 -3.10 -13.61
N PHE A 173 -1.61 -2.67 -14.48
CA PHE A 173 -1.95 -1.94 -15.69
C PHE A 173 -1.51 -2.78 -16.88
N LEU A 174 -2.41 -3.01 -17.82
CA LEU A 174 -2.10 -3.78 -19.02
C LEU A 174 -2.44 -2.94 -20.24
N PHE A 175 -1.52 -2.89 -21.20
CA PHE A 175 -1.79 -2.33 -22.51
C PHE A 175 -1.73 -3.46 -23.53
N ASN A 176 -2.83 -3.68 -24.24
CA ASN A 176 -2.93 -4.80 -25.16
C ASN A 176 -3.28 -4.29 -26.55
N SER A 177 -2.60 -4.84 -27.55
CA SER A 177 -2.86 -4.53 -28.94
C SER A 177 -2.99 -5.83 -29.72
N TYR A 178 -4.15 -6.03 -30.34
CA TYR A 178 -4.43 -7.23 -31.12
C TYR A 178 -4.51 -6.86 -32.60
N SER A 179 -3.94 -7.71 -33.45
CA SER A 179 -3.98 -7.52 -34.88
C SER A 179 -4.32 -8.83 -35.55
N SER A 180 -5.36 -8.83 -36.37
CA SER A 180 -5.84 -10.04 -37.04
C SER A 180 -5.15 -10.16 -38.39
N LEU A 181 -3.97 -10.77 -38.39
CA LEU A 181 -3.19 -10.88 -39.62
C LEU A 181 -3.90 -11.68 -40.69
N SER A 182 -4.57 -12.76 -40.30
CA SER A 182 -5.18 -13.68 -41.25
C SER A 182 -6.36 -14.35 -40.56
N PRO A 183 -7.26 -14.99 -41.31
CA PRO A 183 -8.43 -15.62 -40.69
C PRO A 183 -8.09 -16.73 -39.71
N GLN A 184 -6.83 -17.13 -39.59
CA GLN A 184 -6.47 -18.23 -38.70
C GLN A 184 -5.19 -17.89 -37.94
N SER A 185 -4.96 -16.61 -37.71
CA SER A 185 -3.74 -16.17 -37.04
C SER A 185 -3.94 -14.78 -36.46
N ILE A 186 -3.49 -14.58 -35.23
CA ILE A 186 -3.61 -13.27 -34.58
C ILE A 186 -2.28 -12.94 -33.89
N LEU A 187 -2.01 -11.65 -33.74
CA LEU A 187 -0.76 -11.16 -33.18
C LEU A 187 -1.07 -10.22 -32.03
N ASN A 188 -0.52 -10.50 -30.86
CA ASN A 188 -0.81 -9.75 -29.65
C ASN A 188 0.47 -9.12 -29.11
N LEU A 189 0.36 -7.87 -28.68
CA LEU A 189 1.44 -7.17 -28.00
C LEU A 189 0.91 -6.73 -26.63
N LYS A 190 1.63 -7.09 -25.57
CA LYS A 190 1.22 -6.83 -24.20
C LYS A 190 2.33 -6.07 -23.49
N VAL A 191 1.96 -4.98 -22.83
CA VAL A 191 2.88 -4.21 -22.01
C VAL A 191 2.27 -4.18 -20.60
N PHE A 192 2.99 -4.71 -19.63
CA PHE A 192 2.40 -4.90 -18.31
C PHE A 192 3.29 -4.36 -17.20
N SER A 193 2.61 -3.90 -16.14
CA SER A 193 3.24 -3.50 -14.89
C SER A 193 2.27 -3.87 -13.78
N GLN A 194 2.69 -4.79 -12.92
CA GLN A 194 1.76 -5.32 -11.93
C GLN A 194 2.49 -5.75 -10.66
N PHE A 195 1.90 -5.39 -9.53
CA PHE A 195 2.42 -5.69 -8.21
C PHE A 195 1.37 -6.47 -7.42
N TYR A 196 1.81 -7.53 -6.74
CA TYR A 196 0.89 -8.38 -6.00
C TYR A 196 1.61 -9.14 -4.90
N ASN A 197 0.84 -9.95 -4.17
CA ASN A 197 1.35 -10.83 -3.13
C ASN A 197 1.27 -12.28 -3.59
N TRP A 198 2.24 -13.09 -3.19
CA TRP A 198 2.33 -14.43 -3.75
C TRP A 198 2.15 -15.56 -2.75
N ASN A 199 2.98 -15.63 -1.72
CA ASN A 199 3.14 -16.87 -0.98
C ASN A 199 2.15 -16.96 0.17
N THR A 200 2.36 -17.92 1.06
CA THR A 200 1.46 -18.13 2.20
C THR A 200 1.48 -16.92 3.12
N ASN A 201 0.31 -16.55 3.62
CA ASN A 201 0.10 -15.38 4.46
C ASN A 201 0.52 -14.09 3.75
N LYS A 202 0.55 -14.11 2.43
CA LYS A 202 1.04 -12.98 1.63
C LYS A 202 2.44 -12.57 2.10
N GLY A 203 3.30 -13.56 2.29
CA GLY A 203 4.63 -13.29 2.79
C GLY A 203 5.50 -12.51 1.82
N LEU A 204 5.43 -12.84 0.53
CA LEU A 204 6.25 -12.20 -0.49
C LEU A 204 5.43 -11.17 -1.25
N ASP A 205 6.15 -10.15 -1.74
CA ASP A 205 5.58 -9.10 -2.56
C ASP A 205 6.38 -9.06 -3.86
N ILE A 206 5.70 -9.24 -4.99
CA ILE A 206 6.37 -9.38 -6.27
C ILE A 206 5.84 -8.33 -7.23
N GLY A 207 6.75 -7.61 -7.86
CA GLY A 207 6.43 -6.64 -8.89
C GLY A 207 7.09 -7.00 -10.20
N GLN A 208 6.32 -6.90 -11.28
CA GLN A 208 6.78 -7.25 -12.62
C GLN A 208 6.53 -6.09 -13.56
N ARG A 209 7.52 -5.80 -14.41
CA ARG A 209 7.41 -4.80 -15.46
C ARG A 209 8.00 -5.37 -16.73
N GLY A 210 7.28 -5.26 -17.84
CA GLY A 210 7.88 -5.70 -19.09
C GLY A 210 6.88 -5.84 -20.22
N ALA A 211 7.26 -6.66 -21.20
CA ALA A 211 6.49 -6.77 -22.43
C ALA A 211 6.52 -8.19 -22.93
N ARG A 212 5.51 -8.50 -23.75
CA ARG A 212 5.33 -9.82 -24.35
C ARG A 212 4.80 -9.66 -25.78
N LEU A 213 5.30 -10.49 -26.68
CA LEU A 213 4.84 -10.53 -28.06
C LEU A 213 4.42 -11.96 -28.38
N SER A 214 3.18 -12.13 -28.81
CA SER A 214 2.60 -13.46 -28.96
C SER A 214 1.96 -13.62 -30.33
N LEU A 215 2.04 -14.84 -30.87
CA LEU A 215 1.41 -15.20 -32.12
C LEU A 215 0.56 -16.44 -31.89
N ARG A 216 -0.73 -16.34 -32.20
CA ARG A 216 -1.70 -17.40 -31.95
C ARG A 216 -2.18 -17.94 -33.29
N TYR A 217 -2.10 -19.26 -33.46
CA TYR A 217 -2.46 -19.91 -34.71
C TYR A 217 -3.52 -20.97 -34.43
N GLU A 218 -4.72 -20.76 -34.98
CA GLU A 218 -5.85 -21.65 -34.77
C GLU A 218 -6.42 -22.08 -36.11
N PRO A 219 -6.11 -23.28 -36.59
CA PRO A 219 -6.54 -23.68 -37.94
C PRO A 219 -8.05 -23.68 -38.08
N LEU A 220 -8.52 -23.32 -39.28
CA LEU A 220 -9.94 -23.29 -39.54
C LEU A 220 -10.55 -24.69 -39.57
N PHE A 221 -9.93 -25.60 -40.31
CA PHE A 221 -10.49 -26.93 -40.54
C PHE A 221 -9.47 -27.98 -40.16
N LEU A 222 -9.90 -28.98 -39.40
CA LEU A 222 -9.05 -30.10 -39.06
C LEU A 222 -9.16 -31.20 -40.11
N HIS A 223 -8.15 -32.06 -40.18
CA HIS A 223 -8.02 -33.02 -41.28
C HIS A 223 -8.83 -34.28 -40.99
N LYS A 224 -10.11 -34.06 -40.64
CA LYS A 224 -11.13 -35.09 -40.62
C LYS A 224 -10.84 -36.20 -39.60
N LEU A 225 -9.71 -36.12 -38.91
CA LEU A 225 -9.34 -37.16 -37.96
C LEU A 225 -9.52 -36.68 -36.52
N LEU A 226 -9.12 -35.44 -36.25
CA LEU A 226 -9.20 -34.89 -34.91
C LEU A 226 -10.59 -34.32 -34.64
N ASN A 232 -19.60 -35.23 -36.09
CA ASN A 232 -20.40 -34.03 -35.92
C ASN A 232 -20.05 -33.33 -34.61
N GLU A 233 -18.83 -32.84 -34.53
CA GLU A 233 -18.34 -32.16 -33.33
C GLU A 233 -17.53 -30.95 -33.74
N SER A 234 -17.14 -30.15 -32.75
CA SER A 234 -16.38 -28.92 -32.96
C SER A 234 -15.13 -28.94 -32.09
N PRO A 235 -14.10 -29.70 -32.47
CA PRO A 235 -12.86 -29.71 -31.68
C PRO A 235 -12.17 -28.36 -31.75
N THR A 236 -11.46 -28.03 -30.66
CA THR A 236 -10.66 -26.82 -30.60
C THR A 236 -9.18 -27.21 -30.62
N LEU A 237 -8.40 -26.50 -31.42
CA LEU A 237 -6.96 -26.79 -31.53
C LEU A 237 -6.23 -25.49 -31.79
N PHE A 238 -5.19 -25.21 -31.01
CA PHE A 238 -4.39 -24.04 -31.33
C PHE A 238 -2.97 -24.17 -30.81
N HIS A 239 -2.07 -23.49 -31.52
CA HIS A 239 -0.69 -23.27 -31.14
C HIS A 239 -0.51 -21.81 -30.73
N GLU A 240 0.42 -21.56 -29.83
CA GLU A 240 0.71 -20.19 -29.42
C GLU A 240 2.19 -20.06 -29.11
N TRP A 241 2.87 -19.19 -29.84
CA TRP A 241 4.29 -18.93 -29.63
C TRP A 241 4.48 -17.52 -29.09
N PHE A 242 5.16 -17.40 -27.95
CA PHE A 242 5.33 -16.09 -27.33
C PHE A 242 6.79 -15.87 -26.98
N LEU A 243 7.14 -14.59 -26.87
CA LEU A 243 8.47 -14.16 -26.46
C LEU A 243 8.30 -12.95 -25.55
N GLU A 244 8.82 -13.03 -24.32
CA GLU A 244 8.65 -11.90 -23.43
C GLU A 244 9.96 -11.54 -22.74
N THR A 245 10.02 -10.29 -22.29
CA THR A 245 11.11 -9.77 -21.48
C THR A 245 10.54 -9.07 -20.26
N CYS A 246 11.03 -9.43 -19.08
CA CYS A 246 10.44 -8.97 -17.84
C CYS A 246 11.50 -8.69 -16.79
N TRP A 247 11.36 -7.57 -16.10
CA TRP A 247 12.16 -7.22 -14.94
C TRP A 247 11.27 -7.35 -13.72
N ARG A 248 11.67 -8.18 -12.75
CA ARG A 248 10.83 -8.40 -11.59
C ARG A 248 11.63 -8.30 -10.30
N SER A 249 10.95 -7.77 -9.29
CA SER A 249 11.49 -7.54 -7.95
C SER A 249 10.70 -8.34 -6.94
N THR A 250 11.43 -9.01 -6.04
CA THR A 250 10.84 -9.85 -5.00
C THR A 250 11.27 -9.33 -3.64
N LYS A 251 10.29 -9.08 -2.76
CA LYS A 251 10.52 -8.51 -1.45
C LYS A 251 9.88 -9.39 -0.38
N ILE A 252 10.54 -9.52 0.76
CA ILE A 252 9.99 -10.28 1.90
C ILE A 252 9.24 -9.28 2.77
N CYS A 253 7.94 -9.15 2.53
CA CYS A 253 7.10 -8.21 3.29
C CYS A 253 6.42 -8.98 4.41
N SER A 254 7.23 -9.48 5.34
CA SER A 254 6.71 -10.26 6.47
C SER A 254 7.48 -9.85 7.71
N GLN A 255 6.75 -9.45 8.76
CA GLN A 255 7.37 -8.95 9.97
C GLN A 255 8.17 -10.04 10.67
N GLY A 256 9.42 -9.72 11.01
CA GLY A 256 10.29 -10.69 11.62
C GLY A 256 9.93 -11.07 13.04
N THR A 257 9.29 -10.18 13.77
CA THR A 257 8.89 -10.49 15.14
C THR A 257 7.70 -11.44 15.16
N SER A 258 6.86 -11.37 14.13
CA SER A 258 5.62 -12.15 14.13
C SER A 258 5.90 -13.65 14.14
N ALA A 259 6.78 -14.11 13.26
CA ALA A 259 7.02 -15.54 13.13
C ALA A 259 8.36 -15.77 12.44
N PRO A 260 8.95 -16.95 12.56
CA PRO A 260 10.12 -17.28 11.73
C PRO A 260 9.77 -17.66 10.31
N TYR A 261 8.53 -17.49 9.90
CA TYR A 261 8.13 -17.83 8.54
C TYR A 261 8.75 -16.84 7.56
N MET A 262 9.20 -17.35 6.42
CA MET A 262 9.80 -16.63 5.29
C MET A 262 11.19 -16.11 5.62
N TYR A 263 11.80 -16.52 6.72
CA TYR A 263 13.16 -16.09 7.07
C TYR A 263 14.12 -17.27 7.09
N SER A 264 13.90 -18.23 6.21
CA SER A 264 14.85 -19.32 6.04
C SER A 264 15.99 -18.89 5.12
N GLY A 265 17.04 -19.71 5.07
CA GLY A 265 18.18 -19.38 4.24
C GLY A 265 17.82 -19.25 2.78
N THR A 266 16.94 -20.13 2.29
CA THR A 266 16.58 -20.11 0.88
C THR A 266 15.85 -18.83 0.50
N MET A 267 14.90 -18.39 1.34
CA MET A 267 14.08 -17.24 0.99
C MET A 267 14.85 -15.94 1.10
N LEU A 268 15.82 -15.86 2.01
CA LEU A 268 16.63 -14.65 2.12
C LEU A 268 17.47 -14.44 0.87
N SER A 269 17.78 -15.50 0.13
CA SER A 269 18.60 -15.40 -1.07
C SER A 269 17.77 -15.16 -2.32
N GLN A 270 16.44 -15.24 -2.26
CA GLN A 270 15.61 -15.04 -3.43
C GLN A 270 15.18 -13.59 -3.62
N ALA A 271 15.14 -12.79 -2.55
CA ALA A 271 14.70 -11.40 -2.66
C ALA A 271 15.70 -10.58 -3.45
N GLY A 272 15.19 -9.73 -4.33
CA GLY A 272 16.06 -8.90 -5.15
C GLY A 272 15.44 -8.64 -6.50
N ASP A 273 16.28 -8.19 -7.43
CA ASP A 273 15.85 -7.81 -8.77
C ASP A 273 16.44 -8.79 -9.78
N GLN A 274 15.67 -9.09 -10.83
CA GLN A 274 16.26 -9.81 -11.94
C GLN A 274 15.55 -9.46 -13.24
N LEU A 275 16.33 -9.42 -14.32
CA LEU A 275 15.84 -9.20 -15.67
C LEU A 275 15.99 -10.50 -16.43
N ARG A 276 14.92 -10.92 -17.11
CA ARG A 276 14.95 -12.19 -17.84
C ARG A 276 14.18 -12.06 -19.14
N THR A 277 14.47 -12.97 -20.06
CA THR A 277 13.74 -13.12 -21.31
C THR A 277 13.46 -14.59 -21.53
N ILE A 278 12.25 -14.90 -22.00
CA ILE A 278 11.89 -16.28 -22.25
C ILE A 278 11.18 -16.42 -23.59
N LEU A 279 11.36 -17.58 -24.21
CA LEU A 279 10.60 -18.04 -25.35
C LEU A 279 9.65 -19.13 -24.89
N GLY A 280 8.52 -19.27 -25.56
CA GLY A 280 7.59 -20.27 -25.08
C GLY A 280 6.59 -20.70 -26.14
N HIS A 281 6.10 -21.92 -25.96
CA HIS A 281 5.16 -22.53 -26.88
C HIS A 281 4.07 -23.21 -26.08
N THR A 282 2.84 -23.13 -26.58
CA THR A 282 1.69 -23.77 -25.95
C THR A 282 0.83 -24.44 -27.01
N PHE A 283 0.45 -25.69 -26.76
CA PHE A 283 -0.39 -26.46 -27.67
C PHE A 283 -1.61 -26.94 -26.90
N VAL A 284 -2.80 -26.63 -27.39
CA VAL A 284 -4.04 -27.01 -26.73
C VAL A 284 -4.93 -27.74 -27.72
N LEU A 285 -5.43 -28.91 -27.31
CA LEU A 285 -6.44 -29.65 -28.05
C LEU A 285 -7.57 -29.97 -27.10
N ASP A 286 -8.80 -29.69 -27.52
CA ASP A 286 -9.97 -29.75 -26.66
C ASP A 286 -11.11 -30.40 -27.43
N LYS A 287 -11.48 -31.63 -27.04
CA LYS A 287 -12.59 -32.34 -27.66
C LYS A 287 -13.81 -32.39 -26.76
N ARG A 288 -13.75 -31.79 -25.57
CA ARG A 288 -14.85 -31.86 -24.63
C ARG A 288 -16.06 -31.12 -25.17
N ASP A 289 -17.24 -31.70 -24.94
CA ASP A 289 -18.48 -31.14 -25.47
C ASP A 289 -18.83 -29.80 -24.84
N HIS A 290 -18.33 -29.51 -23.65
CA HIS A 290 -18.54 -28.20 -23.05
C HIS A 290 -17.34 -27.88 -22.18
N ILE A 291 -16.90 -26.63 -22.26
CA ILE A 291 -15.65 -26.20 -21.65
C ILE A 291 -15.76 -26.26 -20.13
N MET A 292 -16.89 -25.80 -19.59
CA MET A 292 -16.97 -25.62 -18.15
C MET A 292 -17.76 -26.74 -17.47
N CYS A 293 -18.70 -27.36 -18.18
CA CYS A 293 -19.49 -28.48 -17.64
C CYS A 293 -19.46 -29.65 -18.61
N PRO A 294 -18.31 -30.33 -18.72
CA PRO A 294 -18.18 -31.41 -19.70
C PRO A 294 -19.05 -32.61 -19.36
N THR A 295 -19.45 -33.35 -20.40
CA THR A 295 -20.11 -34.63 -20.23
C THR A 295 -19.43 -35.76 -20.98
N LYS A 296 -18.49 -35.47 -21.88
CA LYS A 296 -17.74 -36.49 -22.59
C LYS A 296 -16.53 -35.85 -23.24
N GLY A 297 -15.56 -36.69 -23.59
CA GLY A 297 -14.39 -36.24 -24.33
C GLY A 297 -13.19 -36.00 -23.45
N SER A 298 -12.08 -35.68 -24.12
CA SER A 298 -10.79 -35.50 -23.47
C SER A 298 -10.15 -34.21 -23.96
N MET A 299 -9.20 -33.73 -23.17
CA MET A 299 -8.50 -32.48 -23.43
C MET A 299 -7.02 -32.65 -23.07
N LEU A 300 -6.16 -32.05 -23.88
CA LEU A 300 -4.71 -32.17 -23.72
C LEU A 300 -4.06 -30.80 -23.83
N LYS A 301 -3.18 -30.48 -22.89
CA LYS A 301 -2.45 -29.22 -22.92
C LYS A 301 -0.97 -29.50 -22.73
N TRP A 302 -0.14 -28.82 -23.52
CA TRP A 302 1.29 -29.11 -23.63
C TRP A 302 2.05 -27.80 -23.71
N SER A 303 2.82 -27.48 -22.68
CA SER A 303 3.46 -26.17 -22.56
C SER A 303 4.97 -26.34 -22.43
N ASN A 304 5.72 -25.46 -23.10
CA ASN A 304 7.16 -25.42 -23.00
C ASN A 304 7.61 -23.97 -22.85
N GLU A 305 8.63 -23.74 -22.03
CA GLU A 305 9.30 -22.45 -22.06
C GLU A 305 10.79 -22.64 -21.89
N LEU A 306 11.55 -21.69 -22.42
CA LEU A 306 13.00 -21.75 -22.45
C LEU A 306 13.57 -20.37 -22.14
N SER A 307 14.39 -20.28 -21.11
CA SER A 307 15.20 -19.09 -20.87
C SER A 307 16.62 -19.43 -21.26
N PRO A 308 17.11 -18.91 -22.40
CA PRO A 308 18.34 -19.46 -23.01
C PRO A 308 19.53 -19.38 -22.08
N GLY A 309 20.19 -20.51 -21.90
CA GLY A 309 21.31 -20.60 -20.99
C GLY A 309 20.94 -20.57 -19.53
N LYS A 310 19.65 -20.50 -19.20
CA LYS A 310 19.20 -20.46 -17.82
C LYS A 310 18.37 -21.68 -17.45
N HIS A 311 17.26 -21.95 -18.15
CA HIS A 311 16.47 -23.11 -17.76
C HIS A 311 15.51 -23.49 -18.89
N LEU A 312 14.96 -24.70 -18.76
CA LEU A 312 14.02 -25.27 -19.71
C LEU A 312 12.92 -25.98 -18.95
N LYS A 313 11.68 -25.50 -19.09
CA LYS A 313 10.54 -26.04 -18.36
C LYS A 313 9.55 -26.65 -19.36
N THR A 314 9.05 -27.84 -19.03
CA THR A 314 8.04 -28.48 -19.86
C THR A 314 6.95 -29.03 -18.96
N GLN A 315 5.72 -29.04 -19.47
CA GLN A 315 4.57 -29.41 -18.66
C GLN A 315 3.48 -29.99 -19.55
N LEU A 316 2.77 -30.98 -19.04
CA LEU A 316 1.73 -31.67 -19.79
C LEU A 316 0.56 -31.94 -18.86
N GLU A 317 -0.67 -31.88 -19.37
CA GLU A 317 -1.81 -32.30 -18.56
C GLU A 317 -2.94 -32.82 -19.45
N LEU A 318 -3.56 -33.90 -19.00
CA LEU A 318 -4.64 -34.59 -19.69
C LEU A 318 -5.86 -34.62 -18.80
N ASN A 319 -7.04 -34.46 -19.40
CA ASN A 319 -8.31 -34.55 -18.70
C ASN A 319 -9.25 -35.40 -19.53
N SER A 320 -10.03 -36.26 -18.88
CA SER A 320 -10.98 -37.13 -19.57
C SER A 320 -12.28 -37.16 -18.79
N VAL A 321 -13.41 -37.15 -19.49
CA VAL A 321 -14.73 -37.17 -18.88
C VAL A 321 -15.57 -38.23 -19.56
N LYS A 322 -16.31 -39.00 -18.77
CA LYS A 322 -17.14 -40.09 -19.29
C LYS A 322 -18.45 -40.10 -18.51
N SER A 323 -19.56 -39.88 -19.20
CA SER A 323 -20.87 -39.98 -18.57
C SER A 323 -21.42 -41.40 -18.71
N TRP A 324 -22.25 -41.80 -17.75
CA TRP A 324 -22.61 -43.21 -17.61
C TRP A 324 -24.11 -43.49 -17.50
N MET A 325 -24.96 -42.47 -17.45
CA MET A 325 -26.37 -42.70 -17.22
C MET A 325 -27.18 -42.05 -18.34
N ASN A 326 -28.44 -42.48 -18.49
CA ASN A 326 -29.28 -42.00 -19.57
C ASN A 326 -29.47 -40.49 -19.52
N ASP A 327 -29.60 -39.93 -18.33
CA ASP A 327 -29.71 -38.47 -18.18
C ASP A 327 -28.47 -37.95 -17.46
N ASP A 328 -27.34 -38.63 -17.68
CA ASP A 328 -26.03 -38.19 -17.22
C ASP A 328 -25.99 -37.99 -15.71
N PHE A 329 -26.57 -38.96 -14.99
CA PHE A 329 -26.55 -38.86 -13.53
C PHE A 329 -25.15 -39.08 -12.96
N ILE A 330 -24.38 -40.01 -13.51
CA ILE A 330 -23.10 -40.42 -12.93
C ILE A 330 -22.01 -40.02 -13.92
N THR A 331 -21.37 -38.89 -13.67
CA THR A 331 -20.27 -38.43 -14.50
C THR A 331 -18.94 -38.76 -13.81
N PHE A 332 -18.02 -39.33 -14.57
CA PHE A 332 -16.71 -39.73 -14.07
C PHE A 332 -15.64 -38.88 -14.74
N SER A 333 -14.68 -38.40 -13.97
CA SER A 333 -13.67 -37.48 -14.49
C SER A 333 -12.30 -37.88 -13.99
N THR A 334 -11.31 -37.84 -14.87
CA THR A 334 -9.93 -38.17 -14.54
C THR A 334 -9.02 -37.07 -15.02
N THR A 335 -7.99 -36.73 -14.23
CA THR A 335 -7.03 -35.71 -14.60
C THR A 335 -5.64 -36.15 -14.20
N ILE A 336 -4.67 -35.98 -15.09
CA ILE A 336 -3.27 -36.32 -14.81
C ILE A 336 -2.39 -35.20 -15.35
N LYS A 337 -1.53 -34.64 -14.52
CA LYS A 337 -0.59 -33.64 -14.97
C LYS A 337 0.82 -33.96 -14.51
N THR A 338 1.80 -33.63 -15.34
CA THR A 338 3.21 -33.83 -15.04
C THR A 338 4.00 -32.62 -15.50
N GLY A 339 5.18 -32.44 -14.91
CA GLY A 339 6.03 -31.33 -15.28
C GLY A 339 7.47 -31.59 -14.89
N TYR A 340 8.37 -31.06 -15.71
CA TYR A 340 9.81 -31.29 -15.58
C TYR A 340 10.57 -30.02 -15.90
N LEU A 341 11.48 -29.62 -15.02
CA LEU A 341 12.26 -28.40 -15.16
C LEU A 341 13.74 -28.72 -15.07
N LYS A 342 14.54 -28.19 -16.00
CA LYS A 342 15.96 -28.48 -16.07
C LYS A 342 16.76 -27.20 -16.05
N ASN A 343 17.88 -27.22 -15.32
CA ASN A 343 18.78 -26.07 -15.23
C ASN A 343 19.85 -26.18 -16.30
N LEU A 344 19.82 -25.28 -17.28
CA LEU A 344 20.74 -25.31 -18.40
C LEU A 344 22.05 -24.56 -18.15
N SER A 345 22.15 -23.85 -17.03
CA SER A 345 23.33 -23.05 -16.77
C SER A 345 24.54 -23.94 -16.50
N SER A 346 25.71 -23.37 -16.72
CA SER A 346 26.95 -24.15 -16.58
C SER A 346 27.24 -24.47 -15.13
N GLN A 347 27.57 -25.74 -14.89
CA GLN A 347 28.09 -26.20 -13.59
C GLN A 347 27.16 -25.81 -12.45
N GLN A 348 25.86 -25.83 -12.74
CA GLN A 348 24.83 -25.51 -11.75
C GLN A 348 25.04 -24.14 -11.12
N SER A 349 25.35 -23.16 -11.95
CA SER A 349 25.32 -21.78 -11.51
C SER A 349 23.95 -21.20 -11.83
N LEU A 350 23.72 -19.93 -11.46
CA LEU A 350 22.47 -19.23 -11.76
C LEU A 350 21.25 -20.01 -11.27
N PRO A 351 20.97 -20.00 -9.96
CA PRO A 351 19.82 -20.76 -9.44
C PRO A 351 18.51 -20.28 -10.06
N VAL A 352 17.58 -21.23 -10.24
CA VAL A 352 16.26 -20.89 -10.77
C VAL A 352 15.44 -20.22 -9.69
N HIS A 353 14.74 -19.15 -10.06
CA HIS A 353 13.98 -18.38 -9.08
C HIS A 353 12.81 -19.18 -8.56
N ILE A 354 12.40 -18.89 -7.33
CA ILE A 354 11.34 -19.64 -6.66
C ILE A 354 10.01 -19.46 -7.37
N CYS A 355 9.85 -18.40 -8.14
CA CYS A 355 8.61 -18.18 -8.85
C CYS A 355 8.50 -19.00 -10.12
N ASP A 356 9.60 -19.60 -10.57
CA ASP A 356 9.60 -20.43 -11.77
C ASP A 356 9.56 -21.93 -11.45
N LYS A 357 9.49 -22.30 -10.18
CA LYS A 357 9.47 -23.71 -9.80
C LYS A 357 8.04 -24.21 -9.66
N PHE A 358 7.91 -25.51 -9.44
CA PHE A 358 6.61 -26.14 -9.34
C PHE A 358 6.12 -26.15 -7.90
N GLN A 359 4.88 -25.72 -7.69
CA GLN A 359 4.25 -25.70 -6.38
C GLN A 359 3.00 -26.56 -6.42
N SER A 360 2.77 -27.33 -5.37
CA SER A 360 1.68 -28.29 -5.33
C SER A 360 0.95 -28.17 -4.00
N GLY A 361 -0.33 -28.53 -4.02
CA GLY A 361 -1.18 -28.48 -2.85
C GLY A 361 -2.13 -27.29 -2.94
N GLY A 362 -3.32 -27.44 -2.37
CA GLY A 362 -4.29 -26.36 -2.32
C GLY A 362 -5.69 -26.81 -2.66
N PRO A 363 -6.65 -25.91 -2.48
CA PRO A 363 -8.05 -26.25 -2.80
C PRO A 363 -8.27 -26.53 -4.28
N SER A 364 -7.38 -26.06 -5.15
CA SER A 364 -7.55 -26.30 -6.58
C SER A 364 -6.67 -27.45 -7.07
N ASP A 365 -5.43 -27.51 -6.59
CA ASP A 365 -4.48 -28.51 -7.09
C ASP A 365 -4.75 -29.87 -6.48
N ILE A 366 -4.59 -30.00 -5.15
CA ILE A 366 -4.80 -31.27 -4.46
C ILE A 366 -5.61 -30.95 -3.20
N ARG A 367 -6.90 -31.28 -3.23
CA ARG A 367 -7.77 -30.96 -2.11
C ARG A 367 -7.36 -31.74 -0.87
N GLY A 368 -7.53 -31.11 0.29
CA GLY A 368 -7.15 -31.70 1.56
C GLY A 368 -5.88 -31.15 2.14
N PHE A 369 -5.14 -30.34 1.38
CA PHE A 369 -3.89 -29.74 1.83
C PHE A 369 -3.95 -28.24 1.57
N GLN A 370 -3.22 -27.48 2.39
CA GLN A 370 -3.18 -26.04 2.22
C GLN A 370 -2.34 -25.67 1.01
N THR A 371 -2.59 -24.49 0.48
CA THR A 371 -1.83 -24.00 -0.67
C THR A 371 -0.36 -23.88 -0.31
N PHE A 372 0.50 -24.26 -1.26
CA PHE A 372 1.94 -24.38 -1.01
C PHE A 372 2.22 -25.33 0.16
N GLY A 373 1.41 -26.38 0.27
CA GLY A 373 1.50 -27.32 1.36
C GLY A 373 2.19 -28.63 1.07
N LEU A 374 2.83 -28.78 -0.08
CA LEU A 374 3.51 -30.01 -0.44
C LEU A 374 4.92 -29.70 -0.91
N GLY A 375 5.75 -30.73 -0.95
CA GLY A 375 7.10 -30.60 -1.44
C GLY A 375 8.10 -30.41 -0.32
N PRO A 376 9.38 -30.36 -0.68
CA PRO A 376 10.42 -30.14 0.34
C PRO A 376 10.33 -28.74 0.95
N ARG A 377 10.76 -28.65 2.20
CA ARG A 377 10.75 -27.38 2.93
C ARG A 377 12.12 -27.16 3.55
N ASP A 378 12.57 -25.90 3.58
CA ASP A 378 13.87 -25.59 4.16
C ASP A 378 13.78 -25.49 5.68
N LEU A 379 13.03 -24.53 6.19
CA LEU A 379 12.74 -24.42 7.62
C LEU A 379 11.24 -24.57 7.85
N TYR A 380 10.44 -23.68 7.27
CA TYR A 380 8.99 -23.79 7.26
C TYR A 380 8.42 -23.36 5.92
N ASP A 381 9.29 -23.13 4.93
CA ASP A 381 8.91 -22.50 3.68
C ASP A 381 8.95 -23.52 2.56
N ALA A 382 7.96 -23.46 1.69
CA ALA A 382 7.94 -24.33 0.51
C ALA A 382 8.93 -23.83 -0.51
N VAL A 383 9.84 -24.70 -0.93
CA VAL A 383 10.90 -24.32 -1.86
C VAL A 383 10.66 -24.90 -3.25
N GLY A 384 9.47 -25.41 -3.51
CA GLY A 384 9.15 -25.90 -4.84
C GLY A 384 9.88 -27.17 -5.18
N GLY A 385 9.79 -27.54 -6.46
CA GLY A 385 10.46 -28.72 -6.95
C GLY A 385 10.68 -28.65 -8.44
N ASP A 386 11.67 -29.41 -8.90
CA ASP A 386 12.03 -29.44 -10.31
C ASP A 386 11.24 -30.48 -11.10
N ALA A 387 10.47 -31.35 -10.45
CA ALA A 387 9.65 -32.31 -11.17
C ALA A 387 8.43 -32.62 -10.32
N PHE A 388 7.31 -32.88 -10.98
CA PHE A 388 6.11 -33.22 -10.20
C PHE A 388 5.21 -34.13 -11.01
N VAL A 389 4.32 -34.81 -10.29
CA VAL A 389 3.23 -35.58 -10.88
C VAL A 389 2.00 -35.40 -10.00
N SER A 390 0.83 -35.32 -10.62
CA SER A 390 -0.40 -35.12 -9.89
C SER A 390 -1.54 -35.81 -10.61
N TYR A 391 -2.43 -36.44 -9.86
CA TYR A 391 -3.55 -37.16 -10.44
C TYR A 391 -4.78 -36.96 -9.58
N GLY A 392 -5.94 -36.85 -10.24
CA GLY A 392 -7.20 -36.68 -9.58
C GLY A 392 -8.32 -37.47 -10.24
N LEU A 393 -9.25 -37.95 -9.42
CA LEU A 393 -10.32 -38.83 -9.85
C LEU A 393 -11.60 -38.40 -9.17
N SER A 394 -12.59 -37.95 -9.95
CA SER A 394 -13.83 -37.46 -9.38
C SER A 394 -15.03 -38.22 -9.94
N VAL A 395 -16.05 -38.37 -9.10
CA VAL A 395 -17.30 -39.03 -9.48
C VAL A 395 -18.42 -38.06 -9.12
N PHE A 396 -18.99 -37.41 -10.12
CA PHE A 396 -20.12 -36.53 -9.89
C PHE A 396 -21.42 -37.31 -9.97
N SER A 397 -22.41 -36.85 -9.20
CA SER A 397 -23.73 -37.47 -9.19
C SER A 397 -24.79 -36.39 -9.12
N ARG A 398 -25.83 -36.52 -9.94
CA ARG A 398 -26.92 -35.57 -9.93
C ARG A 398 -27.77 -35.78 -8.66
N LEU A 399 -28.42 -34.71 -8.22
CA LEU A 399 -29.19 -34.79 -6.97
C LEU A 399 -30.37 -35.75 -7.14
N PRO A 400 -30.57 -36.68 -6.21
CA PRO A 400 -31.55 -37.76 -6.43
C PRO A 400 -33.00 -37.32 -6.43
N TRP A 401 -33.32 -36.24 -5.72
CA TRP A 401 -34.71 -35.84 -5.49
C TRP A 401 -35.27 -35.12 -6.71
N LYS A 402 -36.47 -35.52 -7.11
CA LYS A 402 -37.06 -35.04 -8.36
C LYS A 402 -37.33 -33.55 -8.34
N LYS A 403 -37.56 -32.98 -7.16
CA LYS A 403 -37.79 -31.54 -7.06
C LYS A 403 -36.59 -30.75 -7.59
N VAL A 404 -35.38 -31.29 -7.39
CA VAL A 404 -34.17 -30.65 -7.88
C VAL A 404 -33.35 -31.64 -8.70
N GLU A 405 -33.54 -31.61 -10.01
CA GLU A 405 -32.80 -32.42 -10.95
C GLU A 405 -32.02 -31.60 -11.97
N LYS A 406 -32.62 -30.56 -12.52
CA LYS A 406 -31.99 -29.78 -13.57
C LYS A 406 -31.04 -28.73 -13.01
N SER A 407 -30.97 -28.58 -11.69
CA SER A 407 -30.02 -27.63 -11.12
C SER A 407 -28.60 -28.18 -11.21
N ASN A 408 -27.64 -27.26 -11.19
CA ASN A 408 -26.24 -27.64 -11.41
C ASN A 408 -25.58 -28.19 -10.15
N PHE A 409 -26.24 -28.12 -9.00
CA PHE A 409 -25.68 -28.68 -7.78
C PHE A 409 -25.56 -30.19 -7.89
N ARG A 410 -24.39 -30.72 -7.58
CA ARG A 410 -24.14 -32.14 -7.74
C ARG A 410 -23.27 -32.67 -6.60
N LEU A 411 -23.55 -33.90 -6.19
CA LEU A 411 -22.73 -34.57 -5.20
C LEU A 411 -21.40 -34.98 -5.82
N HIS A 412 -20.36 -35.03 -5.00
CA HIS A 412 -19.00 -35.18 -5.50
C HIS A 412 -18.22 -36.08 -4.56
N TRP A 413 -17.60 -37.11 -5.09
CA TRP A 413 -16.63 -37.92 -4.35
C TRP A 413 -15.31 -37.88 -5.11
N PHE A 414 -14.23 -37.52 -4.41
CA PHE A 414 -12.97 -37.31 -5.11
C PHE A 414 -11.83 -38.03 -4.42
N PHE A 415 -10.79 -38.29 -5.20
CA PHE A 415 -9.54 -38.88 -4.71
C PHE A 415 -8.38 -38.21 -5.42
N ASN A 416 -7.44 -37.67 -4.66
CA ASN A 416 -6.34 -36.90 -5.21
C ASN A 416 -5.02 -37.38 -4.64
N GLY A 417 -3.94 -36.99 -5.30
CA GLY A 417 -2.61 -37.35 -4.86
C GLY A 417 -1.58 -36.71 -5.75
N GLY A 418 -0.32 -37.01 -5.45
CA GLY A 418 0.77 -36.52 -6.28
C GLY A 418 2.08 -36.56 -5.52
N LYS A 419 3.10 -36.03 -6.17
CA LYS A 419 4.42 -35.91 -5.58
C LYS A 419 5.17 -34.78 -6.26
N LEU A 420 6.07 -34.15 -5.52
CA LEU A 420 6.84 -32.99 -5.97
C LEU A 420 8.26 -33.13 -5.44
N VAL A 421 9.24 -33.22 -6.34
CA VAL A 421 10.62 -33.51 -5.95
C VAL A 421 11.60 -32.55 -6.63
N ASN A 422 12.74 -32.39 -5.98
CA ASN A 422 13.91 -31.72 -6.56
C ASN A 422 14.83 -32.79 -7.13
N HIS A 423 14.65 -33.11 -8.40
CA HIS A 423 15.43 -34.17 -9.01
C HIS A 423 16.87 -33.70 -9.26
N ASP A 424 17.79 -34.66 -9.23
CA ASP A 424 19.14 -34.40 -9.70
C ASP A 424 19.14 -34.39 -11.23
N ASN A 425 19.93 -33.50 -11.81
CA ASN A 425 19.94 -33.34 -13.26
C ASN A 425 20.63 -34.49 -13.98
N THR A 426 20.94 -35.60 -13.30
CA THR A 426 21.71 -36.66 -13.91
C THR A 426 20.87 -37.47 -14.91
N SER A 427 19.83 -38.14 -14.42
CA SER A 427 19.15 -39.12 -15.26
C SER A 427 17.64 -39.07 -15.06
N LEU A 428 16.90 -39.07 -16.17
CA LEU A 428 15.46 -39.23 -16.10
C LEU A 428 15.07 -40.56 -15.47
N GLY A 429 15.92 -41.58 -15.61
CA GLY A 429 15.67 -42.84 -14.92
C GLY A 429 15.63 -42.67 -13.41
N ASN A 430 16.62 -41.97 -12.85
CA ASN A 430 16.62 -41.69 -11.42
C ASN A 430 15.45 -40.80 -11.04
N CYS A 431 15.13 -39.80 -11.87
CA CYS A 431 14.00 -38.93 -11.57
C CYS A 431 12.70 -39.72 -11.44
N ILE A 432 12.42 -40.58 -12.42
CA ILE A 432 11.23 -41.40 -12.36
C ILE A 432 11.29 -42.41 -11.22
N GLY A 433 12.47 -42.95 -10.92
CA GLY A 433 12.58 -43.88 -9.81
C GLY A 433 12.23 -43.25 -8.48
N GLN A 434 12.68 -42.02 -8.26
CA GLN A 434 12.35 -41.34 -7.01
C GLN A 434 11.03 -40.60 -7.06
N LEU A 435 10.36 -40.56 -8.21
CA LEU A 435 9.09 -39.87 -8.38
C LEU A 435 7.90 -40.82 -8.27
N SER A 436 8.14 -42.09 -7.97
CA SER A 436 7.07 -43.09 -7.99
C SER A 436 6.92 -43.81 -6.65
N LYS A 437 7.17 -43.14 -5.53
CA LYS A 437 7.00 -43.75 -4.23
C LYS A 437 6.70 -42.67 -3.20
N GLU A 438 6.02 -43.07 -2.13
CA GLU A 438 5.71 -42.20 -1.00
C GLU A 438 4.93 -40.96 -1.47
N HIS A 439 3.79 -41.23 -2.10
CA HIS A 439 2.93 -40.17 -2.60
C HIS A 439 2.17 -39.54 -1.44
N SER A 440 1.28 -38.59 -1.76
CA SER A 440 0.55 -37.83 -0.75
C SER A 440 -0.91 -37.74 -1.20
N THR A 441 -1.70 -38.70 -0.76
CA THR A 441 -3.08 -38.86 -1.24
C THR A 441 -4.08 -38.25 -0.27
N SER A 442 -5.32 -38.09 -0.73
CA SER A 442 -6.37 -37.45 0.05
C SER A 442 -7.72 -37.74 -0.57
N THR A 443 -8.70 -38.11 0.24
CA THR A 443 -10.04 -38.39 -0.27
C THR A 443 -11.05 -37.42 0.35
N GLY A 444 -12.28 -37.48 -0.10
CA GLY A 444 -13.30 -36.59 0.43
C GLY A 444 -14.57 -36.60 -0.39
N ILE A 445 -15.58 -35.93 0.18
CA ILE A 445 -16.92 -35.91 -0.40
C ILE A 445 -17.53 -34.53 -0.14
N GLY A 446 -18.31 -34.06 -1.09
CA GLY A 446 -18.88 -32.74 -0.96
C GLY A 446 -19.89 -32.41 -2.02
N LEU A 447 -20.14 -31.11 -2.18
CA LEU A 447 -21.14 -30.57 -3.09
C LEU A 447 -20.47 -29.59 -4.03
N VAL A 448 -20.85 -29.62 -5.31
CA VAL A 448 -20.23 -28.78 -6.34
C VAL A 448 -21.32 -28.06 -7.12
N LEU A 449 -21.05 -26.81 -7.49
CA LEU A 449 -21.89 -26.04 -8.39
C LEU A 449 -21.08 -25.68 -9.62
N ARG A 450 -21.43 -26.26 -10.75
CA ARG A 450 -20.66 -26.10 -11.98
C ARG A 450 -21.28 -25.07 -12.90
N HIS A 451 -21.36 -23.81 -12.48
CA HIS A 451 -21.99 -22.85 -13.36
C HIS A 451 -21.05 -22.51 -14.51
N PRO A 452 -21.58 -22.24 -15.70
CA PRO A 452 -20.70 -21.92 -16.84
C PRO A 452 -19.76 -20.77 -16.58
N MET A 453 -20.12 -19.85 -15.67
CA MET A 453 -19.21 -18.78 -15.29
C MET A 453 -18.09 -19.27 -14.39
N ALA A 454 -18.39 -20.13 -13.42
CA ALA A 454 -17.38 -20.52 -12.44
C ALA A 454 -17.84 -21.78 -11.72
N ARG A 455 -16.91 -22.38 -10.97
CA ARG A 455 -17.16 -23.60 -10.23
C ARG A 455 -16.98 -23.33 -8.74
N PHE A 456 -17.96 -23.76 -7.95
CA PHE A 456 -17.95 -23.64 -6.50
C PHE A 456 -17.90 -25.03 -5.89
N GLU A 457 -17.19 -25.18 -4.78
CA GLU A 457 -17.05 -26.48 -4.15
C GLU A 457 -17.03 -26.32 -2.63
N LEU A 458 -17.78 -27.19 -1.96
CA LEU A 458 -17.73 -27.31 -0.50
C LEU A 458 -17.51 -28.77 -0.17
N ASN A 459 -16.37 -29.10 0.43
CA ASN A 459 -16.00 -30.49 0.62
C ASN A 459 -15.65 -30.78 2.08
N PHE A 460 -15.86 -32.02 2.48
CA PHE A 460 -15.30 -32.59 3.69
C PHE A 460 -14.22 -33.57 3.25
N THR A 461 -12.99 -33.28 3.64
CA THR A 461 -11.82 -33.98 3.14
C THR A 461 -11.05 -34.65 4.28
N LEU A 462 -10.45 -35.79 3.96
CA LEU A 462 -9.62 -36.55 4.88
C LEU A 462 -8.33 -36.97 4.20
N PRO A 463 -7.18 -36.61 4.74
CA PRO A 463 -5.92 -37.16 4.23
C PRO A 463 -5.87 -38.66 4.44
N ILE A 464 -5.29 -39.37 3.48
CA ILE A 464 -5.01 -40.78 3.59
C ILE A 464 -3.57 -41.03 3.96
N THR A 465 -2.65 -40.34 3.29
CA THR A 465 -1.22 -40.52 3.46
C THR A 465 -0.51 -39.21 3.17
N ALA A 466 0.47 -38.88 4.01
CA ALA A 466 1.19 -37.63 3.86
C ALA A 466 2.52 -37.73 4.58
N HIS A 467 3.33 -36.68 4.41
CA HIS A 467 4.59 -36.56 5.14
C HIS A 467 4.38 -35.83 6.46
N GLU A 468 5.37 -35.93 7.35
CA GLU A 468 5.25 -35.33 8.67
C GLU A 468 5.11 -33.82 8.60
N ASN A 469 5.90 -33.17 7.74
CA ASN A 469 5.96 -31.72 7.67
C ASN A 469 4.95 -31.13 6.69
N ASP A 470 4.10 -31.95 6.10
CA ASP A 470 3.07 -31.45 5.20
C ASP A 470 2.03 -30.64 5.96
N LEU A 471 1.42 -29.68 5.27
CA LEU A 471 0.39 -28.85 5.86
C LEU A 471 -0.97 -29.44 5.52
N ILE A 472 -1.38 -30.46 6.27
CA ILE A 472 -2.67 -31.10 6.03
C ILE A 472 -3.78 -30.16 6.47
N ARG A 473 -4.98 -30.40 5.92
CA ARG A 473 -6.17 -29.64 6.30
C ARG A 473 -7.35 -30.61 6.21
N LYS A 474 -7.66 -31.24 7.34
CA LYS A 474 -8.75 -32.21 7.38
C LYS A 474 -10.01 -31.53 7.90
N GLY A 475 -11.14 -31.90 7.32
CA GLY A 475 -12.39 -31.26 7.64
C GLY A 475 -12.98 -30.53 6.46
N PHE A 476 -13.66 -29.42 6.75
CA PHE A 476 -14.36 -28.68 5.71
C PHE A 476 -13.41 -27.75 4.97
N GLN A 477 -13.59 -27.67 3.66
CA GLN A 477 -12.78 -26.81 2.80
C GLN A 477 -13.67 -26.24 1.73
N PHE A 478 -13.50 -24.95 1.46
CA PHE A 478 -14.29 -24.25 0.46
C PHE A 478 -13.38 -23.79 -0.68
N GLY A 479 -13.88 -23.88 -1.91
CA GLY A 479 -13.11 -23.44 -3.05
C GLY A 479 -13.95 -22.89 -4.18
N LEU A 480 -13.38 -22.01 -4.99
CA LEU A 480 -14.08 -21.50 -6.16
C LEU A 480 -13.07 -21.07 -7.21
N GLY A 481 -13.47 -21.16 -8.47
CA GLY A 481 -12.58 -20.73 -9.53
C GLY A 481 -13.02 -21.29 -10.87
N LEU A 482 -12.01 -21.64 -11.68
CA LEU A 482 -12.23 -22.20 -13.00
C LEU A 482 -11.51 -23.51 -13.27
N ALA A 483 -10.30 -23.68 -12.75
CA ALA A 483 -9.51 -24.88 -12.99
C ALA A 483 -9.35 -25.65 -11.68
N PHE A 484 -9.75 -26.92 -11.69
CA PHE A 484 -9.68 -27.77 -10.52
C PHE A 484 -9.06 -29.10 -10.90
N LEU A 485 -8.65 -29.85 -9.87
CA LEU A 485 -8.13 -31.19 -10.06
C LEU A 485 -8.70 -32.14 -9.01
N ARG B 13 -12.38 -37.31 17.73
CA ARG B 13 -13.02 -38.62 17.82
C ARG B 13 -12.19 -39.67 17.08
N ILE B 14 -12.75 -40.22 16.01
CA ILE B 14 -12.07 -41.23 15.21
C ILE B 14 -11.52 -40.63 13.92
N PHE B 15 -11.56 -39.31 13.77
CA PHE B 15 -10.97 -38.64 12.61
C PHE B 15 -9.55 -38.22 12.90
N ASP B 16 -8.98 -38.64 14.03
CA ASP B 16 -7.59 -38.41 14.36
C ASP B 16 -6.72 -39.63 14.08
N THR B 17 -7.29 -40.69 13.50
CA THR B 17 -6.50 -41.81 13.03
C THR B 17 -5.87 -41.55 11.67
N PHE B 18 -6.33 -40.52 10.95
CA PHE B 18 -5.77 -40.11 9.67
C PHE B 18 -4.63 -39.13 9.91
N PRO B 19 -3.54 -39.19 9.12
CA PRO B 19 -3.31 -40.10 7.99
C PRO B 19 -3.03 -41.54 8.42
N LEU B 20 -3.33 -42.49 7.54
CA LEU B 20 -3.01 -43.88 7.83
C LEU B 20 -1.52 -44.13 7.91
N GLN B 21 -0.74 -43.51 7.00
CA GLN B 21 0.71 -43.59 7.05
C GLN B 21 1.29 -42.18 6.97
N THR B 22 2.44 -42.02 7.63
CA THR B 22 3.24 -40.81 7.53
C THR B 22 4.69 -41.21 7.31
N TYR B 23 5.35 -40.56 6.36
CA TYR B 23 6.75 -40.82 6.07
C TYR B 23 7.61 -39.67 6.59
N ALA B 24 8.91 -39.93 6.69
CA ALA B 24 9.85 -38.90 7.10
C ALA B 24 9.82 -37.74 6.13
N ALA B 25 10.21 -36.57 6.61
CA ALA B 25 10.10 -35.35 5.84
C ALA B 25 10.96 -35.44 4.57
N GLN B 26 10.46 -34.80 3.51
CA GLN B 26 11.15 -34.81 2.22
C GLN B 26 12.56 -34.27 2.39
N THR B 27 13.55 -35.06 1.99
CA THR B 27 14.96 -34.71 2.17
C THR B 27 15.62 -34.24 0.89
N ASP B 28 14.86 -34.07 -0.19
CA ASP B 28 15.42 -33.56 -1.44
C ASP B 28 15.63 -32.05 -1.32
N LYS B 29 16.84 -31.60 -1.65
CA LYS B 29 17.13 -30.17 -1.62
C LYS B 29 17.93 -29.80 -2.87
N ASP B 30 17.76 -28.55 -3.29
CA ASP B 30 18.40 -28.06 -4.51
C ASP B 30 19.86 -27.78 -4.25
N GLU B 31 20.73 -28.25 -5.16
CA GLU B 31 22.15 -27.96 -5.08
C GLU B 31 22.55 -26.71 -5.85
N ALA B 32 21.65 -26.15 -6.66
CA ALA B 32 21.92 -24.88 -7.31
C ALA B 32 21.84 -23.70 -6.34
N VAL B 33 21.01 -23.82 -5.30
CA VAL B 33 20.89 -22.75 -4.32
C VAL B 33 21.96 -22.86 -3.25
N ALA B 34 22.27 -24.08 -2.81
CA ALA B 34 23.29 -24.27 -1.79
C ALA B 34 24.65 -23.76 -2.27
N LEU B 35 24.90 -23.78 -3.58
CA LEU B 35 26.10 -23.16 -4.13
C LEU B 35 26.03 -21.65 -4.15
N GLU B 36 24.83 -21.08 -4.15
CA GLU B 36 24.66 -19.63 -4.12
C GLU B 36 24.97 -19.04 -2.76
N ILE B 37 24.67 -19.76 -1.69
CA ILE B 37 24.83 -19.26 -0.33
C ILE B 37 26.25 -19.55 0.14
N GLN B 38 27.06 -20.16 -0.72
CA GLN B 38 28.48 -20.35 -0.42
C GLN B 38 29.36 -19.27 -1.02
N ARG B 39 28.90 -18.58 -2.06
CA ARG B 39 29.61 -17.45 -2.62
C ARG B 39 29.17 -16.13 -1.99
N ARG B 40 28.27 -16.19 -1.02
CA ARG B 40 27.77 -15.00 -0.33
C ARG B 40 27.95 -15.07 1.17
N SER B 41 28.73 -16.02 1.67
CA SER B 41 28.91 -16.21 3.11
C SER B 41 30.40 -16.15 3.46
N TYR B 42 30.70 -15.42 4.54
CA TYR B 42 32.06 -15.30 5.04
C TYR B 42 32.07 -15.60 6.53
N THR B 43 32.90 -16.54 6.97
CA THR B 43 32.82 -17.05 8.33
C THR B 43 33.81 -16.36 9.24
N PHE B 44 33.31 -15.92 10.40
CA PHE B 44 34.16 -15.39 11.46
C PHE B 44 34.79 -16.55 12.23
N THR B 45 36.11 -16.58 12.28
CA THR B 45 36.78 -17.60 13.07
C THR B 45 37.08 -17.06 14.48
N GLU B 46 37.43 -17.98 15.37
CA GLU B 46 37.71 -17.61 16.75
C GLU B 46 39.12 -17.01 16.86
N ARG B 47 39.37 -16.37 18.00
CA ARG B 47 40.62 -15.65 18.19
C ARG B 47 41.79 -16.58 18.46
N GLY B 48 41.64 -17.50 19.41
CA GLY B 48 42.72 -18.39 19.78
C GLY B 48 42.75 -19.65 18.93
N GLY B 49 43.61 -19.65 17.91
CA GLY B 49 43.68 -20.79 17.02
C GLY B 49 42.35 -21.01 16.31
N GLY B 50 41.87 -22.24 16.37
CA GLY B 50 40.58 -22.58 15.78
C GLY B 50 39.84 -23.58 16.64
N SER B 51 38.62 -23.22 17.01
CA SER B 51 37.78 -24.07 17.84
C SER B 51 36.33 -23.69 17.60
N SER B 52 35.42 -24.57 18.02
CA SER B 52 34.00 -24.33 17.88
C SER B 52 33.26 -24.97 19.04
N GLU B 53 32.51 -24.16 19.78
CA GLU B 53 31.68 -24.67 20.87
C GLU B 53 30.24 -24.21 20.71
N LEU B 54 29.77 -24.08 19.48
CA LEU B 54 28.47 -23.50 19.20
C LEU B 54 27.54 -24.55 18.63
N THR B 55 26.24 -24.34 18.85
CA THR B 55 25.19 -25.16 18.25
C THR B 55 24.48 -24.33 17.19
N VAL B 56 23.82 -25.03 16.27
CA VAL B 56 23.22 -24.39 15.10
C VAL B 56 22.14 -23.41 15.55
N GLU B 57 21.64 -23.58 16.77
CA GLU B 57 20.65 -22.67 17.34
C GLU B 57 21.27 -21.55 18.15
N GLY B 58 22.59 -21.40 18.10
CA GLY B 58 23.25 -20.35 18.84
C GLY B 58 24.20 -19.51 18.02
N THR B 59 24.03 -19.52 16.71
CA THR B 59 24.88 -18.77 15.80
C THR B 59 24.02 -17.82 14.97
N TYR B 60 24.55 -16.62 14.73
CA TYR B 60 23.82 -15.60 14.02
C TYR B 60 24.46 -15.33 12.65
N LYS B 61 23.71 -14.64 11.80
CA LYS B 61 24.18 -14.19 10.50
C LYS B 61 23.93 -12.69 10.37
N LEU B 62 24.94 -11.97 9.90
CA LEU B 62 24.88 -10.54 9.72
C LEU B 62 24.62 -10.24 8.25
N GLY B 63 23.55 -9.50 7.95
CA GLY B 63 23.25 -9.13 6.58
C GLY B 63 23.95 -7.83 6.22
N VAL B 64 24.55 -7.81 5.04
CA VAL B 64 25.31 -6.66 4.58
C VAL B 64 24.93 -6.37 3.13
N TYR B 65 25.28 -5.16 2.69
CA TYR B 65 25.00 -4.76 1.32
C TYR B 65 25.92 -5.46 0.33
N ASN B 66 27.21 -5.52 0.64
CA ASN B 66 28.22 -6.09 -0.23
C ASN B 66 29.50 -6.21 0.60
N VAL B 67 30.55 -6.75 -0.02
CA VAL B 67 31.81 -6.96 0.66
C VAL B 67 32.96 -6.60 -0.26
N PHE B 68 33.96 -5.90 0.27
CA PHE B 68 35.17 -5.55 -0.46
C PHE B 68 36.38 -6.08 0.28
N LEU B 69 37.44 -6.33 -0.48
CA LEU B 69 38.68 -6.89 0.05
C LEU B 69 39.65 -5.74 0.36
N GLU B 70 40.10 -5.68 1.61
CA GLU B 70 41.02 -4.64 2.02
C GLU B 70 42.37 -4.82 1.32
N ALA B 71 42.97 -3.70 0.91
CA ALA B 71 44.22 -3.77 0.16
C ALA B 71 45.37 -4.23 1.06
N ASN B 72 45.48 -3.68 2.27
CA ASN B 72 46.64 -3.96 3.09
C ASN B 72 46.52 -5.30 3.81
N THR B 73 45.51 -5.45 4.68
CA THR B 73 45.39 -6.65 5.47
C THR B 73 44.76 -7.82 4.71
N GLY B 74 43.99 -7.52 3.66
CA GLY B 74 43.36 -8.57 2.89
C GLY B 74 42.07 -9.09 3.44
N ALA B 75 41.60 -8.58 4.57
CA ALA B 75 40.36 -9.05 5.16
C ALA B 75 39.16 -8.57 4.36
N ALA B 76 38.03 -9.23 4.56
CA ALA B 76 36.78 -8.88 3.89
C ALA B 76 35.99 -7.95 4.79
N LEU B 77 35.55 -6.81 4.25
CA LEU B 77 34.85 -5.80 5.03
C LEU B 77 33.58 -5.37 4.29
N ALA B 78 32.57 -5.00 5.06
CA ALA B 78 31.36 -4.49 4.43
C ALA B 78 31.61 -3.13 3.81
N THR B 79 30.79 -2.78 2.82
CA THR B 79 31.02 -1.56 2.05
C THR B 79 30.40 -0.32 2.67
N ASP B 80 29.40 -0.46 3.54
CA ASP B 80 28.69 0.67 4.09
C ASP B 80 29.20 0.97 5.49
N PRO B 81 29.28 2.24 5.90
CA PRO B 81 29.80 2.55 7.25
C PRO B 81 29.02 1.90 8.38
N TRP B 82 27.69 1.85 8.30
CA TRP B 82 26.92 1.23 9.36
C TRP B 82 27.13 -0.28 9.40
N CYS B 83 27.19 -0.93 8.23
CA CYS B 83 27.44 -2.37 8.20
C CYS B 83 28.82 -2.69 8.76
N LEU B 84 29.82 -1.90 8.38
CA LEU B 84 31.18 -2.15 8.85
C LEU B 84 31.31 -1.89 10.34
N PHE B 85 30.61 -0.87 10.85
CA PHE B 85 30.65 -0.59 12.28
C PHE B 85 30.07 -1.75 13.08
N VAL B 86 28.93 -2.28 12.64
CA VAL B 86 28.32 -3.41 13.32
C VAL B 86 29.22 -4.63 13.22
N GLN B 87 29.85 -4.85 12.06
CA GLN B 87 30.75 -5.98 11.90
C GLN B 87 31.93 -5.90 12.85
N LEU B 88 32.51 -4.71 13.01
CA LEU B 88 33.62 -4.55 13.94
C LEU B 88 33.16 -4.71 15.39
N ALA B 89 31.98 -4.18 15.71
CA ALA B 89 31.47 -4.27 17.08
C ALA B 89 31.20 -5.72 17.46
N LEU B 90 30.63 -6.50 16.56
CA LEU B 90 30.39 -7.91 16.83
C LEU B 90 31.70 -8.66 17.05
N CYS B 91 32.72 -8.37 16.24
CA CYS B 91 34.01 -9.02 16.41
C CYS B 91 34.61 -8.68 17.76
N GLN B 92 34.53 -7.42 18.17
CA GLN B 92 35.07 -7.05 19.48
C GLN B 92 34.28 -7.71 20.60
N LYS B 93 32.95 -7.76 20.47
CA LYS B 93 32.12 -8.33 21.52
C LYS B 93 32.36 -9.82 21.70
N ASN B 94 32.44 -10.57 20.60
CA ASN B 94 32.53 -12.02 20.67
C ASN B 94 33.95 -12.55 20.55
N GLY B 95 34.96 -11.69 20.42
CA GLY B 95 36.30 -12.19 20.29
C GLY B 95 36.61 -12.88 18.99
N LEU B 96 35.90 -12.52 17.92
CA LEU B 96 36.08 -13.18 16.63
C LEU B 96 37.24 -12.55 15.85
N VAL B 97 37.45 -13.08 14.64
CA VAL B 97 38.47 -12.60 13.73
C VAL B 97 37.82 -12.37 12.37
N LEU B 98 38.26 -11.31 11.68
CA LEU B 98 37.62 -10.92 10.44
C LEU B 98 37.78 -12.01 9.37
N PRO B 99 36.85 -12.13 8.44
CA PRO B 99 36.98 -13.14 7.39
C PRO B 99 38.09 -12.81 6.41
N THR B 100 38.35 -13.73 5.48
CA THR B 100 39.29 -13.49 4.41
C THR B 100 38.73 -13.80 3.02
N HIS B 101 37.89 -14.82 2.89
CA HIS B 101 37.34 -15.21 1.59
C HIS B 101 36.07 -16.00 1.82
N SER B 102 35.26 -16.12 0.77
CA SER B 102 33.97 -16.76 0.85
C SER B 102 34.13 -18.28 0.96
N GLN B 103 33.05 -18.93 1.40
CA GLN B 103 33.06 -20.36 1.67
C GLN B 103 33.36 -21.20 0.44
N GLU B 104 33.25 -20.64 -0.77
CA GLU B 104 33.66 -21.36 -1.97
C GLU B 104 35.12 -21.77 -1.92
N GLN B 105 35.95 -21.06 -1.15
CA GLN B 105 37.33 -21.46 -0.98
C GLN B 105 37.49 -22.63 0.00
N THR B 106 36.56 -22.79 0.93
CA THR B 106 36.60 -23.86 1.92
C THR B 106 35.26 -24.59 1.89
N PRO B 107 35.13 -25.62 1.04
CA PRO B 107 33.85 -26.34 0.95
C PRO B 107 33.40 -26.96 2.27
N SER B 108 34.31 -27.42 3.10
CA SER B 108 33.92 -27.97 4.39
C SER B 108 33.39 -26.87 5.31
N HIS B 109 32.49 -27.25 6.21
CA HIS B 109 31.82 -26.29 7.07
C HIS B 109 31.76 -26.83 8.50
N THR B 110 31.64 -25.89 9.44
CA THR B 110 31.40 -26.19 10.84
C THR B 110 30.70 -24.99 11.45
N CYS B 111 30.08 -25.18 12.61
CA CYS B 111 29.26 -24.13 13.21
C CYS B 111 30.11 -22.93 13.59
N ASN B 112 29.87 -21.82 12.90
CA ASN B 112 30.53 -20.54 13.20
C ASN B 112 29.57 -19.42 12.82
N HIS B 113 29.77 -18.26 13.44
CA HIS B 113 29.07 -17.07 13.02
C HIS B 113 29.53 -16.68 11.63
N GLU B 114 28.62 -16.14 10.83
CA GLU B 114 28.99 -15.78 9.47
C GLU B 114 28.28 -14.49 9.06
N MET B 115 28.80 -13.89 8.00
CA MET B 115 28.30 -12.66 7.41
C MET B 115 27.81 -12.99 6.01
N LEU B 116 26.57 -12.59 5.71
CA LEU B 116 25.91 -13.01 4.49
C LEU B 116 25.54 -11.77 3.69
N VAL B 117 25.76 -11.82 2.37
CA VAL B 117 25.43 -10.71 1.51
C VAL B 117 23.97 -10.83 1.08
N LEU B 118 23.15 -9.85 1.44
CA LEU B 118 21.73 -9.88 1.17
C LEU B 118 21.34 -8.72 0.28
N SER B 119 20.16 -8.83 -0.31
CA SER B 119 19.55 -7.69 -0.97
C SER B 119 18.84 -6.81 0.04
N ARG B 120 18.64 -5.54 -0.32
CA ARG B 120 17.87 -4.63 0.51
C ARG B 120 16.45 -5.13 0.75
N LEU B 121 15.89 -5.89 -0.18
CA LEU B 121 14.50 -6.31 -0.15
C LEU B 121 14.27 -7.54 0.72
N SER B 122 15.20 -7.89 1.60
CA SER B 122 15.07 -9.07 2.44
C SER B 122 14.43 -8.75 3.79
N ASN B 123 13.75 -7.61 3.90
CA ASN B 123 13.04 -7.23 5.12
C ASN B 123 12.04 -6.14 4.77
N PRO B 124 10.99 -5.95 5.56
CA PRO B 124 9.99 -4.92 5.24
C PRO B 124 10.54 -3.51 5.19
N ASP B 125 11.56 -3.23 5.99
CA ASP B 125 12.13 -1.90 6.10
C ASP B 125 12.99 -1.51 4.90
N GLU B 126 13.46 -2.48 4.12
CA GLU B 126 14.34 -2.24 2.98
C GLU B 126 15.60 -1.51 3.42
N ALA B 127 16.24 -2.04 4.45
CA ALA B 127 17.49 -1.47 4.94
C ALA B 127 18.31 -2.56 5.62
N LEU B 128 19.62 -2.42 5.57
CA LEU B 128 20.57 -3.34 6.17
C LEU B 128 21.57 -2.52 6.98
N PRO B 129 22.25 -3.15 7.95
CA PRO B 129 22.36 -4.54 8.37
C PRO B 129 21.18 -5.08 9.17
N ILE B 130 21.04 -6.40 9.16
CA ILE B 130 20.09 -7.10 10.01
C ILE B 130 20.83 -8.25 10.67
N LEU B 131 20.28 -8.75 11.77
CA LEU B 131 20.80 -9.94 12.43
C LEU B 131 19.78 -11.05 12.39
N VAL B 132 20.22 -12.23 11.95
CA VAL B 132 19.37 -13.42 11.89
C VAL B 132 19.93 -14.43 12.88
N GLU B 133 19.20 -14.65 13.98
CA GLU B 133 19.71 -15.43 15.10
C GLU B 133 18.93 -16.74 15.23
N GLY B 134 19.64 -17.83 15.39
CA GLY B 134 19.04 -19.12 15.64
C GLY B 134 18.70 -19.85 14.35
N TYR B 135 18.39 -21.14 14.50
CA TYR B 135 17.99 -21.96 13.37
C TYR B 135 16.52 -22.33 13.48
N LYS B 136 16.09 -22.95 14.58
CA LYS B 136 14.71 -23.39 14.69
C LYS B 136 13.82 -22.33 15.30
N LYS B 137 14.29 -21.64 16.33
CA LYS B 137 13.62 -20.48 16.91
C LYS B 137 14.41 -19.26 16.50
N ARG B 138 13.98 -18.61 15.42
CA ARG B 138 14.78 -17.63 14.72
C ARG B 138 14.25 -16.23 14.96
N ILE B 139 15.17 -15.30 15.26
CA ILE B 139 14.84 -13.92 15.57
C ILE B 139 15.52 -13.02 14.54
N ILE B 140 14.80 -11.98 14.12
CA ILE B 140 15.31 -11.02 13.15
C ILE B 140 15.41 -9.65 13.82
N ARG B 141 16.64 -9.17 14.00
CA ARG B 141 16.88 -7.81 14.47
C ARG B 141 17.06 -6.90 13.27
N SER B 142 16.22 -5.88 13.19
CA SER B 142 16.25 -4.95 12.06
C SER B 142 17.31 -3.87 12.28
N THR B 143 17.40 -2.96 11.32
CA THR B 143 18.34 -1.85 11.44
C THR B 143 18.02 -0.96 12.62
N VAL B 144 16.73 -0.66 12.84
CA VAL B 144 16.35 0.20 13.96
C VAL B 144 16.69 -0.48 15.28
N ALA B 145 16.40 -1.77 15.40
CA ALA B 145 16.73 -2.49 16.62
C ALA B 145 18.23 -2.54 16.86
N ILE B 146 19.02 -2.76 15.81
CA ILE B 146 20.47 -2.77 15.96
C ILE B 146 20.98 -1.40 16.37
N SER B 147 20.42 -0.33 15.79
CA SER B 147 20.82 1.01 16.17
C SER B 147 20.53 1.26 17.64
N GLU B 148 19.34 0.87 18.10
CA GLU B 148 18.97 1.10 19.49
C GLU B 148 19.86 0.28 20.43
N ILE B 149 20.17 -0.96 20.07
CA ILE B 149 21.05 -1.78 20.90
C ILE B 149 22.43 -1.18 20.96
N MET B 150 22.96 -0.73 19.82
CA MET B 150 24.32 -0.22 19.77
C MET B 150 24.45 1.12 20.50
N ARG B 151 23.41 1.94 20.43
CA ARG B 151 23.40 3.25 21.07
C ARG B 151 23.23 3.18 22.58
N SER B 152 22.54 2.16 23.10
CA SER B 152 22.26 2.07 24.53
C SER B 152 23.45 1.58 25.34
N ARG B 153 24.60 1.37 24.69
CA ARG B 153 25.79 0.96 25.40
C ARG B 153 26.76 2.10 25.66
N ILE B 154 26.40 3.33 25.28
CA ILE B 154 27.24 4.50 25.49
C ILE B 154 26.49 5.59 26.26
N LEU B 155 25.28 5.30 26.73
CA LEU B 155 24.51 6.27 27.48
C LEU B 155 25.12 6.58 28.84
N ASP B 156 26.10 5.79 29.29
CA ASP B 156 26.76 6.07 30.56
C ASP B 156 27.49 7.40 30.53
N ASP B 157 28.15 7.71 29.41
CA ASP B 157 28.84 8.97 29.22
C ASP B 157 27.95 9.92 28.43
N ALA B 158 27.81 11.15 28.91
CA ALA B 158 27.02 12.15 28.21
C ALA B 158 27.79 12.85 27.11
N GLU B 159 29.11 12.92 27.21
CA GLU B 159 29.93 13.58 26.19
C GLU B 159 30.27 12.67 25.03
N GLN B 160 30.40 11.36 25.25
CA GLN B 160 30.61 10.41 24.16
C GLN B 160 29.35 10.21 23.33
N LEU B 161 28.18 10.43 23.92
CA LEU B 161 26.93 10.38 23.17
C LEU B 161 26.77 11.61 22.29
N MET B 162 27.36 12.74 22.68
CA MET B 162 27.26 13.95 21.88
C MET B 162 28.03 13.80 20.57
N TYR B 163 29.26 13.28 20.65
CA TYR B 163 30.04 13.03 19.44
C TYR B 163 29.39 11.96 18.58
N TYR B 164 28.88 10.90 19.20
CA TYR B 164 28.27 9.80 18.47
C TYR B 164 27.09 10.25 17.64
N THR B 165 26.25 11.12 18.19
CA THR B 165 25.14 11.68 17.43
C THR B 165 25.60 12.67 16.38
N LEU B 166 26.80 13.24 16.51
CA LEU B 166 27.31 14.14 15.48
C LEU B 166 27.78 13.37 14.26
N LEU B 167 28.44 12.24 14.46
CA LEU B 167 28.97 11.46 13.34
C LEU B 167 27.86 10.97 12.44
N ASP B 168 26.83 10.36 13.01
CA ASP B 168 25.78 9.74 12.22
C ASP B 168 24.62 10.68 11.90
N THR B 169 24.82 12.00 12.05
CA THR B 169 23.85 12.98 11.57
C THR B 169 24.48 13.93 10.56
N VAL B 170 25.69 14.44 10.83
CA VAL B 170 26.34 15.36 9.91
C VAL B 170 27.18 14.60 8.90
N LEU B 171 28.12 13.80 9.39
CA LEU B 171 29.01 13.05 8.50
C LEU B 171 28.23 12.02 7.69
N TYR B 172 27.23 11.40 8.30
CA TYR B 172 26.38 10.45 7.59
C TYR B 172 25.67 11.12 6.42
N ASP B 173 25.10 12.31 6.66
CA ASP B 173 24.43 13.03 5.58
C ASP B 173 25.42 13.41 4.48
N CYS B 174 26.61 13.86 4.87
CA CYS B 174 27.61 14.23 3.87
C CYS B 174 27.99 13.04 3.00
N TRP B 175 28.16 11.87 3.62
CA TRP B 175 28.50 10.67 2.86
C TRP B 175 27.36 10.26 1.93
N ILE B 176 26.13 10.22 2.46
CA ILE B 176 25.00 9.73 1.70
C ILE B 176 24.72 10.63 0.51
N THR B 177 24.74 11.95 0.71
CA THR B 177 24.48 12.85 -0.41
C THR B 177 25.52 12.70 -1.50
N GLN B 178 26.79 12.58 -1.13
CA GLN B 178 27.83 12.47 -2.13
C GLN B 178 27.73 11.17 -2.91
N ILE B 179 27.56 10.03 -2.23
CA ILE B 179 27.48 8.76 -2.94
C ILE B 179 26.33 8.77 -3.94
N ILE B 180 25.16 9.26 -3.52
CA ILE B 180 24.02 9.27 -4.41
C ILE B 180 24.14 10.28 -5.55
N PHE B 181 24.71 11.46 -5.32
CA PHE B 181 24.65 12.52 -6.30
C PHE B 181 25.94 12.75 -7.08
N CYS B 182 27.09 12.80 -6.43
CA CYS B 182 28.34 13.13 -7.10
C CYS B 182 29.09 11.90 -7.59
N ALA B 183 28.51 10.71 -7.48
CA ALA B 183 29.13 9.49 -7.94
C ALA B 183 28.23 8.80 -8.97
N SER B 184 28.85 8.21 -9.98
CA SER B 184 28.12 7.58 -11.06
C SER B 184 27.44 6.30 -10.57
N ASP B 185 26.49 5.82 -11.38
CA ASP B 185 25.79 4.58 -11.04
C ASP B 185 26.75 3.40 -11.01
N ALA B 186 27.75 3.40 -11.90
CA ALA B 186 28.74 2.34 -11.91
C ALA B 186 29.54 2.27 -10.61
N GLN B 187 29.62 3.37 -9.86
CA GLN B 187 30.27 3.37 -8.57
C GLN B 187 29.30 3.15 -7.42
N PHE B 188 28.07 3.66 -7.53
CA PHE B 188 27.07 3.42 -6.50
C PHE B 188 26.74 1.93 -6.41
N MET B 189 26.61 1.27 -7.57
CA MET B 189 26.14 -0.11 -7.58
C MET B 189 27.19 -1.10 -7.11
N GLU B 190 28.46 -0.70 -7.03
CA GLU B 190 29.49 -1.57 -6.48
C GLU B 190 29.50 -1.58 -4.96
N LEU B 191 28.75 -0.69 -4.33
CA LEU B 191 28.74 -0.57 -2.87
C LEU B 191 27.43 -1.01 -2.26
N TYR B 192 26.31 -0.68 -2.89
CA TYR B 192 24.98 -0.92 -2.34
C TYR B 192 24.17 -1.85 -3.24
N SER B 193 24.82 -2.85 -3.81
CA SER B 193 24.12 -3.84 -4.62
C SER B 193 24.92 -5.14 -4.62
N CYS B 194 24.20 -6.25 -4.54
CA CYS B 194 24.80 -7.58 -4.52
C CYS B 194 24.88 -8.20 -5.90
N GLN B 195 24.48 -7.47 -6.93
CA GLN B 195 24.49 -7.99 -8.29
C GLN B 195 25.92 -8.24 -8.76
N LYS B 196 26.07 -9.24 -9.63
CA LYS B 196 27.38 -9.55 -10.18
C LYS B 196 27.80 -8.51 -11.21
N LEU B 197 29.11 -8.35 -11.37
CA LEU B 197 29.66 -7.50 -12.40
C LEU B 197 30.93 -8.13 -12.94
N SER B 198 31.25 -7.81 -14.19
CA SER B 198 32.42 -8.35 -14.87
C SER B 198 33.39 -7.28 -15.35
N GLY B 199 32.90 -6.13 -15.78
CA GLY B 199 33.75 -5.06 -16.27
C GLY B 199 34.06 -5.13 -17.75
N SER B 200 33.69 -6.22 -18.42
CA SER B 200 33.93 -6.36 -19.85
C SER B 200 32.71 -7.00 -20.50
N ILE B 201 32.15 -6.31 -21.49
CA ILE B 201 30.97 -6.80 -22.20
C ILE B 201 31.43 -7.73 -23.32
N VAL B 202 31.43 -9.02 -23.06
CA VAL B 202 31.81 -10.03 -24.04
C VAL B 202 30.66 -11.01 -24.30
N THR B 203 30.25 -11.74 -23.27
CA THR B 203 29.18 -12.72 -23.38
C THR B 203 27.83 -12.03 -23.41
N PRO B 204 26.80 -12.68 -23.97
CA PRO B 204 25.46 -12.09 -23.96
C PRO B 204 24.87 -11.88 -22.57
N LEU B 205 25.39 -12.56 -21.54
CA LEU B 205 24.96 -12.32 -20.17
C LEU B 205 25.56 -11.06 -19.57
N ASP B 206 26.64 -10.54 -20.16
CA ASP B 206 27.21 -9.28 -19.70
C ASP B 206 26.46 -8.07 -20.22
N VAL B 207 25.59 -8.26 -21.23
CA VAL B 207 24.70 -7.20 -21.68
C VAL B 207 23.42 -7.15 -20.87
N GLU B 208 22.95 -8.28 -20.35
CA GLU B 208 21.77 -8.31 -19.51
C GLU B 208 22.00 -7.77 -18.10
N ASN B 209 23.25 -7.74 -17.65
CA ASN B 209 23.54 -7.22 -16.32
C ASN B 209 23.72 -5.70 -16.31
N SER B 210 24.41 -5.15 -17.30
CA SER B 210 24.54 -3.71 -17.40
C SER B 210 23.21 -3.01 -17.61
N LEU B 211 22.34 -3.57 -18.44
CA LEU B 211 21.02 -2.98 -18.61
C LEU B 211 20.19 -3.11 -17.35
N LEU B 212 20.38 -4.19 -16.59
CA LEU B 212 19.73 -4.31 -15.29
C LEU B 212 20.20 -3.23 -14.33
N GLN B 213 21.51 -2.96 -14.31
CA GLN B 213 22.02 -1.87 -13.47
C GLN B 213 21.42 -0.53 -13.90
N LYS B 214 21.35 -0.29 -15.21
CA LYS B 214 20.77 0.95 -15.69
C LYS B 214 19.31 1.09 -15.27
N LEU B 215 18.55 0.00 -15.34
CA LEU B 215 17.15 0.08 -14.94
C LEU B 215 16.99 0.27 -13.44
N SER B 216 17.69 -0.52 -12.63
CA SER B 216 17.41 -0.60 -11.21
C SER B 216 18.25 0.32 -10.35
N ALA B 217 19.17 1.09 -10.94
CA ALA B 217 20.02 1.95 -10.12
C ALA B 217 19.21 3.00 -9.36
N LYS B 218 18.20 3.58 -10.00
CA LYS B 218 17.41 4.63 -9.39
C LYS B 218 16.58 4.16 -8.21
N SER B 219 15.99 2.96 -8.29
CA SER B 219 15.15 2.46 -7.22
C SER B 219 15.95 1.97 -6.01
N LEU B 220 17.23 1.67 -6.20
CA LEU B 220 18.08 1.37 -5.04
C LEU B 220 18.45 2.63 -4.29
N LYS B 221 18.57 3.76 -5.00
CA LYS B 221 18.91 5.02 -4.34
C LYS B 221 17.80 5.48 -3.41
N ILE B 222 16.54 5.34 -3.83
CA ILE B 222 15.41 5.75 -3.00
C ILE B 222 15.29 4.96 -1.71
N SER B 223 15.50 3.65 -1.74
CA SER B 223 15.41 2.82 -0.55
C SER B 223 16.55 3.06 0.43
N LEU B 224 17.59 3.80 0.02
CA LEU B 224 18.68 4.13 0.91
C LEU B 224 18.47 5.43 1.66
N THR B 225 17.65 6.33 1.13
CA THR B 225 17.38 7.61 1.76
C THR B 225 16.36 7.51 2.89
N LYS B 226 16.00 6.29 3.29
CA LYS B 226 15.03 6.08 4.36
C LYS B 226 15.64 5.41 5.58
N ARG B 227 16.95 5.17 5.58
CA ARG B 227 17.54 4.34 6.62
C ARG B 227 17.67 5.06 7.96
N ASN B 228 18.02 6.34 7.96
CA ASN B 228 18.30 7.04 9.20
C ASN B 228 17.58 8.39 9.21
N LYS B 229 16.30 8.38 8.86
CA LYS B 229 15.47 9.59 8.85
C LYS B 229 16.06 10.65 7.91
N PHE B 230 16.80 10.18 6.90
CA PHE B 230 17.32 11.09 5.90
C PHE B 230 16.19 11.76 5.14
N GLN B 231 15.14 10.99 4.80
CA GLN B 231 13.99 11.53 4.11
C GLN B 231 13.21 12.54 4.93
N PHE B 232 13.45 12.61 6.24
CA PHE B 232 12.82 13.59 7.10
C PHE B 232 13.72 14.82 7.31
N ARG B 233 15.01 14.61 7.54
CA ARG B 233 15.91 15.74 7.70
C ARG B 233 16.05 16.52 6.42
N HIS B 234 16.18 15.84 5.27
CA HIS B 234 16.28 16.50 3.97
C HIS B 234 15.10 16.01 3.14
N ARG B 235 13.94 16.63 3.31
CA ARG B 235 12.73 16.18 2.65
C ARG B 235 12.44 16.94 1.35
N GLU B 236 13.35 17.81 0.93
CA GLU B 236 13.21 18.51 -0.33
C GLU B 236 14.10 17.97 -1.44
N ILE B 237 15.22 17.33 -1.10
CA ILE B 237 16.09 16.73 -2.10
C ILE B 237 15.84 15.24 -2.25
N VAL B 238 14.88 14.68 -1.52
CA VAL B 238 14.42 13.32 -1.75
C VAL B 238 13.11 13.29 -2.51
N LYS B 239 12.43 14.43 -2.65
CA LYS B 239 11.31 14.55 -3.56
C LYS B 239 11.72 14.95 -4.96
N SER B 240 12.94 15.43 -5.15
CA SER B 240 13.45 15.72 -6.48
C SER B 240 13.88 14.47 -7.23
N MET B 241 14.09 13.35 -6.52
CA MET B 241 14.42 12.09 -7.18
C MET B 241 13.20 11.33 -7.67
N GLN B 242 12.00 11.71 -7.24
CA GLN B 242 10.80 10.96 -7.54
C GLN B 242 10.01 11.55 -8.69
N GLY B 243 10.71 12.12 -9.67
CA GLY B 243 10.06 12.66 -10.86
C GLY B 243 11.09 12.94 -11.92
N VAL B 244 10.61 13.19 -13.14
CA VAL B 244 11.50 13.46 -14.24
C VAL B 244 11.22 14.84 -14.83
N TYR B 245 11.92 15.86 -14.32
CA TYR B 245 11.91 17.19 -14.90
C TYR B 245 13.31 17.76 -15.09
N HIS B 246 14.20 17.54 -14.13
CA HIS B 246 15.60 17.96 -14.21
C HIS B 246 15.73 19.44 -14.55
N ASN B 247 14.86 20.24 -13.93
CA ASN B 247 14.88 21.68 -14.13
C ASN B 247 15.99 22.31 -13.28
N HIS B 248 16.34 23.56 -13.60
CA HIS B 248 17.39 24.27 -12.89
C HIS B 248 16.89 24.95 -11.62
N HIS B 249 15.59 24.94 -11.37
CA HIS B 249 15.08 25.46 -10.11
C HIS B 249 15.37 24.49 -8.97
N ASN B 250 15.25 23.20 -9.23
CA ASN B 250 15.56 22.18 -8.24
C ASN B 250 17.02 21.77 -8.25
N SER B 251 17.80 22.21 -9.23
CA SER B 251 19.21 21.85 -9.33
C SER B 251 20.13 22.94 -8.81
N VAL B 252 19.62 24.13 -8.52
CA VAL B 252 20.39 25.19 -7.88
C VAL B 252 20.23 25.15 -6.37
N ASN B 253 19.00 24.90 -5.90
CA ASN B 253 18.80 24.71 -4.46
C ASN B 253 19.55 23.49 -3.96
N GLN B 254 19.67 22.46 -4.81
CA GLN B 254 20.35 21.24 -4.40
C GLN B 254 21.83 21.48 -4.16
N GLU B 255 22.49 22.21 -5.06
CA GLU B 255 23.93 22.44 -4.89
C GLU B 255 24.21 23.33 -3.68
N GLN B 256 23.25 24.18 -3.31
CA GLN B 256 23.41 24.96 -2.09
C GLN B 256 23.37 24.08 -0.86
N VAL B 257 22.51 23.07 -0.84
CA VAL B 257 22.44 22.17 0.31
C VAL B 257 23.68 21.30 0.39
N LEU B 258 24.14 20.77 -0.75
CA LEU B 258 25.32 19.92 -0.74
C LEU B 258 26.59 20.66 -0.37
N ASN B 259 26.66 21.97 -0.62
CA ASN B 259 27.83 22.75 -0.23
C ASN B 259 27.86 23.04 1.26
N VAL B 260 26.70 23.17 1.90
CA VAL B 260 26.67 23.36 3.35
C VAL B 260 27.10 22.10 4.07
N LEU B 261 26.63 20.94 3.60
CA LEU B 261 26.97 19.68 4.24
C LEU B 261 28.47 19.41 4.19
N PHE B 262 29.10 19.64 3.05
CA PHE B 262 30.53 19.38 2.95
C PHE B 262 31.32 20.34 3.82
N GLU B 263 30.92 21.61 3.84
CA GLU B 263 31.63 22.58 4.68
C GLU B 263 31.49 22.26 6.16
N ASN B 264 30.31 21.81 6.58
CA ASN B 264 30.12 21.39 7.97
C ASN B 264 30.97 20.16 8.28
N SER B 265 30.98 19.18 7.38
CA SER B 265 31.64 17.92 7.67
C SER B 265 33.16 18.02 7.61
N LYS B 266 33.71 19.09 7.03
CA LYS B 266 35.14 19.32 7.15
C LYS B 266 35.54 19.72 8.57
N GLN B 267 34.70 20.50 9.23
CA GLN B 267 34.97 20.89 10.61
C GLN B 267 34.93 19.68 11.53
N VAL B 268 34.00 18.74 11.28
CA VAL B 268 33.93 17.52 12.09
C VAL B 268 35.24 16.74 11.96
N LEU B 269 35.71 16.56 10.74
CA LEU B 269 36.92 15.75 10.53
C LEU B 269 38.16 16.47 11.06
N LEU B 270 38.21 17.79 10.95
CA LEU B 270 39.34 18.53 11.49
C LEU B 270 39.34 18.48 13.02
N GLY B 271 38.16 18.53 13.64
CA GLY B 271 38.09 18.44 15.09
C GLY B 271 38.48 17.09 15.63
N LEU B 272 38.16 16.01 14.91
CA LEU B 272 38.44 14.68 15.41
C LEU B 272 39.94 14.38 15.48
N LYS B 273 40.76 15.11 14.72
CA LYS B 273 42.18 14.82 14.69
C LYS B 273 42.82 14.98 16.06
N ASP B 274 42.22 15.81 16.92
CA ASP B 274 42.81 16.10 18.21
C ASP B 274 42.62 14.96 19.22
N MET B 275 41.63 14.08 19.02
CA MET B 275 41.33 13.03 19.98
C MET B 275 41.25 11.67 19.27
N LEU B 276 42.42 11.09 18.99
CA LEU B 276 42.52 9.81 18.31
C LEU B 276 43.56 8.96 19.04
N LYS B 277 43.55 9.03 20.36
CA LYS B 277 44.43 8.20 21.18
C LYS B 277 43.57 7.27 22.02
N SER B 278 43.84 5.98 21.92
CA SER B 278 43.08 4.95 22.63
C SER B 278 44.01 4.26 23.62
N ASP B 279 43.69 4.37 24.91
CA ASP B 279 44.47 3.72 25.95
C ASP B 279 43.93 2.32 26.21
N GLY B 280 44.07 1.47 25.19
CA GLY B 280 43.62 0.10 25.28
C GLY B 280 42.58 -0.28 24.24
N GLN B 281 41.50 -0.89 24.68
CA GLN B 281 40.47 -1.35 23.76
C GLN B 281 39.75 -0.18 23.11
N PRO B 282 39.53 -0.23 21.80
CA PRO B 282 38.77 0.84 21.15
C PRO B 282 37.35 0.93 21.70
N THR B 283 36.86 2.15 21.81
CA THR B 283 35.50 2.39 22.24
C THR B 283 34.57 2.41 21.03
N TYR B 284 33.27 2.52 21.27
CA TYR B 284 32.32 2.55 20.16
C TYR B 284 32.47 3.83 19.34
N LEU B 285 33.10 4.87 19.89
CA LEU B 285 33.38 6.05 19.09
C LEU B 285 34.52 5.82 18.12
N HIS B 286 35.60 5.16 18.57
CA HIS B 286 36.71 4.88 17.68
C HIS B 286 36.32 3.92 16.57
N LEU B 287 35.52 2.90 16.86
CA LEU B 287 35.06 2.00 15.83
C LEU B 287 34.11 2.67 14.84
N LYS B 288 33.52 3.80 15.21
CA LYS B 288 32.66 4.53 14.28
C LYS B 288 33.45 5.55 13.48
N ILE B 289 34.52 6.10 14.06
CA ILE B 289 35.42 6.94 13.28
C ILE B 289 36.14 6.11 12.22
N ALA B 290 36.62 4.94 12.62
CA ALA B 290 37.42 4.11 11.70
C ALA B 290 36.59 3.58 10.55
N SER B 291 35.33 3.22 10.79
CA SER B 291 34.52 2.64 9.73
C SER B 291 34.26 3.64 8.61
N TYR B 292 34.00 4.91 8.96
CA TYR B 292 33.79 5.92 7.93
C TYR B 292 35.05 6.12 7.08
N ILE B 293 36.22 6.16 7.72
CA ILE B 293 37.46 6.35 6.97
C ILE B 293 37.71 5.15 6.06
N LEU B 294 37.53 3.93 6.57
CA LEU B 294 37.78 2.75 5.76
C LEU B 294 36.83 2.68 4.59
N CYS B 295 35.57 3.05 4.78
CA CYS B 295 34.63 3.04 3.67
C CYS B 295 34.91 4.15 2.68
N ILE B 296 35.38 5.31 3.15
CA ILE B 296 35.66 6.42 2.22
C ILE B 296 36.88 6.11 1.37
N THR B 297 37.93 5.56 1.96
CA THR B 297 39.14 5.26 1.21
C THR B 297 38.99 4.04 0.30
N ASN B 298 37.77 3.56 0.09
CA ASN B 298 37.48 2.49 -0.85
C ASN B 298 36.98 3.00 -2.19
N VAL B 299 36.39 4.19 -2.22
CA VAL B 299 35.76 4.69 -3.43
C VAL B 299 36.82 4.99 -4.47
N LYS B 300 36.56 4.61 -5.72
CA LYS B 300 37.51 4.82 -6.80
C LYS B 300 37.36 6.19 -7.43
N GLU B 301 36.13 6.66 -7.61
CA GLU B 301 35.91 7.96 -8.21
C GLU B 301 36.37 9.06 -7.25
N PRO B 302 37.00 10.11 -7.76
CA PRO B 302 37.52 11.17 -6.88
C PRO B 302 36.43 12.06 -6.32
N ILE B 303 35.72 11.59 -5.29
CA ILE B 303 34.74 12.45 -4.64
C ILE B 303 35.47 13.41 -3.69
N LYS B 304 34.77 14.51 -3.36
CA LYS B 304 35.40 15.57 -2.58
C LYS B 304 35.79 15.11 -1.19
N LEU B 305 34.95 14.28 -0.55
CA LEU B 305 35.27 13.79 0.78
C LEU B 305 36.52 12.92 0.76
N LYS B 306 36.63 12.05 -0.24
CA LYS B 306 37.82 11.21 -0.36
C LYS B 306 39.06 12.04 -0.63
N THR B 307 38.94 13.03 -1.50
CA THR B 307 40.07 13.92 -1.78
C THR B 307 40.52 14.62 -0.51
N PHE B 308 39.57 15.12 0.28
CA PHE B 308 39.89 15.82 1.52
C PHE B 308 40.58 14.89 2.50
N VAL B 309 40.03 13.68 2.71
CA VAL B 309 40.61 12.78 3.70
C VAL B 309 41.94 12.20 3.24
N GLU B 310 42.21 12.20 1.94
CA GLU B 310 43.52 11.77 1.44
C GLU B 310 44.55 12.88 1.48
N ASN B 311 44.13 14.14 1.39
CA ASN B 311 45.10 15.22 1.33
C ASN B 311 45.39 15.82 2.70
N GLU B 312 44.34 16.19 3.44
CA GLU B 312 44.51 16.92 4.69
C GLU B 312 44.33 16.07 5.94
N CYS B 313 43.92 14.81 5.79
CA CYS B 313 43.60 13.96 6.94
C CYS B 313 44.44 12.69 6.86
N LYS B 314 45.74 12.86 6.68
CA LYS B 314 46.66 11.74 6.64
C LYS B 314 46.87 11.10 8.00
N GLU B 315 46.31 11.68 9.06
CA GLU B 315 46.36 11.09 10.39
C GLU B 315 45.15 10.22 10.69
N LEU B 316 44.02 10.45 10.04
CA LEU B 316 42.87 9.58 10.18
C LEU B 316 42.98 8.29 9.38
N VAL B 317 43.67 8.31 8.25
CA VAL B 317 43.86 7.10 7.46
C VAL B 317 44.88 6.16 8.08
N GLN B 318 45.68 6.64 9.04
CA GLN B 318 46.57 5.77 9.80
C GLN B 318 45.91 5.24 11.05
N PHE B 319 45.07 6.06 11.71
CA PHE B 319 44.35 5.60 12.89
C PHE B 319 43.41 4.46 12.54
N ALA B 320 42.73 4.56 11.40
CA ALA B 320 41.82 3.49 10.98
C ALA B 320 42.57 2.19 10.74
N GLN B 321 43.77 2.27 10.14
CA GLN B 321 44.56 1.07 9.94
C GLN B 321 45.07 0.51 11.27
N ASP B 322 45.39 1.39 12.22
CA ASP B 322 45.87 0.92 13.52
C ASP B 322 44.76 0.20 14.29
N THR B 323 43.53 0.68 14.21
CA THR B 323 42.45 0.01 14.92
C THR B 323 41.98 -1.26 14.21
N LEU B 324 42.29 -1.41 12.93
CA LEU B 324 41.86 -2.59 12.18
C LEU B 324 42.76 -3.80 12.41
N LYS B 325 43.98 -3.60 12.92
CA LYS B 325 44.90 -4.69 13.18
C LYS B 325 44.63 -5.38 14.51
N ASN B 326 43.63 -4.92 15.25
CA ASN B 326 43.18 -5.63 16.45
C ASN B 326 42.31 -6.82 16.13
N PHE B 327 41.78 -6.91 14.91
CA PHE B 327 40.81 -7.93 14.55
C PHE B 327 41.31 -8.89 13.47
N VAL B 328 42.38 -8.56 12.76
CA VAL B 328 42.96 -9.46 11.77
C VAL B 328 44.11 -10.20 12.43
N GLN B 329 43.87 -11.46 12.79
CA GLN B 329 44.85 -12.29 13.49
C GLN B 329 45.45 -11.60 14.71
N VAL C 2 29.81 40.50 6.84
CA VAL C 2 28.81 39.61 6.27
C VAL C 2 27.59 40.42 5.83
N LYS C 3 27.50 40.67 4.53
CA LYS C 3 26.39 41.44 3.98
C LYS C 3 25.34 40.50 3.40
N GLY C 4 24.08 40.72 3.77
CA GLY C 4 23.01 39.87 3.30
C GLY C 4 21.67 40.18 3.93
N SER C 5 20.85 39.16 4.13
CA SER C 5 19.51 39.34 4.69
C SER C 5 19.07 38.04 5.33
N VAL C 6 18.36 38.14 6.45
CA VAL C 6 17.90 36.98 7.21
C VAL C 6 16.37 37.04 7.26
N HIS C 7 15.72 36.01 6.73
CA HIS C 7 14.27 35.92 6.78
C HIS C 7 13.85 35.05 7.96
N LEU C 8 12.67 35.34 8.51
CA LEU C 8 12.25 34.72 9.76
C LEU C 8 10.74 34.52 9.78
N TRP C 9 10.27 33.80 10.79
CA TRP C 9 8.86 33.67 11.12
C TRP C 9 8.52 34.72 12.17
N GLY C 10 7.52 35.55 11.91
CA GLY C 10 7.08 36.50 12.91
C GLY C 10 6.40 37.69 12.29
N LYS C 11 6.16 38.69 13.14
CA LYS C 11 5.53 39.93 12.71
C LYS C 11 5.75 40.98 13.78
N ASP C 12 5.69 42.25 13.36
CA ASP C 12 5.78 43.41 14.27
C ASP C 12 7.08 43.42 15.05
N GLY C 13 8.14 42.85 14.49
CA GLY C 13 9.41 42.77 15.17
C GLY C 13 9.51 41.68 16.21
N LYS C 14 8.49 40.85 16.37
CA LYS C 14 8.48 39.76 17.32
C LYS C 14 8.38 38.45 16.56
N ALA C 15 9.29 37.52 16.85
CA ALA C 15 9.24 36.21 16.23
C ALA C 15 8.14 35.36 16.88
N SER C 16 7.43 34.61 16.04
CA SER C 16 6.33 33.80 16.54
C SER C 16 6.86 32.57 17.26
N LEU C 17 5.97 31.95 18.05
CA LEU C 17 6.38 30.84 18.89
C LEU C 17 6.38 29.50 18.17
N ILE C 18 5.83 29.43 16.94
CA ILE C 18 5.88 28.19 16.19
C ILE C 18 7.32 27.86 15.80
N SER C 19 8.11 28.88 15.49
CA SER C 19 9.49 28.69 15.08
C SER C 19 10.40 28.89 16.30
N VAL C 20 10.96 27.80 16.81
CA VAL C 20 11.79 27.86 18.00
C VAL C 20 13.20 28.36 17.71
N ASP C 21 13.59 28.45 16.44
CA ASP C 21 14.90 28.97 16.08
C ASP C 21 14.86 30.37 15.50
N SER C 22 13.68 30.84 15.06
CA SER C 22 13.53 32.27 14.79
C SER C 22 13.61 33.07 16.07
N ILE C 23 13.12 32.52 17.18
CA ILE C 23 13.25 33.17 18.47
C ILE C 23 14.69 33.15 18.94
N ALA C 24 15.38 32.02 18.76
CA ALA C 24 16.76 31.89 19.18
C ALA C 24 17.74 32.64 18.30
N LEU C 25 17.32 33.06 17.10
CA LEU C 25 18.20 33.80 16.22
C LEU C 25 18.16 35.30 16.47
N VAL C 26 17.02 35.84 16.92
CA VAL C 26 16.94 37.26 17.25
C VAL C 26 17.53 37.55 18.62
N TRP C 27 17.60 36.57 19.52
CA TRP C 27 18.38 36.71 20.73
C TRP C 27 19.86 36.66 20.46
N PHE C 28 20.27 36.03 19.36
CA PHE C 28 21.67 35.90 18.99
C PHE C 28 22.25 37.26 18.61
N ILE C 29 21.64 37.92 17.62
CA ILE C 29 22.14 39.21 17.16
C ILE C 29 22.21 40.21 18.31
N LYS C 30 21.15 40.28 19.12
CA LYS C 30 21.10 41.22 20.23
C LYS C 30 22.23 41.01 21.24
N LEU C 31 22.83 39.83 21.27
CA LEU C 31 23.88 39.54 22.24
C LEU C 31 25.27 39.72 21.65
N CYS C 32 25.37 40.14 20.40
CA CYS C 32 26.66 40.40 19.76
C CYS C 32 27.03 41.86 20.03
N THR C 33 27.75 42.09 21.13
CA THR C 33 28.11 43.45 21.53
C THR C 33 29.61 43.69 21.61
N SER C 34 30.42 42.64 21.69
CA SER C 34 31.86 42.84 21.71
C SER C 34 32.35 43.20 20.30
N GLU C 35 33.58 43.71 20.24
CA GLU C 35 34.10 44.22 18.97
C GLU C 35 34.21 43.12 17.92
N GLU C 36 34.67 41.93 18.31
CA GLU C 36 34.82 40.86 17.33
C GLU C 36 33.48 40.23 16.99
N ALA C 37 32.58 40.14 17.97
CA ALA C 37 31.30 39.48 17.73
C ALA C 37 30.36 40.37 16.93
N LYS C 38 30.44 41.69 17.10
CA LYS C 38 29.58 42.58 16.34
C LYS C 38 29.98 42.62 14.87
N SER C 39 31.25 42.34 14.57
CA SER C 39 31.68 42.25 13.18
C SER C 39 31.12 41.01 12.51
N MET C 40 30.77 39.99 13.30
CA MET C 40 30.18 38.78 12.74
C MET C 40 28.84 39.07 12.09
N VAL C 41 28.00 39.90 12.73
CA VAL C 41 26.67 40.19 12.23
C VAL C 41 26.54 41.59 11.66
N ALA C 42 27.62 42.36 11.60
CA ALA C 42 27.56 43.70 11.03
C ALA C 42 27.20 43.62 9.55
N GLY C 43 26.12 44.30 9.17
CA GLY C 43 25.62 44.30 7.81
C GLY C 43 24.41 43.43 7.58
N LEU C 44 24.04 42.57 8.53
CA LEU C 44 22.87 41.73 8.40
C LEU C 44 21.60 42.54 8.65
N GLN C 45 20.52 42.11 8.00
CA GLN C 45 19.21 42.74 8.15
C GLN C 45 18.16 41.67 8.40
N ILE C 46 17.16 42.01 9.19
CA ILE C 46 16.09 41.09 9.55
C ILE C 46 14.86 41.38 8.69
N VAL C 47 14.28 40.33 8.13
CA VAL C 47 13.06 40.44 7.34
C VAL C 47 12.08 39.39 7.84
N PHE C 48 10.86 39.80 8.18
CA PHE C 48 9.82 38.88 8.61
C PHE C 48 8.93 38.54 7.41
N SER C 49 9.52 37.78 6.48
CA SER C 49 8.86 37.53 5.20
C SER C 49 7.71 36.53 5.34
N ASN C 50 7.91 35.48 6.14
CA ASN C 50 6.90 34.44 6.39
C ASN C 50 6.54 33.65 5.14
N ASN C 51 7.44 33.50 4.17
CA ASN C 51 7.21 32.63 3.03
C ASN C 51 8.39 31.68 2.85
N THR C 52 8.11 30.38 2.93
CA THR C 52 9.14 29.36 2.81
C THR C 52 9.62 29.18 1.37
N ASP C 53 9.05 29.93 0.42
CA ASP C 53 9.46 29.86 -0.97
C ASP C 53 10.83 30.46 -1.21
N LEU C 54 11.38 31.18 -0.23
CA LEU C 54 12.74 31.69 -0.33
C LEU C 54 13.76 30.69 0.18
N SER C 55 13.34 29.75 1.02
CA SER C 55 14.26 28.82 1.64
C SER C 55 14.77 27.80 0.62
N SER C 56 16.01 27.37 0.81
CA SER C 56 16.57 26.35 -0.09
C SER C 56 15.98 24.98 0.20
N ASP C 57 15.52 24.73 1.44
CA ASP C 57 14.95 23.43 1.81
C ASP C 57 13.63 23.57 2.56
N GLY C 58 13.00 24.74 2.55
CA GLY C 58 11.67 24.90 3.07
C GLY C 58 11.56 25.50 4.46
N LYS C 59 12.69 25.76 5.13
CA LYS C 59 12.66 26.30 6.48
C LYS C 59 13.03 27.78 6.48
N LEU C 60 12.22 28.59 7.16
CA LEU C 60 12.35 30.04 7.07
C LEU C 60 13.56 30.70 7.72
N PRO C 61 14.15 30.19 8.80
CA PRO C 61 15.39 30.83 9.23
C PRO C 61 16.45 30.57 8.18
N VAL C 62 16.72 31.57 7.35
CA VAL C 62 17.50 31.41 6.13
C VAL C 62 18.29 32.69 5.88
N LEU C 63 19.52 32.52 5.41
CA LEU C 63 20.42 33.62 5.13
C LEU C 63 20.77 33.63 3.65
N ILE C 64 20.62 34.79 3.02
CA ILE C 64 20.88 34.98 1.59
C ILE C 64 21.95 36.06 1.46
N LEU C 65 23.14 35.68 1.01
CA LEU C 65 24.27 36.60 1.05
C LEU C 65 24.48 37.38 -0.23
N ASP C 66 23.43 38.00 -0.75
CA ASP C 66 23.57 39.06 -1.76
C ASP C 66 24.15 38.55 -3.09
N ASN C 67 24.56 37.29 -3.14
CA ASN C 67 25.15 36.72 -4.34
C ASN C 67 24.70 35.30 -4.62
N GLY C 68 23.52 34.90 -4.14
CA GLY C 68 22.99 33.59 -4.39
C GLY C 68 23.31 32.55 -3.35
N THR C 69 24.21 32.84 -2.40
CA THR C 69 24.50 31.89 -1.35
C THR C 69 23.37 31.85 -0.35
N LYS C 70 22.86 30.64 -0.09
CA LYS C 70 21.77 30.43 0.86
C LYS C 70 22.19 29.41 1.90
N VAL C 71 21.93 29.72 3.17
CA VAL C 71 22.06 28.74 4.23
C VAL C 71 20.76 28.73 5.02
N SER C 72 20.42 27.58 5.60
CA SER C 72 19.12 27.42 6.23
C SER C 72 19.28 26.78 7.60
N GLY C 73 18.35 27.09 8.49
CA GLY C 73 18.38 26.62 9.86
C GLY C 73 19.26 27.48 10.74
N TYR C 74 19.04 27.36 12.04
CA TYR C 74 19.83 28.09 13.02
C TYR C 74 21.21 27.48 13.23
N VAL C 75 21.33 26.17 13.11
CA VAL C 75 22.63 25.51 13.26
C VAL C 75 23.58 25.92 12.16
N ASN C 76 23.11 25.95 10.92
CA ASN C 76 23.99 26.25 9.80
C ASN C 76 24.37 27.73 9.75
N ILE C 77 23.45 28.61 10.13
CA ILE C 77 23.74 30.05 10.06
C ILE C 77 24.81 30.43 11.07
N VAL C 78 24.66 29.99 12.32
CA VAL C 78 25.66 30.33 13.34
C VAL C 78 26.98 29.65 13.11
N GLN C 79 27.01 28.50 12.43
CA GLN C 79 28.28 27.89 12.06
C GLN C 79 28.95 28.63 10.92
N PHE C 80 28.16 29.08 9.93
CA PHE C 80 28.73 29.86 8.85
C PHE C 80 29.29 31.19 9.36
N LEU C 81 28.55 31.85 10.25
CA LEU C 81 28.97 33.17 10.71
C LEU C 81 30.28 33.11 11.50
N HIS C 82 30.48 32.06 12.30
CA HIS C 82 31.71 31.92 13.04
C HIS C 82 32.93 31.68 12.15
N LYS C 83 32.73 31.32 10.89
CA LYS C 83 33.83 31.11 9.95
C LYS C 83 34.14 32.37 9.15
N ASN C 84 33.62 33.51 9.56
CA ASN C 84 33.94 34.80 8.98
C ASN C 84 34.43 35.77 10.06
N ILE C 85 35.28 35.27 10.95
CA ILE C 85 35.86 36.06 12.03
C ILE C 85 37.34 36.26 11.74
N CYS C 86 37.76 37.52 11.67
CA CYS C 86 39.16 37.82 11.39
C CYS C 86 40.07 37.53 12.58
N THR C 87 39.48 37.40 13.78
CA THR C 87 40.22 37.15 15.01
C THR C 87 41.24 38.26 15.25
N SER C 88 40.72 39.46 15.48
CA SER C 88 41.56 40.63 15.74
C SER C 88 41.16 41.30 17.05
N ASP C 99 28.12 38.98 27.65
CA ASP C 99 27.16 38.66 26.60
C ASP C 99 27.53 37.35 25.90
N LEU C 100 27.40 37.34 24.58
CA LEU C 100 27.68 36.14 23.81
C LEU C 100 29.19 35.97 23.63
N ALA C 101 29.72 34.84 24.08
CA ALA C 101 31.14 34.59 23.98
C ALA C 101 31.45 33.72 22.76
N ILE C 102 32.71 33.73 22.37
CA ILE C 102 33.22 32.92 21.25
C ILE C 102 34.08 31.82 21.84
N VAL C 103 33.80 30.57 21.44
CA VAL C 103 34.47 29.42 22.03
C VAL C 103 35.88 29.29 21.46
N ARG C 104 36.80 28.84 22.30
CA ARG C 104 38.18 28.64 21.90
C ARG C 104 38.30 27.45 20.95
N LYS C 105 39.48 27.29 20.35
CA LYS C 105 39.67 26.23 19.36
C LYS C 105 39.75 24.85 20.02
N LYS C 106 40.26 24.77 21.24
CA LYS C 106 40.47 23.49 21.89
C LYS C 106 39.18 22.76 22.22
N ASP C 107 38.05 23.46 22.30
CA ASP C 107 36.77 22.84 22.63
C ASP C 107 35.66 23.36 21.72
N ARG C 108 35.94 23.41 20.43
CA ARG C 108 34.96 23.82 19.43
C ARG C 108 34.08 22.67 18.95
N LEU C 109 34.67 21.47 18.83
CA LEU C 109 33.90 20.31 18.42
C LEU C 109 32.84 19.97 19.45
N LEU C 110 33.17 20.11 20.74
CA LEU C 110 32.18 19.84 21.78
C LEU C 110 31.00 20.80 21.69
N GLU C 111 31.29 22.08 21.42
CA GLU C 111 30.21 23.05 21.30
C GLU C 111 29.33 22.76 20.09
N TYR C 112 29.95 22.39 18.97
CA TYR C 112 29.17 22.02 17.80
C TYR C 112 28.32 20.78 18.09
N SER C 113 28.88 19.81 18.81
CA SER C 113 28.12 18.61 19.18
C SER C 113 26.93 18.96 20.05
N LEU C 114 27.14 19.83 21.04
CA LEU C 114 26.04 20.25 21.91
C LEU C 114 24.93 20.91 21.11
N LEU C 115 25.30 21.82 20.22
CA LEU C 115 24.28 22.57 19.48
C LEU C 115 23.52 21.65 18.55
N ASN C 116 24.23 20.75 17.86
CA ASN C 116 23.59 19.79 16.99
C ASN C 116 22.67 18.84 17.77
N TYR C 117 23.09 18.44 18.96
CA TYR C 117 22.27 17.54 19.76
C TYR C 117 20.94 18.20 20.12
N VAL C 118 20.98 19.46 20.55
CA VAL C 118 19.74 20.18 20.86
C VAL C 118 18.85 20.20 19.62
N ASP C 119 19.41 20.58 18.48
CA ASP C 119 18.61 20.67 17.27
C ASP C 119 17.96 19.33 16.95
N VAL C 120 18.74 18.25 17.00
CA VAL C 120 18.24 16.99 16.48
C VAL C 120 17.35 16.24 17.47
N GLU C 121 17.54 16.41 18.78
CA GLU C 121 16.78 15.64 19.75
C GLU C 121 15.78 16.46 20.55
N ILE C 122 16.14 17.64 21.03
CA ILE C 122 15.22 18.40 21.88
C ILE C 122 14.21 19.20 21.07
N SER C 123 14.62 19.76 19.93
CA SER C 123 13.66 20.43 19.06
C SER C 123 12.64 19.47 18.47
N ARG C 124 12.90 18.16 18.52
CA ARG C 124 11.91 17.17 18.15
C ARG C 124 10.72 17.20 19.09
N LEU C 125 10.96 17.35 20.39
CA LEU C 125 9.89 17.33 21.37
C LEU C 125 9.00 18.57 21.29
N THR C 126 9.57 19.73 20.98
CA THR C 126 8.78 20.96 20.93
C THR C 126 7.78 20.93 19.79
N ASP C 127 8.10 20.25 18.69
CA ASP C 127 7.11 20.07 17.64
C ASP C 127 5.93 19.25 18.11
N TYR C 128 6.17 18.25 18.96
CA TYR C 128 5.09 17.49 19.55
C TYR C 128 4.17 18.40 20.36
N GLN C 129 4.74 19.19 21.27
CA GLN C 129 3.94 20.07 22.12
C GLN C 129 3.16 21.10 21.32
N LEU C 130 3.56 21.38 20.08
CA LEU C 130 2.90 22.41 19.30
C LEU C 130 1.87 21.85 18.33
N PHE C 131 2.08 20.63 17.83
CA PHE C 131 1.21 20.13 16.78
C PHE C 131 0.51 18.82 17.11
N LEU C 132 1.03 18.02 18.03
CA LEU C 132 0.39 16.75 18.37
C LEU C 132 -0.35 16.78 19.70
N ASN C 133 -0.08 17.76 20.56
CA ASN C 133 -0.85 17.92 21.79
C ASN C 133 -2.12 18.67 21.44
N THR C 134 -3.27 17.99 21.59
CA THR C 134 -4.55 18.54 21.17
C THR C 134 -4.92 19.82 21.89
N LYS C 135 -4.67 19.90 23.20
CA LYS C 135 -4.99 21.10 23.97
C LYS C 135 -4.28 22.33 23.47
N ASN C 136 -3.11 22.19 22.83
CA ASN C 136 -2.37 23.31 22.29
C ASN C 136 -2.60 23.53 20.80
N TYR C 137 -2.76 22.45 20.03
CA TYR C 137 -2.95 22.60 18.60
C TYR C 137 -4.34 23.12 18.28
N ASN C 138 -5.35 22.65 19.02
CA ASN C 138 -6.73 22.95 18.67
C ASN C 138 -7.07 24.42 18.87
N GLU C 139 -6.62 25.03 19.97
CA GLU C 139 -7.10 26.36 20.32
C GLU C 139 -6.06 27.44 20.09
N TYR C 140 -4.78 27.08 20.03
CA TYR C 140 -3.71 28.06 19.93
C TYR C 140 -2.97 28.03 18.60
N THR C 141 -2.40 26.88 18.24
CA THR C 141 -1.48 26.83 17.10
C THR C 141 -2.17 27.20 15.80
N LYS C 142 -3.37 26.70 15.57
CA LYS C 142 -4.05 26.96 14.30
C LYS C 142 -4.38 28.43 14.13
N LYS C 143 -4.48 29.19 15.23
CA LYS C 143 -4.86 30.59 15.13
C LYS C 143 -3.72 31.43 14.54
N LEU C 144 -2.46 31.09 14.85
CA LEU C 144 -1.35 31.92 14.44
C LEU C 144 -1.22 32.00 12.92
N PHE C 145 -1.49 30.91 12.21
CA PHE C 145 -1.29 30.90 10.77
C PHE C 145 -2.28 31.80 10.05
N SER C 146 -3.47 31.98 10.63
CA SER C 146 -4.42 32.92 10.05
C SER C 146 -3.88 34.35 10.04
N LYS C 147 -3.08 34.71 11.03
CA LYS C 147 -2.46 36.03 11.08
C LYS C 147 -1.14 36.10 10.35
N LEU C 148 -0.43 34.99 10.20
CA LEU C 148 0.87 34.98 9.54
C LEU C 148 0.79 34.85 8.03
N LEU C 149 -0.10 34.00 7.50
CA LEU C 149 -0.17 33.76 6.07
C LEU C 149 -1.32 34.53 5.45
N TYR C 150 -1.57 34.31 4.17
CA TYR C 150 -2.59 35.03 3.41
C TYR C 150 -3.86 34.20 3.30
N PHE C 151 -4.94 34.87 2.91
CA PHE C 151 -6.29 34.29 2.96
C PHE C 151 -6.42 32.92 2.31
N PRO C 152 -5.95 32.69 1.07
CA PRO C 152 -6.07 31.34 0.51
C PRO C 152 -5.10 30.34 1.13
N MET C 153 -3.96 30.79 1.61
CA MET C 153 -2.97 29.89 2.21
C MET C 153 -3.14 29.80 3.73
N TRP C 154 -4.33 29.45 4.19
CA TRP C 154 -4.60 29.37 5.62
C TRP C 154 -4.76 27.95 6.14
N TYR C 155 -4.94 26.96 5.28
CA TYR C 155 -5.31 25.63 5.71
C TYR C 155 -4.28 24.55 5.41
N ASN C 156 -3.51 24.70 4.35
CA ASN C 156 -2.55 23.65 3.98
C ASN C 156 -1.34 23.62 4.91
N THR C 157 -0.85 24.80 5.31
CA THR C 157 0.36 24.85 6.13
C THR C 157 0.20 24.20 7.50
N PRO C 158 -0.83 24.49 8.29
CA PRO C 158 -0.96 23.78 9.58
C PRO C 158 -1.07 22.28 9.43
N LEU C 159 -1.82 21.81 8.43
CA LEU C 159 -1.94 20.38 8.19
C LEU C 159 -0.62 19.74 7.80
N GLN C 160 0.16 20.39 6.92
CA GLN C 160 1.46 19.83 6.54
C GLN C 160 2.41 19.80 7.72
N LEU C 161 2.43 20.87 8.52
CA LEU C 161 3.32 20.89 9.67
C LEU C 161 2.91 19.85 10.71
N ARG C 162 1.60 19.64 10.89
CA ARG C 162 1.15 18.61 11.81
C ARG C 162 1.50 17.21 11.30
N SER C 163 1.36 16.99 9.99
CA SER C 163 1.71 15.69 9.42
C SER C 163 3.20 15.41 9.56
N GLN C 164 4.03 16.42 9.31
CA GLN C 164 5.47 16.25 9.43
C GLN C 164 5.91 16.03 10.87
N ALA C 165 5.17 16.56 11.84
CA ALA C 165 5.57 16.50 13.24
C ALA C 165 5.43 15.12 13.85
N ARG C 166 4.55 14.27 13.31
CA ARG C 166 4.39 12.91 13.85
C ARG C 166 5.35 11.92 13.23
N GLU C 167 5.92 12.23 12.07
CA GLU C 167 6.90 11.32 11.46
C GLU C 167 8.17 11.23 12.29
N ASN C 168 8.61 12.35 12.85
CA ASN C 168 9.81 12.38 13.70
C ASN C 168 9.55 11.85 15.10
N CYS C 169 8.29 11.80 15.54
CA CYS C 169 7.97 11.47 16.92
C CYS C 169 7.20 10.17 17.05
N GLU C 170 6.94 9.47 15.94
CA GLU C 170 6.16 8.24 15.99
C GLU C 170 6.84 7.19 16.87
N GLU C 171 8.14 6.99 16.66
CA GLU C 171 8.84 5.91 17.33
C GLU C 171 9.22 6.24 18.77
N ILE C 172 8.89 7.44 19.26
CA ILE C 172 9.20 7.82 20.62
C ILE C 172 7.93 8.06 21.44
N ILE C 173 6.93 8.71 20.85
CA ILE C 173 5.68 8.97 21.57
C ILE C 173 4.56 8.29 20.79
N GLY C 174 4.84 7.08 20.27
CA GLY C 174 3.81 6.29 19.63
C GLY C 174 3.27 6.91 18.36
N LYS C 200 -28.84 5.12 16.46
CA LYS C 200 -29.00 6.57 16.40
C LYS C 200 -28.31 7.22 17.59
N THR C 201 -29.08 7.45 18.67
CA THR C 201 -28.53 8.05 19.88
C THR C 201 -27.59 7.08 20.61
N PHE C 202 -27.87 5.78 20.56
CA PHE C 202 -26.95 4.81 21.14
C PHE C 202 -25.61 4.83 20.41
N LYS C 203 -25.64 5.00 19.09
CA LYS C 203 -24.39 5.18 18.35
C LYS C 203 -23.67 6.44 18.80
N ILE C 204 -24.42 7.49 19.13
CA ILE C 204 -23.82 8.72 19.64
C ILE C 204 -23.12 8.45 20.97
N ALA C 205 -23.77 7.68 21.85
CA ALA C 205 -23.15 7.34 23.12
C ALA C 205 -21.90 6.47 22.93
N HIS C 206 -21.96 5.53 21.98
CA HIS C 206 -20.79 4.70 21.70
C HIS C 206 -19.63 5.55 21.18
N LYS C 207 -19.93 6.51 20.31
CA LYS C 207 -18.88 7.40 19.81
C LYS C 207 -18.37 8.33 20.89
N ASN C 208 -19.22 8.68 21.86
CA ASN C 208 -18.76 9.44 23.02
C ASN C 208 -17.85 8.62 23.91
N LYS C 209 -18.06 7.30 23.97
CA LYS C 209 -17.10 6.41 24.63
C LYS C 209 -15.74 6.45 23.96
N ILE C 210 -15.71 6.68 22.65
CA ILE C 210 -14.43 6.84 21.96
C ILE C 210 -13.70 8.06 22.50
N LYS C 211 -14.44 9.08 22.93
CA LYS C 211 -13.81 10.24 23.54
C LYS C 211 -13.08 9.85 24.83
N GLY C 212 -13.75 9.07 25.69
CA GLY C 212 -13.08 8.58 26.89
C GLY C 212 -11.86 7.76 26.57
N LYS C 213 -11.95 6.93 25.53
CA LYS C 213 -10.77 6.23 25.04
C LYS C 213 -9.68 7.21 24.62
N GLN C 214 -10.07 8.37 24.07
CA GLN C 214 -9.09 9.38 23.68
C GLN C 214 -8.38 9.95 24.90
N GLU C 215 -9.11 10.26 25.98
CA GLU C 215 -8.39 10.73 27.17
C GLU C 215 -7.53 9.62 27.77
N LEU C 216 -7.96 8.37 27.67
CA LEU C 216 -7.11 7.27 28.14
C LEU C 216 -5.79 7.24 27.36
N GLN C 217 -5.88 7.36 26.03
CA GLN C 217 -4.66 7.40 25.22
C GLN C 217 -3.81 8.62 25.55
N GLN C 218 -4.44 9.78 25.73
CA GLN C 218 -3.72 11.01 26.04
C GLN C 218 -3.00 10.96 27.38
N VAL C 219 -3.58 10.33 28.39
CA VAL C 219 -2.88 10.13 29.65
C VAL C 219 -1.88 8.98 29.58
N LYS C 220 -1.99 8.10 28.59
CA LYS C 220 -0.93 7.12 28.35
C LYS C 220 0.30 7.80 27.74
N TYR C 221 0.09 8.67 26.75
CA TYR C 221 1.21 9.27 26.02
C TYR C 221 2.04 10.22 26.87
N ASN C 222 1.39 10.97 27.76
CA ASN C 222 2.12 11.96 28.55
C ASN C 222 3.21 11.32 29.38
N LEU C 223 3.02 10.08 29.83
CA LEU C 223 4.06 9.38 30.57
C LEU C 223 5.26 9.05 29.70
N GLN C 224 5.05 8.79 28.41
CA GLN C 224 6.17 8.59 27.49
C GLN C 224 6.89 9.91 27.21
N PHE C 225 6.13 10.97 26.96
CA PHE C 225 6.73 12.27 26.68
C PHE C 225 7.56 12.76 27.86
N ASP C 226 7.02 12.65 29.07
CA ASP C 226 7.74 13.13 30.25
C ASP C 226 8.94 12.28 30.56
N ASN C 227 8.93 10.99 30.21
CA ASN C 227 10.10 10.15 30.39
C ASN C 227 11.19 10.46 29.37
N ARG C 228 10.81 10.81 28.14
CA ARG C 228 11.82 11.14 27.14
C ARG C 228 12.42 12.53 27.40
N LEU C 229 11.58 13.48 27.80
CA LEU C 229 12.06 14.84 28.02
C LEU C 229 13.04 14.90 29.18
N GLN C 230 12.72 14.20 30.27
CA GLN C 230 13.61 14.25 31.43
C GLN C 230 14.93 13.53 31.19
N SER C 231 15.01 12.70 30.15
CA SER C 231 16.26 12.06 29.78
C SER C 231 17.07 12.87 28.78
N CYS C 232 16.41 13.57 27.86
CA CYS C 232 17.15 14.40 26.90
C CYS C 232 17.85 15.56 27.60
N VAL C 233 17.11 16.32 28.41
CA VAL C 233 17.70 17.48 29.06
C VAL C 233 18.69 17.07 30.14
N SER C 234 18.52 15.90 30.75
CA SER C 234 19.51 15.41 31.69
C SER C 234 20.84 15.08 31.02
N ASN C 235 20.81 14.55 29.80
CA ASN C 235 22.03 14.36 29.02
C ASN C 235 22.63 15.70 28.63
N TRP C 236 21.80 16.65 28.19
CA TRP C 236 22.34 17.94 27.76
C TRP C 236 23.01 18.67 28.91
N LEU C 237 22.39 18.68 30.08
CA LEU C 237 23.00 19.36 31.23
C LEU C 237 24.24 18.65 31.74
N ALA C 238 24.33 17.33 31.57
CA ALA C 238 25.54 16.62 31.97
C ALA C 238 26.68 16.87 31.00
N ALA C 239 26.37 17.04 29.72
CA ALA C 239 27.42 17.35 28.74
C ALA C 239 27.87 18.80 28.85
N ARG C 240 26.94 19.71 29.11
CA ARG C 240 27.25 21.14 29.12
C ARG C 240 28.24 21.52 30.21
N LYS C 241 28.33 20.74 31.29
CA LYS C 241 29.23 21.04 32.38
C LYS C 241 30.70 20.95 32.00
N LYS C 242 31.02 20.34 30.85
CA LYS C 242 32.41 20.25 30.42
C LYS C 242 32.97 21.59 29.96
N LEU C 243 32.10 22.52 29.57
CA LEU C 243 32.51 23.85 29.15
C LEU C 243 32.37 24.81 30.33
N ASP C 244 32.58 26.10 30.06
CA ASP C 244 32.42 27.12 31.09
C ASP C 244 30.93 27.37 31.32
N ASP C 245 30.54 27.46 32.58
CA ASP C 245 29.15 27.66 32.95
C ASP C 245 28.80 29.12 33.20
N SER C 246 29.77 30.03 33.08
CA SER C 246 29.56 31.43 33.39
C SER C 246 29.44 32.30 32.13
N VAL C 247 29.35 31.69 30.96
CA VAL C 247 29.30 32.42 29.70
C VAL C 247 28.13 31.89 28.87
N ILE C 248 27.67 32.71 27.95
CA ILE C 248 26.55 32.38 27.07
C ILE C 248 27.12 31.96 25.73
N LEU C 249 26.79 30.75 25.30
CA LEU C 249 27.23 30.22 24.01
C LEU C 249 26.07 30.19 23.04
N SER C 250 26.40 29.99 21.76
CA SER C 250 25.37 29.94 20.74
C SER C 250 24.48 28.72 20.89
N SER C 251 24.94 27.70 21.62
CA SER C 251 24.15 26.50 21.83
C SER C 251 23.14 26.66 22.96
N ASP C 252 23.40 27.57 23.90
CA ASP C 252 22.47 27.82 25.00
C ASP C 252 21.24 28.59 24.56
N LEU C 253 21.37 29.45 23.56
CA LEU C 253 20.24 30.23 23.08
C LEU C 253 19.20 29.39 22.37
N LEU C 254 19.55 28.21 21.87
CA LEU C 254 18.59 27.32 21.23
C LEU C 254 17.93 26.40 22.25
N PHE C 255 18.63 26.06 23.33
CA PHE C 255 18.01 25.27 24.38
C PHE C 255 17.01 26.09 25.17
N LEU C 256 17.35 27.34 25.45
CA LEU C 256 16.43 28.19 26.21
C LEU C 256 15.22 28.60 25.39
N ALA C 257 15.39 28.75 24.07
CA ALA C 257 14.23 29.03 23.22
C ALA C 257 13.23 27.89 23.25
N ASN C 258 13.71 26.65 23.30
CA ASN C 258 12.81 25.50 23.37
C ASN C 258 12.00 25.53 24.66
N LEU C 259 12.63 25.82 25.79
CA LEU C 259 11.88 25.92 27.04
C LEU C 259 10.92 27.10 27.01
N TYR C 260 11.34 28.23 26.45
CA TYR C 260 10.47 29.38 26.37
C TYR C 260 9.20 29.06 25.57
N VAL C 261 9.35 28.36 24.45
CA VAL C 261 8.18 27.98 23.66
C VAL C 261 7.37 26.93 24.41
N GLN C 262 8.04 26.00 25.09
CA GLN C 262 7.35 24.84 25.64
C GLN C 262 6.56 25.19 26.89
N LEU C 263 7.05 26.12 27.71
CA LEU C 263 6.38 26.54 28.93
C LEU C 263 5.47 27.74 28.70
N GLY C 264 5.40 28.24 27.47
CA GLY C 264 4.59 29.39 27.16
C GLY C 264 3.29 29.01 26.48
N LEU C 265 2.99 27.74 26.46
CA LEU C 265 1.75 27.23 25.91
C LEU C 265 0.77 26.90 27.02
N PRO C 266 -0.53 26.88 26.72
CA PRO C 266 -1.52 26.63 27.78
C PRO C 266 -1.33 25.31 28.51
N ASP C 267 -0.79 24.30 27.83
CA ASP C 267 -0.49 23.01 28.46
C ASP C 267 0.91 22.99 29.05
N GLY C 268 1.46 24.16 29.36
CA GLY C 268 2.81 24.27 29.84
C GLY C 268 3.01 24.12 31.33
N ASN C 269 1.98 24.27 32.14
CA ASN C 269 2.10 24.13 33.59
C ASN C 269 2.45 22.72 34.03
N ARG C 270 1.90 21.70 33.38
CA ARG C 270 2.26 20.34 33.75
C ARG C 270 3.74 20.07 33.53
N ILE C 271 4.28 20.53 32.39
CA ILE C 271 5.71 20.36 32.13
C ILE C 271 6.53 21.19 33.09
N ARG C 272 6.05 22.40 33.40
CA ARG C 272 6.75 23.26 34.36
C ARG C 272 6.88 22.56 35.71
N SER C 273 5.82 21.85 36.12
CA SER C 273 5.86 21.12 37.39
C SER C 273 6.75 19.88 37.29
N LYS C 274 6.61 19.12 36.20
CA LYS C 274 7.35 17.87 36.06
C LYS C 274 8.85 18.10 36.00
N LEU C 275 9.29 19.08 35.19
CA LEU C 275 10.72 19.40 35.13
C LEU C 275 11.23 19.91 36.47
N GLU C 276 10.43 20.74 37.14
CA GLU C 276 10.87 21.34 38.40
C GLU C 276 11.06 20.28 39.48
N GLN C 277 10.10 19.36 39.62
CA GLN C 277 10.18 18.40 40.71
C GLN C 277 11.39 17.48 40.57
N THR C 278 11.90 17.31 39.35
CA THR C 278 13.01 16.40 39.11
C THR C 278 14.35 17.08 38.89
N PHE C 279 14.39 18.40 38.64
CA PHE C 279 15.66 19.09 38.46
C PHE C 279 15.95 20.17 39.49
N GLY C 280 14.94 20.81 40.03
CA GLY C 280 15.25 21.82 41.02
C GLY C 280 14.63 23.17 40.70
N SER C 281 13.87 23.69 41.66
CA SER C 281 13.23 24.99 41.51
C SER C 281 14.22 26.11 41.31
N GLU C 282 15.33 26.13 42.06
CA GLU C 282 16.31 27.20 41.90
C GLU C 282 16.94 27.17 40.51
N LEU C 283 17.25 25.97 40.01
CA LEU C 283 17.86 25.87 38.68
C LEU C 283 16.89 26.33 37.60
N LEU C 284 15.66 25.84 37.63
CA LEU C 284 14.73 26.21 36.58
C LEU C 284 14.33 27.68 36.69
N ASN C 285 14.34 28.21 37.92
CA ASN C 285 14.08 29.63 38.10
C ASN C 285 15.21 30.48 37.53
N SER C 286 16.46 30.04 37.71
CA SER C 286 17.57 30.75 37.08
C SER C 286 17.44 30.74 35.57
N MET C 287 17.07 29.60 35.01
CA MET C 287 16.91 29.52 33.56
C MET C 287 15.77 30.41 33.08
N SER C 288 14.66 30.45 33.81
CA SER C 288 13.56 31.33 33.44
C SER C 288 13.94 32.80 33.57
N ASN C 289 14.77 33.14 34.57
CA ASN C 289 15.28 34.50 34.68
C ASN C 289 16.13 34.87 33.48
N LYS C 290 16.98 33.94 33.02
CA LYS C 290 17.77 34.20 31.83
C LYS C 290 16.87 34.38 30.61
N ILE C 291 15.82 33.56 30.49
CA ILE C 291 14.90 33.71 29.37
C ILE C 291 14.24 35.08 29.40
N ASP C 292 13.81 35.52 30.58
CA ASP C 292 13.18 36.85 30.69
C ASP C 292 14.17 37.95 30.35
N ASP C 293 15.42 37.83 30.79
CA ASP C 293 16.42 38.83 30.46
C ASP C 293 16.64 38.91 28.95
N PHE C 294 16.69 37.76 28.29
CA PHE C 294 16.82 37.77 26.83
C PHE C 294 15.61 38.39 26.16
N VAL C 295 14.41 38.11 26.67
CA VAL C 295 13.20 38.64 26.04
C VAL C 295 13.15 40.15 26.15
N HIS C 296 13.52 40.70 27.32
CA HIS C 296 13.47 42.14 27.53
C HIS C 296 14.84 42.76 27.24
N ARG C 297 15.10 42.94 25.95
CA ARG C 297 16.31 43.58 25.46
C ARG C 297 15.96 44.67 24.46
N PRO C 298 16.68 45.79 24.46
CA PRO C 298 16.42 46.83 23.46
C PRO C 298 16.76 46.35 22.06
N SER C 299 16.00 46.83 21.07
CA SER C 299 16.21 46.46 19.68
C SER C 299 17.01 47.56 18.99
N ASN C 300 18.29 47.67 19.39
CA ASN C 300 19.23 48.59 18.80
C ASN C 300 20.20 47.93 17.84
N ASN C 301 20.71 46.74 18.20
CA ASN C 301 21.56 45.99 17.29
C ASN C 301 20.78 45.48 16.09
N LEU C 302 19.45 45.36 16.22
CA LEU C 302 18.62 44.98 15.09
C LEU C 302 18.60 46.07 14.03
N GLU C 303 18.55 45.66 12.77
CA GLU C 303 18.30 46.59 11.67
C GLU C 303 17.41 45.82 10.69
N GLN C 304 16.12 46.05 10.74
CA GLN C 304 15.17 45.27 9.98
C GLN C 304 14.67 46.05 8.78
N ARG C 305 13.93 45.37 7.92
CA ARG C 305 13.52 45.91 6.64
C ARG C 305 12.13 45.41 6.28
N ASP C 306 11.35 46.25 5.71
CA ASP C 306 10.04 45.89 5.20
C ASP C 306 10.22 44.99 3.98
N PRO C 307 9.61 43.79 3.98
CA PRO C 307 9.79 42.88 2.84
C PRO C 307 9.32 43.50 1.53
N GLN C 308 10.06 43.24 0.46
CA GLN C 308 9.72 43.72 -0.87
C GLN C 308 8.69 42.80 -1.51
N PHE C 309 8.05 43.31 -2.56
CA PHE C 309 6.99 42.57 -3.23
C PHE C 309 7.46 41.18 -3.64
N ARG C 310 8.62 41.12 -4.31
CA ARG C 310 9.13 39.84 -4.79
C ARG C 310 9.37 38.84 -3.68
N GLU C 311 9.49 39.30 -2.44
CA GLU C 311 9.67 38.42 -1.30
C GLU C 311 8.56 38.64 -0.27
N GLN C 312 7.33 38.80 -0.75
CA GLN C 312 6.18 38.89 0.13
C GLN C 312 5.48 37.55 0.35
N GLY C 313 5.28 36.77 -0.70
CA GLY C 313 4.56 35.52 -0.58
C GLY C 313 3.07 35.61 -0.83
N ASN C 314 2.61 36.61 -1.56
CA ASN C 314 1.19 36.79 -1.83
C ASN C 314 0.71 35.79 -2.88
N VAL C 315 -0.54 35.94 -3.31
CA VAL C 315 -1.14 34.99 -4.25
C VAL C 315 -0.40 35.01 -5.58
N VAL C 316 -0.11 36.20 -6.10
CA VAL C 316 0.51 36.32 -7.42
C VAL C 316 1.90 35.71 -7.40
N MET C 317 2.70 36.04 -6.40
CA MET C 317 4.05 35.50 -6.33
C MET C 317 4.04 34.00 -6.04
N SER C 318 3.07 33.53 -5.25
CA SER C 318 2.97 32.10 -5.02
C SER C 318 2.67 31.35 -6.31
N LEU C 319 1.73 31.87 -7.11
CA LEU C 319 1.44 31.24 -8.40
C LEU C 319 2.65 31.30 -9.33
N TYR C 320 3.35 32.43 -9.34
CA TYR C 320 4.54 32.56 -10.18
C TYR C 320 5.60 31.53 -9.79
N ASN C 321 5.84 31.38 -8.48
CA ASN C 321 6.86 30.43 -8.03
C ASN C 321 6.42 29.01 -8.32
N LEU C 322 5.15 28.69 -8.12
CA LEU C 322 4.63 27.36 -8.44
C LEU C 322 4.77 27.02 -9.91
N ALA C 323 4.51 27.98 -10.81
CA ALA C 323 4.72 27.78 -12.23
C ALA C 323 6.19 27.66 -12.59
N CYS C 324 7.07 28.43 -11.94
CA CYS C 324 8.48 28.38 -12.24
C CYS C 324 9.12 27.08 -11.76
N LYS C 325 8.60 26.49 -10.68
CA LYS C 325 9.19 25.27 -10.14
C LYS C 325 9.08 24.11 -11.13
N TYR C 326 8.02 24.08 -11.93
CA TYR C 326 7.85 23.03 -12.94
C TYR C 326 8.47 23.38 -14.28
N ILE C 327 8.95 24.60 -14.46
CA ILE C 327 9.60 24.99 -15.70
C ILE C 327 11.12 24.85 -15.57
N HIS D 90 -63.20 0.25 19.50
CA HIS D 90 -62.60 0.02 18.18
C HIS D 90 -63.60 0.35 17.07
N SER D 91 -64.48 1.32 17.33
CA SER D 91 -65.49 1.74 16.37
C SER D 91 -65.29 3.18 15.92
N HIS D 92 -65.07 4.10 16.86
CA HIS D 92 -64.87 5.50 16.50
C HIS D 92 -63.58 5.73 15.73
N ARG D 93 -62.62 4.81 15.85
CA ARG D 93 -61.34 4.98 15.16
C ARG D 93 -61.51 4.98 13.65
N GLN D 94 -62.37 4.09 13.14
CA GLN D 94 -62.66 4.08 11.70
C GLN D 94 -63.37 5.35 11.28
N SER D 95 -64.33 5.82 12.10
CA SER D 95 -65.06 7.04 11.77
C SER D 95 -64.16 8.26 11.77
N LEU D 96 -63.11 8.28 12.58
CA LEU D 96 -62.18 9.40 12.57
C LEU D 96 -61.39 9.49 11.27
N GLU D 97 -61.32 8.40 10.49
CA GLU D 97 -60.60 8.37 9.22
C GLU D 97 -59.13 8.72 9.40
N LEU D 98 -58.44 7.93 10.22
CA LEU D 98 -57.04 8.19 10.51
C LEU D 98 -56.18 7.84 9.29
N VAL D 99 -55.02 8.51 9.22
CA VAL D 99 -54.05 8.31 8.14
C VAL D 99 -52.84 7.59 8.72
N ASN D 100 -52.34 6.60 7.99
CA ASN D 100 -51.21 5.81 8.46
C ASN D 100 -49.96 6.68 8.57
N PRO D 101 -49.36 6.80 9.75
CA PRO D 101 -48.16 7.63 9.89
C PRO D 101 -46.92 6.93 9.36
N GLY D 102 -45.87 7.72 9.17
CA GLY D 102 -44.61 7.20 8.69
C GLY D 102 -43.80 6.53 9.78
N THR D 103 -42.64 6.02 9.40
CA THR D 103 -41.77 5.33 10.33
C THR D 103 -41.08 6.33 11.26
N VAL D 104 -40.56 5.80 12.37
CA VAL D 104 -39.82 6.62 13.33
C VAL D 104 -38.54 7.17 12.71
N GLU D 105 -37.86 6.40 11.85
CA GLU D 105 -36.59 6.83 11.29
C GLU D 105 -36.75 7.89 10.20
N ASN D 106 -37.96 8.04 9.66
CA ASN D 106 -38.20 8.94 8.53
C ASN D 106 -39.04 10.15 8.93
N LEU D 107 -39.05 10.53 10.21
CA LEU D 107 -39.75 11.75 10.61
C LEU D 107 -39.12 12.98 9.96
N ASN D 108 -37.81 13.13 10.13
CA ASN D 108 -37.06 14.23 9.54
C ASN D 108 -36.31 13.81 8.28
N LYS D 109 -36.85 12.85 7.53
CA LYS D 109 -36.21 12.44 6.29
C LYS D 109 -36.16 13.58 5.29
N GLU D 110 -37.26 14.33 5.17
CA GLU D 110 -37.31 15.45 4.23
C GLU D 110 -36.25 16.49 4.56
N VAL D 111 -35.91 16.63 5.84
CA VAL D 111 -34.95 17.64 6.27
C VAL D 111 -33.52 17.14 6.17
N SER D 112 -33.21 16.04 6.86
CA SER D 112 -31.83 15.60 6.98
C SER D 112 -31.38 14.75 5.80
N ARG D 113 -32.30 14.34 4.94
CA ARG D 113 -31.97 13.48 3.81
C ARG D 113 -32.00 14.21 2.48
N ASP D 114 -33.10 14.91 2.17
CA ASP D 114 -33.21 15.60 0.90
C ASP D 114 -32.66 17.02 0.98
N VAL D 115 -33.14 17.81 1.94
CA VAL D 115 -32.71 19.20 2.05
C VAL D 115 -31.25 19.27 2.48
N PHE D 116 -30.88 18.50 3.49
CA PHE D 116 -29.52 18.55 4.02
C PHE D 116 -28.58 17.73 3.16
N LEU D 117 -27.28 17.90 3.42
CA LEU D 117 -26.23 17.29 2.60
C LEU D 117 -25.17 16.57 3.41
N SER D 118 -25.42 16.31 4.70
CA SER D 118 -24.38 15.70 5.54
C SER D 118 -23.99 14.32 5.05
N GLN D 119 -24.96 13.51 4.64
CA GLN D 119 -24.64 12.17 4.16
C GLN D 119 -23.99 12.21 2.79
N TYR D 120 -24.38 13.17 1.95
CA TYR D 120 -23.85 13.25 0.60
C TYR D 120 -22.41 13.74 0.56
N PHE D 121 -21.97 14.46 1.58
CA PHE D 121 -20.64 15.07 1.57
C PHE D 121 -19.56 14.00 1.62
N PHE D 122 -18.45 14.28 0.93
CA PHE D 122 -17.30 13.39 0.89
C PHE D 122 -16.05 14.22 0.65
N THR D 123 -14.91 13.53 0.54
CA THR D 123 -13.63 14.19 0.30
C THR D 123 -12.86 13.42 -0.77
N GLY D 124 -11.99 14.14 -1.48
CA GLY D 124 -11.16 13.53 -2.50
C GLY D 124 -11.88 13.36 -3.82
N LEU D 125 -11.16 12.74 -4.77
CA LEU D 125 -11.69 12.48 -6.10
C LEU D 125 -12.32 11.09 -6.14
N ARG D 126 -13.41 10.98 -6.88
CA ARG D 126 -14.12 9.70 -7.00
C ARG D 126 -14.57 9.48 -8.43
N ALA D 127 -14.72 8.20 -8.79
CA ALA D 127 -15.22 7.78 -10.08
C ALA D 127 -16.17 6.60 -9.87
N ASP D 128 -17.34 6.66 -10.47
CA ASP D 128 -18.38 5.65 -10.29
C ASP D 128 -18.82 5.09 -11.63
N LEU D 129 -18.90 3.76 -11.71
CA LEU D 129 -19.36 3.05 -12.90
C LEU D 129 -20.48 2.11 -12.46
N ASN D 130 -21.72 2.45 -12.83
CA ASN D 130 -22.88 1.65 -12.45
C ASN D 130 -23.41 0.91 -13.68
N LYS D 131 -23.62 -0.40 -13.53
CA LYS D 131 -24.07 -1.23 -14.64
C LYS D 131 -25.24 -2.08 -14.18
N ALA D 132 -26.40 -1.87 -14.80
CA ALA D 132 -27.63 -2.57 -14.45
C ALA D 132 -27.96 -3.58 -15.54
N PHE D 133 -28.28 -4.81 -15.14
CA PHE D 133 -28.56 -5.88 -16.08
C PHE D 133 -30.04 -6.13 -16.30
N SER D 134 -30.90 -5.74 -15.36
CA SER D 134 -32.33 -5.92 -15.50
C SER D 134 -33.06 -4.92 -14.60
N MET D 135 -34.32 -4.67 -14.91
CA MET D 135 -35.14 -3.74 -14.14
C MET D 135 -36.29 -4.39 -13.40
N ASN D 136 -37.19 -5.12 -14.08
CA ASN D 136 -38.28 -5.76 -13.36
C ASN D 136 -37.71 -6.83 -12.41
N PRO D 137 -36.80 -7.71 -12.88
CA PRO D 137 -35.99 -8.46 -11.90
C PRO D 137 -34.72 -7.70 -11.59
N ALA D 138 -34.85 -6.61 -10.84
CA ALA D 138 -33.78 -5.63 -10.74
C ALA D 138 -32.47 -6.25 -10.27
N PHE D 139 -31.39 -5.93 -10.98
CA PHE D 139 -30.07 -6.43 -10.60
C PHE D 139 -29.03 -5.48 -11.18
N GLN D 140 -28.07 -5.08 -10.37
CA GLN D 140 -27.04 -4.18 -10.86
C GLN D 140 -25.79 -4.31 -10.01
N THR D 141 -24.68 -3.81 -10.57
CA THR D 141 -23.40 -3.73 -9.91
C THR D 141 -22.87 -2.31 -10.00
N SER D 142 -21.95 -1.99 -9.09
CA SER D 142 -21.40 -0.64 -8.98
C SER D 142 -19.93 -0.74 -8.64
N HIS D 143 -19.12 0.01 -9.38
CA HIS D 143 -17.67 0.04 -9.20
C HIS D 143 -17.27 1.46 -8.80
N THR D 144 -16.58 1.60 -7.67
CA THR D 144 -16.26 2.91 -7.13
C THR D 144 -14.76 2.99 -6.86
N PHE D 145 -14.13 4.04 -7.41
CA PHE D 145 -12.72 4.33 -7.20
C PHE D 145 -12.61 5.66 -6.48
N SER D 146 -11.82 5.71 -5.41
CA SER D 146 -11.59 6.93 -4.65
C SER D 146 -10.10 7.16 -4.49
N ILE D 147 -9.70 8.43 -4.50
CA ILE D 147 -8.29 8.81 -4.42
C ILE D 147 -8.19 10.14 -3.70
N GLY D 148 -7.08 10.34 -3.00
CA GLY D 148 -6.82 11.59 -2.31
C GLY D 148 -7.48 11.76 -0.96
N SER D 149 -8.18 10.74 -0.47
CA SER D 149 -8.85 10.83 0.82
C SER D 149 -8.69 9.52 1.56
N GLN D 150 -8.75 9.60 2.89
CA GLN D 150 -8.62 8.42 3.74
C GLN D 150 -9.96 7.87 4.21
N ALA D 151 -10.99 8.72 4.32
CA ALA D 151 -12.28 8.25 4.79
C ALA D 151 -12.93 7.29 3.80
N LEU D 152 -12.82 7.58 2.50
CA LEU D 152 -13.42 6.74 1.48
C LEU D 152 -12.46 5.63 1.07
N PRO D 153 -12.98 4.41 0.92
CA PRO D 153 -12.11 3.28 0.54
C PRO D 153 -11.59 3.43 -0.88
N LYS D 154 -10.41 2.86 -1.10
CA LYS D 154 -9.77 2.93 -2.42
C LYS D 154 -10.61 2.24 -3.48
N TYR D 155 -11.16 1.06 -3.15
CA TYR D 155 -11.96 0.27 -4.08
C TYR D 155 -13.27 -0.12 -3.40
N ALA D 156 -14.37 0.04 -4.13
CA ALA D 156 -15.68 -0.39 -3.64
C ALA D 156 -16.40 -1.16 -4.74
N PHE D 157 -16.97 -2.30 -4.37
CA PHE D 157 -17.78 -3.12 -5.26
C PHE D 157 -19.15 -3.31 -4.63
N SER D 158 -20.19 -3.08 -5.41
CA SER D 158 -21.57 -3.25 -4.93
C SER D 158 -22.34 -4.14 -5.88
N ALA D 159 -23.16 -5.03 -5.33
CA ALA D 159 -24.02 -5.88 -6.14
C ALA D 159 -25.37 -6.00 -5.44
N LEU D 160 -26.43 -5.57 -6.13
CA LEU D 160 -27.75 -5.59 -5.51
C LEU D 160 -28.75 -6.24 -6.45
N PHE D 161 -29.69 -6.96 -5.85
CA PHE D 161 -30.77 -7.63 -6.54
C PHE D 161 -32.08 -7.37 -5.80
N ALA D 162 -33.06 -6.85 -6.52
CA ALA D 162 -34.37 -6.53 -5.96
C ALA D 162 -35.44 -7.16 -6.86
N ASN D 163 -36.15 -8.15 -6.33
CA ASN D 163 -37.31 -8.72 -6.97
C ASN D 163 -38.58 -8.06 -6.40
N ASP D 164 -39.73 -8.67 -6.68
CA ASP D 164 -40.99 -8.07 -6.27
C ASP D 164 -41.08 -7.93 -4.76
N ASN D 165 -40.61 -8.93 -4.00
CA ASN D 165 -40.78 -8.93 -2.56
C ASN D 165 -39.49 -9.11 -1.76
N LEU D 166 -38.34 -9.21 -2.41
CA LEU D 166 -37.07 -9.42 -1.72
C LEU D 166 -36.02 -8.45 -2.25
N PHE D 167 -35.25 -7.86 -1.34
CA PHE D 167 -34.15 -6.98 -1.69
C PHE D 167 -32.89 -7.49 -0.99
N ALA D 168 -31.79 -7.58 -1.74
CA ALA D 168 -30.53 -8.05 -1.17
C ALA D 168 -29.38 -7.27 -1.80
N GLN D 169 -28.61 -6.59 -0.95
CA GLN D 169 -27.48 -5.79 -1.40
C GLN D 169 -26.22 -6.22 -0.67
N GLY D 170 -25.15 -6.43 -1.44
CA GLY D 170 -23.87 -6.78 -0.87
C GLY D 170 -22.80 -5.79 -1.30
N ASN D 171 -21.91 -5.46 -0.38
CA ASN D 171 -20.86 -4.47 -0.61
C ASN D 171 -19.53 -5.03 -0.13
N ILE D 172 -18.51 -4.92 -0.99
CA ILE D 172 -17.17 -5.39 -0.68
C ILE D 172 -16.21 -4.23 -0.85
N ASP D 173 -15.53 -3.86 0.24
CA ASP D 173 -14.52 -2.83 0.24
C ASP D 173 -13.16 -3.42 0.59
N ASN D 174 -12.11 -2.66 0.29
CA ASN D 174 -10.74 -3.10 0.56
C ASN D 174 -10.57 -3.46 2.03
N ASP D 175 -9.53 -4.24 2.31
CA ASP D 175 -9.31 -4.85 3.62
C ASP D 175 -10.45 -5.79 4.01
N LEU D 176 -11.12 -6.36 3.00
CA LEU D 176 -12.21 -7.32 3.20
C LEU D 176 -13.31 -6.76 4.09
N SER D 177 -13.81 -5.58 3.75
CA SER D 177 -14.94 -4.99 4.45
C SER D 177 -16.22 -5.48 3.79
N VAL D 178 -16.99 -6.31 4.49
CA VAL D 178 -18.16 -6.97 3.92
C VAL D 178 -19.41 -6.36 4.55
N SER D 179 -20.36 -5.95 3.72
CA SER D 179 -21.65 -5.45 4.19
C SER D 179 -22.76 -6.19 3.44
N GLY D 180 -23.82 -6.54 4.16
CA GLY D 180 -24.94 -7.23 3.54
C GLY D 180 -26.27 -6.83 4.15
N ARG D 181 -27.20 -6.38 3.30
CA ARG D 181 -28.51 -5.96 3.74
C ARG D 181 -29.56 -6.78 3.00
N LEU D 182 -30.58 -7.22 3.74
CA LEU D 182 -31.65 -8.03 3.16
C LEU D 182 -32.98 -7.56 3.72
N ASN D 183 -33.90 -7.20 2.82
CA ASN D 183 -35.27 -6.83 3.18
C ASN D 183 -36.23 -7.85 2.58
N TYR D 184 -37.25 -8.22 3.35
CA TYR D 184 -38.28 -9.14 2.86
C TYR D 184 -39.62 -8.72 3.43
N GLY D 185 -40.59 -8.49 2.55
CA GLY D 185 -41.94 -8.20 2.98
C GLY D 185 -42.81 -9.45 2.99
N TRP D 186 -42.98 -10.04 4.17
CA TRP D 186 -43.87 -11.19 4.30
C TRP D 186 -45.30 -10.82 3.96
N ASP D 187 -45.68 -9.57 4.17
CA ASP D 187 -46.99 -9.05 3.80
C ASP D 187 -46.83 -7.56 3.52
N LYS D 188 -47.92 -6.94 3.06
CA LYS D 188 -47.90 -5.51 2.80
C LYS D 188 -47.72 -4.71 4.08
N LYS D 189 -47.95 -5.34 5.24
CA LYS D 189 -47.82 -4.67 6.53
C LYS D 189 -46.52 -5.05 7.24
N ASN D 190 -46.19 -6.33 7.27
CA ASN D 190 -45.03 -6.81 8.03
C ASN D 190 -43.82 -6.88 7.10
N ILE D 191 -42.73 -6.22 7.49
CA ILE D 191 -41.47 -6.28 6.76
C ILE D 191 -40.34 -6.59 7.73
N SER D 192 -39.47 -7.52 7.34
CA SER D 192 -38.36 -7.94 8.18
C SER D 192 -37.05 -7.81 7.41
N LYS D 193 -36.03 -7.29 8.09
CA LYS D 193 -34.77 -6.99 7.43
C LYS D 193 -33.61 -7.28 8.37
N VAL D 194 -32.47 -7.60 7.74
CA VAL D 194 -31.25 -7.99 8.43
C VAL D 194 -30.07 -7.26 7.80
N ASN D 195 -29.15 -6.78 8.64
CA ASN D 195 -27.93 -6.12 8.20
C ASN D 195 -26.75 -6.76 8.92
N LEU D 196 -25.77 -7.23 8.15
CA LEU D 196 -24.59 -7.86 8.71
C LEU D 196 -23.35 -7.17 8.16
N GLN D 197 -22.46 -6.78 9.06
CA GLN D 197 -21.22 -6.10 8.68
C GLN D 197 -20.03 -6.77 9.33
N ILE D 198 -19.01 -7.04 8.51
CA ILE D 198 -17.74 -7.60 8.95
C ILE D 198 -16.64 -6.64 8.55
N SER D 199 -15.83 -6.23 9.53
CA SER D 199 -14.75 -5.27 9.32
C SER D 199 -13.39 -5.95 9.15
N ASP D 200 -13.35 -7.28 9.20
CA ASP D 200 -12.10 -8.04 9.07
C ASP D 200 -11.07 -7.59 10.10
N GLY D 201 -11.42 -7.81 11.37
CA GLY D 201 -10.58 -7.39 12.48
C GLY D 201 -11.40 -6.90 13.65
N GLN D 202 -12.69 -6.71 13.43
CA GLN D 202 -13.65 -6.29 14.45
C GLN D 202 -14.78 -7.31 14.54
N PRO D 203 -15.44 -7.41 15.69
CA PRO D 203 -16.54 -8.37 15.82
C PRO D 203 -17.66 -8.07 14.82
N THR D 204 -18.23 -9.14 14.27
CA THR D 204 -19.28 -9.00 13.28
C THR D 204 -20.52 -8.37 13.91
N MET D 205 -21.10 -7.40 13.20
CA MET D 205 -22.29 -6.71 13.66
C MET D 205 -23.50 -7.31 12.95
N CYS D 206 -24.42 -7.88 13.72
CA CYS D 206 -25.65 -8.45 13.19
C CYS D 206 -26.83 -7.66 13.74
N GLN D 207 -27.70 -7.21 12.84
CA GLN D 207 -28.74 -6.25 13.17
C GLN D 207 -30.05 -6.72 12.55
N LEU D 208 -31.10 -6.81 13.36
CA LEU D 208 -32.40 -7.26 12.89
C LEU D 208 -33.44 -6.16 13.12
N GLU D 209 -34.37 -6.02 12.19
CA GLU D 209 -35.45 -5.05 12.31
C GLU D 209 -36.74 -5.65 11.75
N GLN D 210 -37.81 -5.57 12.54
CA GLN D 210 -39.14 -6.01 12.12
C GLN D 210 -40.11 -4.87 12.33
N ASP D 211 -40.80 -4.46 11.26
CA ASP D 211 -41.72 -3.34 11.33
C ASP D 211 -43.09 -3.73 10.77
N TYR D 212 -44.13 -3.14 11.35
CA TYR D 212 -45.52 -3.41 11.01
C TYR D 212 -46.23 -2.08 10.87
N GLN D 213 -46.72 -1.78 9.66
CA GLN D 213 -47.38 -0.53 9.34
C GLN D 213 -48.88 -0.78 9.25
N ALA D 214 -49.58 -0.62 10.37
CA ALA D 214 -51.01 -0.89 10.43
C ALA D 214 -51.77 0.22 9.71
N SER D 215 -53.10 0.16 9.75
CA SER D 215 -53.91 1.12 9.03
C SER D 215 -53.75 2.54 9.58
N ASP D 216 -53.56 2.65 10.90
CA ASP D 216 -53.48 3.97 11.53
C ASP D 216 -52.31 4.11 12.50
N PHE D 217 -51.39 3.15 12.53
CA PHE D 217 -50.22 3.26 13.39
C PHE D 217 -49.11 2.38 12.86
N SER D 218 -47.90 2.63 13.36
CA SER D 218 -46.71 1.89 12.98
C SER D 218 -45.96 1.45 14.22
N VAL D 219 -45.56 0.18 14.25
CA VAL D 219 -44.83 -0.40 15.37
C VAL D 219 -43.58 -1.08 14.83
N ASN D 220 -42.43 -0.76 15.39
CA ASN D 220 -41.22 -1.42 14.93
C ASN D 220 -40.35 -1.85 16.11
N VAL D 221 -39.63 -2.95 15.89
CA VAL D 221 -38.71 -3.51 16.88
C VAL D 221 -37.37 -3.77 16.20
N LYS D 222 -36.31 -3.34 16.85
CA LYS D 222 -34.94 -3.44 16.34
C LYS D 222 -34.05 -4.06 17.40
N THR D 223 -33.27 -5.07 17.01
CA THR D 223 -32.35 -5.72 17.93
C THR D 223 -30.94 -5.72 17.35
N LEU D 224 -29.96 -5.43 18.21
CA LEU D 224 -28.55 -5.52 17.89
C LEU D 224 -27.89 -6.48 18.87
N ASN D 225 -27.16 -7.46 18.32
CA ASN D 225 -26.48 -8.51 19.06
C ASN D 225 -27.43 -9.26 20.00
N PRO D 226 -28.41 -9.98 19.48
CA PRO D 226 -29.26 -10.80 20.35
C PRO D 226 -28.44 -11.83 21.11
N SER D 227 -28.81 -12.02 22.38
CA SER D 227 -28.12 -12.98 23.24
C SER D 227 -28.98 -13.25 24.46
N PHE D 228 -29.08 -14.52 24.83
CA PHE D 228 -29.82 -14.94 26.00
C PHE D 228 -28.90 -15.76 26.90
N SER D 229 -28.89 -15.42 28.18
CA SER D 229 -28.05 -16.11 29.14
C SER D 229 -28.64 -17.49 29.48
N GLU D 230 -27.99 -18.19 30.42
CA GLU D 230 -28.48 -19.50 30.82
C GLU D 230 -29.84 -19.43 31.50
N LYS D 231 -30.21 -18.28 32.03
CA LYS D 231 -31.51 -18.09 32.67
C LYS D 231 -32.57 -17.56 31.71
N GLY D 232 -32.21 -17.32 30.45
CA GLY D 232 -33.17 -16.82 29.48
C GLY D 232 -33.35 -15.32 29.46
N GLU D 233 -32.39 -14.56 29.96
CA GLU D 233 -32.48 -13.11 30.00
C GLU D 233 -31.76 -12.50 28.80
N PHE D 234 -32.46 -11.60 28.10
CA PHE D 234 -31.93 -11.04 26.88
C PHE D 234 -30.78 -10.08 27.15
N THR D 235 -29.79 -10.08 26.27
CA THR D 235 -28.63 -9.20 26.37
C THR D 235 -28.33 -8.64 24.99
N GLY D 236 -28.19 -7.32 24.91
CA GLY D 236 -27.93 -6.67 23.64
C GLY D 236 -28.54 -5.28 23.64
N VAL D 237 -28.94 -4.83 22.44
CA VAL D 237 -29.56 -3.52 22.26
C VAL D 237 -30.94 -3.73 21.65
N ALA D 238 -31.95 -3.08 22.23
CA ALA D 238 -33.31 -3.19 21.74
C ALA D 238 -33.92 -1.80 21.60
N VAL D 239 -34.59 -1.56 20.48
CA VAL D 239 -35.27 -0.30 20.20
C VAL D 239 -36.69 -0.63 19.75
N ALA D 240 -37.67 -0.25 20.55
CA ALA D 240 -39.06 -0.51 20.23
C ALA D 240 -39.81 0.82 20.17
N SER D 241 -40.39 1.11 19.00
CA SER D 241 -41.06 2.39 18.82
C SER D 241 -42.47 2.17 18.30
N PHE D 242 -43.38 2.99 18.83
CA PHE D 242 -44.79 2.99 18.45
C PHE D 242 -45.16 4.41 18.05
N LEU D 243 -45.93 4.55 16.98
CA LEU D 243 -46.36 5.87 16.52
C LEU D 243 -47.76 5.75 15.93
N GLN D 244 -48.72 6.45 16.52
CA GLN D 244 -50.10 6.43 16.03
C GLN D 244 -50.57 7.85 15.77
N SER D 245 -51.36 8.03 14.72
CA SER D 245 -51.89 9.33 14.36
C SER D 245 -53.25 9.50 15.04
N VAL D 246 -53.33 10.43 15.99
CA VAL D 246 -54.59 10.75 16.63
C VAL D 246 -55.54 11.46 15.67
N THR D 247 -55.01 12.23 14.74
CA THR D 247 -55.79 12.94 13.74
C THR D 247 -55.00 12.92 12.44
N PRO D 248 -55.68 13.04 11.29
CA PRO D 248 -54.96 12.99 10.00
C PRO D 248 -53.82 13.99 9.86
N GLN D 249 -53.66 14.94 10.78
CA GLN D 249 -52.55 15.89 10.73
C GLN D 249 -51.50 15.64 11.79
N LEU D 250 -51.88 15.18 12.97
CA LEU D 250 -50.95 14.96 14.07
C LEU D 250 -50.69 13.48 14.28
N ALA D 251 -49.46 13.17 14.69
CA ALA D 251 -49.07 11.79 14.98
C ALA D 251 -48.18 11.80 16.21
N LEU D 252 -48.58 11.07 17.26
CA LEU D 252 -47.85 11.02 18.51
C LEU D 252 -47.37 9.60 18.76
N GLY D 253 -46.27 9.47 19.48
CA GLY D 253 -45.81 8.14 19.84
C GLY D 253 -44.61 8.18 20.75
N LEU D 254 -44.11 6.99 21.07
CA LEU D 254 -43.03 6.85 22.02
C LEU D 254 -42.02 5.84 21.49
N GLU D 255 -40.83 5.86 22.11
CA GLU D 255 -39.73 4.96 21.78
C GLU D 255 -39.05 4.55 23.07
N THR D 256 -38.72 3.26 23.17
CA THR D 256 -38.03 2.71 24.33
C THR D 256 -36.76 2.00 23.88
N LEU D 257 -35.64 2.35 24.50
CA LEU D 257 -34.35 1.76 24.21
C LEU D 257 -33.85 1.03 25.44
N TYR D 258 -33.46 -0.24 25.25
CA TYR D 258 -32.95 -1.09 26.32
C TYR D 258 -31.55 -1.55 25.96
N SER D 259 -30.60 -1.35 26.87
CA SER D 259 -29.21 -1.71 26.61
C SER D 259 -28.70 -2.57 27.75
N ARG D 260 -28.34 -3.81 27.44
CA ARG D 260 -27.76 -4.73 28.42
C ARG D 260 -26.46 -5.26 27.82
N THR D 261 -25.34 -5.05 28.53
CA THR D 261 -24.03 -5.37 27.98
C THR D 261 -23.57 -6.76 28.38
N ASP D 262 -23.47 -7.01 29.70
CA ASP D 262 -22.94 -8.27 30.20
C ASP D 262 -24.02 -9.28 30.54
N GLY D 263 -25.18 -8.84 31.02
CA GLY D 263 -26.28 -9.70 31.40
C GLY D 263 -26.36 -9.96 32.90
N SER D 264 -25.27 -9.73 33.62
CA SER D 264 -25.30 -9.88 35.08
C SER D 264 -26.23 -8.85 35.71
N ALA D 265 -26.16 -7.61 35.25
CA ALA D 265 -27.02 -6.53 35.73
C ALA D 265 -28.04 -6.14 34.67
N PRO D 266 -29.23 -5.72 35.06
CA PRO D 266 -30.23 -5.30 34.07
C PRO D 266 -29.77 -4.07 33.31
N GLY D 267 -30.13 -4.04 32.02
CA GLY D 267 -29.71 -2.95 31.17
C GLY D 267 -30.47 -1.67 31.45
N ASP D 268 -29.91 -0.57 30.99
CA ASP D 268 -30.50 0.75 31.12
C ASP D 268 -31.64 0.92 30.12
N ALA D 269 -32.69 1.60 30.55
CA ALA D 269 -33.88 1.84 29.75
C ALA D 269 -34.10 3.34 29.59
N GLY D 270 -34.36 3.76 28.36
CA GLY D 270 -34.61 5.15 28.06
C GLY D 270 -35.87 5.35 27.21
N VAL D 271 -36.70 6.31 27.59
CA VAL D 271 -37.98 6.54 26.93
C VAL D 271 -37.96 7.94 26.31
N SER D 272 -38.30 8.02 25.03
CA SER D 272 -38.36 9.28 24.31
C SER D 272 -39.71 9.42 23.63
N TYR D 273 -40.12 10.65 23.37
CA TYR D 273 -41.40 10.93 22.71
C TYR D 273 -41.16 11.55 21.34
N LEU D 274 -41.95 11.11 20.36
CA LEU D 274 -41.89 11.64 19.01
C LEU D 274 -43.26 12.16 18.59
N THR D 275 -43.25 13.32 17.92
CA THR D 275 -44.47 13.94 17.44
C THR D 275 -44.22 14.48 16.03
N ARG D 276 -45.27 14.46 15.21
CA ARG D 276 -45.18 14.91 13.83
C ARG D 276 -46.47 15.61 13.43
N TYR D 277 -46.33 16.72 12.69
CA TYR D 277 -47.48 17.43 12.15
C TYR D 277 -47.23 17.73 10.68
N VAL D 278 -48.28 17.55 9.87
CA VAL D 278 -48.25 17.88 8.44
C VAL D 278 -49.33 18.93 8.18
N SER D 279 -48.96 20.00 7.49
CA SER D 279 -49.90 21.07 7.21
C SER D 279 -50.99 20.59 6.26
N LYS D 280 -52.14 21.27 6.32
CA LYS D 280 -53.28 20.89 5.49
C LYS D 280 -52.96 21.02 4.00
N LYS D 281 -52.27 22.08 3.62
CA LYS D 281 -51.92 22.33 2.22
C LYS D 281 -50.56 21.74 1.86
N GLN D 282 -49.95 20.96 2.76
CA GLN D 282 -48.65 20.33 2.55
C GLN D 282 -47.54 21.34 2.32
N ASP D 283 -47.74 22.59 2.76
CA ASP D 283 -46.72 23.61 2.58
C ASP D 283 -45.49 23.33 3.45
N TRP D 284 -45.71 22.85 4.67
CA TRP D 284 -44.60 22.59 5.58
C TRP D 284 -44.95 21.41 6.48
N ILE D 285 -43.90 20.76 6.96
CA ILE D 285 -44.02 19.61 7.86
C ILE D 285 -43.10 19.82 9.05
N PHE D 286 -43.62 19.59 10.25
CA PHE D 286 -42.87 19.78 11.49
C PHE D 286 -42.71 18.47 12.22
N SER D 287 -41.54 18.26 12.82
CA SER D 287 -41.26 17.06 13.59
C SER D 287 -40.57 17.45 14.89
N GLY D 288 -40.90 16.76 15.97
CA GLY D 288 -40.32 17.03 17.27
C GLY D 288 -39.98 15.77 18.00
N GLN D 289 -38.84 15.79 18.68
CA GLN D 289 -38.36 14.66 19.48
C GLN D 289 -37.91 15.16 20.84
N LEU D 290 -38.41 14.52 21.90
CA LEU D 290 -38.00 14.82 23.26
C LEU D 290 -37.35 13.58 23.86
N GLN D 291 -36.08 13.70 24.23
CA GLN D 291 -35.33 12.58 24.77
C GLN D 291 -35.59 12.43 26.27
N ALA D 292 -35.07 11.33 26.83
CA ALA D 292 -35.24 11.06 28.25
C ALA D 292 -34.49 12.04 29.14
N ASN D 293 -33.45 12.69 28.61
CA ASN D 293 -32.66 13.64 29.38
C ASN D 293 -33.13 15.08 29.20
N GLY D 294 -34.26 15.29 28.55
CA GLY D 294 -34.78 16.62 28.32
C GLY D 294 -34.33 17.29 27.04
N ALA D 295 -33.43 16.65 26.29
CA ALA D 295 -33.00 17.22 25.02
C ALA D 295 -34.16 17.27 24.02
N LEU D 296 -34.23 18.38 23.30
CA LEU D 296 -35.33 18.63 22.36
C LEU D 296 -34.75 18.85 20.97
N ILE D 297 -35.30 18.16 19.98
CA ILE D 297 -34.90 18.29 18.59
C ILE D 297 -36.13 18.67 17.78
N ALA D 298 -36.07 19.82 17.10
CA ALA D 298 -37.19 20.32 16.33
C ALA D 298 -36.74 20.53 14.89
N SER D 299 -37.50 19.98 13.94
CA SER D 299 -37.18 20.09 12.53
C SER D 299 -38.40 20.56 11.76
N LEU D 300 -38.14 21.34 10.71
CA LEU D 300 -39.20 21.86 9.86
C LEU D 300 -38.74 21.81 8.40
N TRP D 301 -39.60 21.30 7.54
CA TRP D 301 -39.35 21.25 6.10
C TRP D 301 -40.42 22.07 5.38
N ARG D 302 -39.97 22.88 4.41
CA ARG D 302 -40.87 23.72 3.64
C ARG D 302 -40.52 23.61 2.16
N LYS D 303 -41.54 23.71 1.31
CA LYS D 303 -41.36 23.66 -0.14
C LYS D 303 -41.87 24.97 -0.72
N VAL D 304 -40.95 25.87 -1.08
CA VAL D 304 -41.36 27.19 -1.56
C VAL D 304 -41.99 27.07 -2.95
N ALA D 305 -41.39 26.26 -3.82
CA ALA D 305 -41.93 26.03 -5.14
C ALA D 305 -41.52 24.63 -5.57
N GLN D 306 -41.82 24.30 -6.83
CA GLN D 306 -41.52 22.96 -7.34
C GLN D 306 -40.02 22.68 -7.31
N ASN D 307 -39.19 23.71 -7.47
CA ASN D 307 -37.75 23.54 -7.60
C ASN D 307 -36.97 24.00 -6.39
N VAL D 308 -37.61 24.60 -5.39
CA VAL D 308 -36.89 25.17 -4.25
C VAL D 308 -37.54 24.71 -2.94
N GLU D 309 -36.72 24.17 -2.05
CA GLU D 309 -37.16 23.74 -0.73
C GLU D 309 -36.14 24.17 0.32
N ALA D 310 -36.62 24.27 1.55
CA ALA D 310 -35.77 24.69 2.67
C ALA D 310 -36.06 23.81 3.88
N GLY D 311 -35.11 23.77 4.79
CA GLY D 311 -35.27 22.99 6.00
C GLY D 311 -34.46 23.59 7.14
N ILE D 312 -34.96 23.39 8.36
CA ILE D 312 -34.29 23.87 9.56
C ILE D 312 -34.33 22.77 10.61
N GLU D 313 -33.24 22.61 11.35
CA GLU D 313 -33.14 21.58 12.37
C GLU D 313 -32.36 22.13 13.56
N THR D 314 -33.00 22.18 14.72
CA THR D 314 -32.39 22.73 15.92
C THR D 314 -32.43 21.69 17.03
N THR D 315 -31.27 21.38 17.59
CA THR D 315 -31.15 20.46 18.71
C THR D 315 -30.69 21.24 19.94
N LEU D 316 -31.19 20.85 21.11
CA LEU D 316 -30.80 21.53 22.33
C LEU D 316 -30.91 20.56 23.50
N GLN D 317 -30.23 20.90 24.59
CA GLN D 317 -30.23 20.07 25.79
C GLN D 317 -30.90 20.79 26.95
N PRO D 336 -30.00 25.78 34.59
CA PRO D 336 -29.50 24.54 34.01
C PRO D 336 -28.49 24.78 32.88
N THR D 337 -27.81 23.72 32.44
CA THR D 337 -26.82 23.79 31.38
C THR D 337 -27.50 23.36 30.07
N VAL D 338 -27.86 24.34 29.24
CA VAL D 338 -28.52 24.10 27.97
C VAL D 338 -27.60 24.57 26.85
N GLU D 339 -27.30 23.67 25.92
CA GLU D 339 -26.48 24.00 24.76
C GLU D 339 -27.20 23.50 23.52
N GLY D 340 -27.17 24.31 22.46
CA GLY D 340 -27.92 24.00 21.27
C GLY D 340 -27.14 24.26 20.00
N SER D 341 -27.58 23.61 18.92
CA SER D 341 -27.02 23.77 17.60
C SER D 341 -28.15 23.89 16.59
N THR D 342 -28.01 24.82 15.65
CA THR D 342 -29.01 25.08 14.63
C THR D 342 -28.38 24.92 13.25
N THR D 343 -29.06 24.17 12.38
CA THR D 343 -28.60 23.93 11.02
C THR D 343 -29.71 24.29 10.05
N ILE D 344 -29.38 25.07 9.02
CA ILE D 344 -30.32 25.45 7.99
C ILE D 344 -29.82 24.92 6.66
N GLY D 345 -30.75 24.46 5.82
CA GLY D 345 -30.40 23.90 4.53
C GLY D 345 -31.36 24.33 3.46
N ALA D 346 -30.84 24.41 2.23
CA ALA D 346 -31.64 24.78 1.07
C ALA D 346 -31.33 23.81 -0.06
N LYS D 347 -32.37 23.43 -0.79
CA LYS D 347 -32.26 22.50 -1.90
C LYS D 347 -32.89 23.10 -3.15
N TYR D 348 -32.10 23.19 -4.22
CA TYR D 348 -32.56 23.67 -5.51
C TYR D 348 -32.53 22.51 -6.49
N GLU D 349 -33.69 22.16 -7.03
CA GLU D 349 -33.83 21.03 -7.95
C GLU D 349 -34.05 21.54 -9.36
N TYR D 350 -33.23 21.08 -10.29
CA TYR D 350 -33.38 21.44 -11.70
C TYR D 350 -33.11 20.21 -12.55
N ARG D 351 -33.54 20.28 -13.81
CA ARG D 351 -33.31 19.18 -14.74
C ARG D 351 -31.83 18.99 -15.02
N GLN D 352 -31.06 20.08 -15.13
CA GLN D 352 -29.64 20.00 -15.45
C GLN D 352 -28.77 19.72 -14.24
N SER D 353 -29.16 20.18 -13.06
CA SER D 353 -28.32 20.01 -11.88
C SER D 353 -29.17 20.19 -10.63
N VAL D 354 -28.64 19.70 -9.51
CA VAL D 354 -29.28 19.80 -8.21
C VAL D 354 -28.26 20.35 -7.21
N TYR D 355 -28.62 21.42 -6.51
CA TYR D 355 -27.75 22.06 -5.54
C TYR D 355 -28.30 21.89 -4.13
N ARG D 356 -27.40 21.72 -3.17
CA ARG D 356 -27.75 21.71 -1.75
C ARG D 356 -26.75 22.59 -1.00
N GLY D 357 -27.27 23.43 -0.10
CA GLY D 357 -26.45 24.29 0.71
C GLY D 357 -26.83 24.17 2.17
N THR D 358 -25.83 24.28 3.05
CA THR D 358 -26.03 24.12 4.48
C THR D 358 -25.22 25.16 5.23
N LEU D 359 -25.86 25.80 6.20
CA LEU D 359 -25.22 26.77 7.08
C LEU D 359 -25.47 26.37 8.53
N ASP D 360 -24.42 26.39 9.33
CA ASP D 360 -24.52 25.99 10.73
C ASP D 360 -24.34 27.18 11.65
N SER D 361 -24.92 27.09 12.85
CA SER D 361 -24.81 28.15 13.84
C SER D 361 -23.39 28.35 14.34
N ASN D 362 -22.50 27.39 14.11
CA ASN D 362 -21.10 27.53 14.50
C ASN D 362 -20.31 28.43 13.56
N GLY D 363 -20.91 28.84 12.44
CA GLY D 363 -20.23 29.70 11.49
C GLY D 363 -19.61 28.98 10.31
N LYS D 364 -20.06 27.77 9.99
CA LYS D 364 -19.50 26.99 8.90
C LYS D 364 -20.56 26.74 7.83
N VAL D 365 -20.09 26.63 6.58
CA VAL D 365 -20.98 26.44 5.44
C VAL D 365 -20.50 25.23 4.65
N ALA D 366 -21.44 24.64 3.90
CA ALA D 366 -21.15 23.48 3.07
C ALA D 366 -22.04 23.53 1.83
N CYS D 367 -21.49 23.06 0.72
CA CYS D 367 -22.21 23.02 -0.55
C CYS D 367 -21.98 21.67 -1.22
N PHE D 368 -23.03 21.20 -1.90
CA PHE D 368 -22.98 19.90 -2.59
C PHE D 368 -23.83 20.01 -3.84
N LEU D 369 -23.18 19.95 -5.01
CA LEU D 369 -23.87 20.13 -6.28
C LEU D 369 -23.63 18.94 -7.19
N GLU D 370 -24.72 18.41 -7.76
CA GLU D 370 -24.68 17.32 -8.73
C GLU D 370 -25.06 17.91 -10.09
N ARG D 371 -24.10 17.95 -11.00
CA ARG D 371 -24.27 18.56 -12.32
C ARG D 371 -24.40 17.46 -13.36
N LYS D 372 -25.52 17.46 -14.08
CA LYS D 372 -25.73 16.54 -15.17
C LYS D 372 -25.35 17.21 -16.49
N VAL D 373 -24.35 16.67 -17.16
CA VAL D 373 -23.85 17.20 -18.43
C VAL D 373 -24.22 16.30 -19.59
N LEU D 374 -24.13 14.98 -19.39
CA LEU D 374 -24.45 14.01 -20.42
C LEU D 374 -25.62 13.14 -19.97
N PRO D 375 -26.34 12.51 -20.90
CA PRO D 375 -27.43 11.61 -20.48
C PRO D 375 -26.97 10.43 -19.64
N THR D 376 -25.70 10.04 -19.74
CA THR D 376 -25.14 8.97 -18.93
C THR D 376 -24.23 9.49 -17.83
N LEU D 377 -23.40 10.48 -18.13
CA LEU D 377 -22.46 11.04 -17.17
C LEU D 377 -23.14 12.07 -16.28
N SER D 378 -22.84 12.01 -14.98
CA SER D 378 -23.24 13.05 -14.04
C SER D 378 -22.12 13.26 -13.05
N VAL D 379 -21.62 14.48 -12.97
CA VAL D 379 -20.52 14.80 -12.07
C VAL D 379 -21.09 15.39 -10.79
N LEU D 380 -20.27 15.45 -9.74
CA LEU D 380 -20.69 16.02 -8.48
C LEU D 380 -19.49 16.61 -7.77
N PHE D 381 -19.74 17.67 -7.00
CA PHE D 381 -18.70 18.36 -6.26
C PHE D 381 -19.26 18.76 -4.90
N CYS D 382 -18.36 18.91 -3.93
CA CYS D 382 -18.76 19.28 -2.59
C CYS D 382 -17.63 20.01 -1.90
N GLY D 383 -18.00 20.94 -1.02
CA GLY D 383 -17.02 21.72 -0.30
C GLY D 383 -17.56 22.33 0.98
N GLU D 384 -16.84 22.16 2.08
CA GLU D 384 -17.26 22.68 3.38
C GLU D 384 -16.12 23.50 3.96
N ILE D 385 -16.44 24.71 4.42
CA ILE D 385 -15.45 25.59 5.04
C ILE D 385 -15.97 26.09 6.37
N ASP D 386 -15.03 26.47 7.23
CA ASP D 386 -15.35 27.00 8.56
C ASP D 386 -14.31 28.06 8.88
N HIS D 387 -14.70 29.33 8.72
CA HIS D 387 -13.77 30.43 8.95
C HIS D 387 -13.36 30.54 10.41
N PHE D 388 -14.28 30.23 11.34
CA PHE D 388 -13.97 30.37 12.76
C PHE D 388 -13.08 29.23 13.27
N LYS D 389 -13.13 28.07 12.63
CA LYS D 389 -12.35 26.91 13.07
C LYS D 389 -11.22 26.56 12.12
N ASN D 390 -11.13 27.21 10.96
CA ASN D 390 -10.10 26.94 9.96
C ASN D 390 -10.09 25.46 9.58
N ASP D 391 -11.23 25.00 9.06
CA ASP D 391 -11.42 23.62 8.64
C ASP D 391 -12.05 23.62 7.25
N THR D 392 -11.29 23.19 6.25
CA THR D 392 -11.74 23.23 4.86
C THR D 392 -11.58 21.85 4.24
N LYS D 393 -12.67 21.35 3.64
CA LYS D 393 -12.67 20.08 2.94
C LYS D 393 -13.28 20.26 1.56
N ILE D 394 -12.67 19.61 0.57
CA ILE D 394 -13.15 19.66 -0.80
C ILE D 394 -13.27 18.24 -1.33
N GLY D 395 -14.14 18.03 -2.32
CA GLY D 395 -14.31 16.74 -2.93
C GLY D 395 -14.92 16.82 -4.31
N CYS D 396 -14.42 16.00 -5.24
CA CYS D 396 -14.91 15.96 -6.60
C CYS D 396 -15.20 14.52 -6.97
N GLY D 397 -16.08 14.34 -7.95
CA GLY D 397 -16.36 12.99 -8.40
C GLY D 397 -17.24 12.97 -9.62
N LEU D 398 -17.40 11.78 -10.19
CA LEU D 398 -18.20 11.58 -11.38
C LEU D 398 -18.90 10.23 -11.27
N GLN D 399 -19.95 10.06 -12.07
CA GLN D 399 -20.73 8.83 -12.07
C GLN D 399 -21.19 8.54 -13.49
N PHE D 400 -20.93 7.33 -13.95
CA PHE D 400 -21.39 6.85 -15.24
C PHE D 400 -22.39 5.71 -15.05
N GLU D 401 -23.50 5.80 -15.76
CA GLU D 401 -24.51 4.74 -15.76
C GLU D 401 -24.56 4.12 -17.15
N THR D 402 -24.41 2.79 -17.20
CA THR D 402 -24.37 2.05 -18.46
C THR D 402 -25.22 0.80 -18.33
N ALA D 403 -26.09 0.58 -19.31
CA ALA D 403 -26.97 -0.58 -19.29
C ALA D 403 -26.19 -1.86 -19.57
N GLY D 404 -26.63 -2.95 -18.95
CA GLY D 404 -25.95 -4.23 -19.11
C GLY D 404 -26.55 -5.10 -20.22
N ASN D 405 -27.87 -5.24 -20.22
CA ASN D 405 -28.55 -6.07 -21.21
C ASN D 405 -28.82 -5.25 -22.47
N GLN D 406 -29.00 -5.97 -23.58
CA GLN D 406 -29.23 -5.31 -24.87
C GLN D 406 -30.54 -4.53 -24.87
N GLU D 407 -31.59 -5.08 -24.25
CA GLU D 407 -32.86 -4.38 -24.18
C GLU D 407 -32.72 -3.09 -23.38
N LEU D 408 -32.02 -3.14 -22.26
CA LEU D 408 -31.79 -1.92 -21.48
C LEU D 408 -30.93 -0.94 -22.24
N LEU D 409 -29.95 -1.42 -23.00
CA LEU D 409 -29.10 -0.53 -23.80
C LEU D 409 -29.91 0.18 -24.87
N MET D 410 -30.79 -0.54 -25.56
CA MET D 410 -31.60 0.10 -26.60
C MET D 410 -32.63 1.05 -25.99
N LEU D 411 -33.15 0.71 -24.80
CA LEU D 411 -34.02 1.65 -24.10
C LEU D 411 -33.27 2.92 -23.72
N GLN D 412 -32.03 2.79 -23.26
CA GLN D 412 -31.20 3.95 -22.93
C GLN D 412 -30.94 4.80 -24.17
N GLN D 413 -30.61 4.16 -25.29
CA GLN D 413 -30.34 4.89 -26.52
C GLN D 413 -31.58 5.60 -27.03
N GLY D 414 -32.74 4.95 -26.96
CA GLY D 414 -33.98 5.54 -27.41
C GLY D 414 -35.19 5.08 -26.61
#